data_2WR3
#
_entry.id   2WR3
#
_cell.length_a   86.687
_cell.length_b   148.826
_cell.length_c   195.974
_cell.angle_alpha   90.00
_cell.angle_beta   90.00
_cell.angle_gamma   90.00
#
_symmetry.space_group_name_H-M   'P 21 21 21'
#
loop_
_entity.id
_entity.type
_entity.pdbx_description
1 polymer HEMAGGLUTININ
2 branched 'N-acetyl-alpha-neuraminic acid-(2-3)-beta-D-galactopyranose-(1-4)-2-acetamido-2-deoxy-beta-D-glucopyranose'
3 water water
#
_entity_poly.entity_id   1
_entity_poly.type   'polypeptide(L)'
_entity_poly.pdbx_seq_one_letter_code
;MAIIYLILLFTVVKGDQICIGYHANNSTEKVDTILERNVTVTHAKDILEKTHNGKLCRLSGIPPLELGDCSIAGWLLGNP
ECDRLLSVPEWSYIVEKENPTNGLCYPGSFNDYEELKHLLTSVTHFEKIKILPRDQWTQHTTTGGSRACAVSGNPSFFRN
MVWLTKKGSNYPVAKRSYNNTSGEQMLIIWGIHYPNDDTEQRTLYQNVGTYVSVGTSTLNKRSIPEIATRPKVNGQGGRM
EFSWTLLETWDVINFESTGNLIAPEYGFKISKRGSSGIMKTEKTLENCETKCQTPLGAINTTLPFHNIHPLTIGECPKYV
KSDRLVLATGLRNVPQIESRGLFGAIAGFIEGGWQGMVDGWYGYHHSNDQGSGYAADKESTQKAFDGITNKVNSVIAKMN
TQFEAVGKEFSNLERRLENLNKKMEDGFLDVWTYNAELLVLMENERTLDFHDSNVKNLYDKVRMQLRDNVKELGNGCFEF
YHKCDDECMNSVKNGTYDYPKYEEESK
;
_entity_poly.pdbx_strand_id   A,B,C
#
# COMPACT_ATOMS: atom_id res chain seq x y z
N GLN A 17 -21.09 -34.35 48.05
CA GLN A 17 -21.40 -33.48 46.92
C GLN A 17 -20.25 -32.53 46.57
N ILE A 18 -19.89 -32.52 45.29
CA ILE A 18 -18.82 -31.65 44.78
C ILE A 18 -19.20 -31.11 43.40
N CYS A 19 -19.24 -29.79 43.28
CA CYS A 19 -19.60 -29.17 42.00
C CYS A 19 -18.45 -28.47 41.31
N ILE A 20 -18.56 -28.39 39.99
CA ILE A 20 -17.60 -27.64 39.19
C ILE A 20 -18.27 -26.38 38.73
N GLY A 21 -17.51 -25.30 38.68
CA GLY A 21 -18.04 -24.00 38.32
C GLY A 21 -16.95 -23.07 37.83
N TYR A 22 -17.37 -21.85 37.52
CA TYR A 22 -16.45 -20.86 36.96
C TYR A 22 -16.75 -19.49 37.51
N HIS A 23 -15.76 -18.61 37.37
CA HIS A 23 -15.75 -17.32 38.02
C HIS A 23 -16.76 -16.39 37.38
N ALA A 24 -17.47 -15.65 38.20
CA ALA A 24 -18.29 -14.57 37.69
C ALA A 24 -18.03 -13.37 38.57
N ASN A 25 -18.10 -12.17 38.03
CA ASN A 25 -17.97 -10.97 38.87
C ASN A 25 -19.00 -9.94 38.47
N ASN A 26 -18.84 -8.72 38.96
CA ASN A 26 -19.78 -7.66 38.66
C ASN A 26 -19.32 -6.77 37.50
N SER A 27 -18.41 -7.31 36.68
CA SER A 27 -17.89 -6.59 35.51
C SER A 27 -19.00 -6.31 34.50
N THR A 28 -18.83 -5.23 33.76
CA THR A 28 -19.76 -4.83 32.71
C THR A 28 -19.04 -4.63 31.40
N GLU A 29 -17.91 -5.30 31.24
CA GLU A 29 -17.17 -5.25 29.99
C GLU A 29 -17.95 -5.91 28.88
N LYS A 30 -18.06 -5.24 27.75
CA LYS A 30 -18.63 -5.87 26.56
C LYS A 30 -17.52 -6.05 25.53
N VAL A 31 -17.50 -7.22 24.89
CA VAL A 31 -16.61 -7.45 23.76
C VAL A 31 -17.49 -7.98 22.63
N ASP A 32 -16.95 -8.02 21.41
CA ASP A 32 -17.67 -8.64 20.30
C ASP A 32 -16.91 -9.83 19.75
N THR A 33 -17.65 -10.82 19.24
CA THR A 33 -17.05 -11.97 18.57
C THR A 33 -17.59 -12.04 17.15
N ILE A 34 -17.06 -12.94 16.33
CA ILE A 34 -17.59 -13.15 15.00
C ILE A 34 -19.05 -13.57 15.09
N LEU A 35 -19.36 -14.32 16.14
CA LEU A 35 -20.68 -14.93 16.37
C LEU A 35 -21.65 -14.11 17.23
N GLU A 36 -21.15 -13.32 18.16
CA GLU A 36 -22.03 -12.62 19.09
C GLU A 36 -21.69 -11.16 19.23
N ARG A 37 -22.70 -10.35 19.53
CA ARG A 37 -22.50 -8.95 19.85
C ARG A 37 -22.66 -8.67 21.34
N ASN A 38 -22.11 -7.55 21.78
CA ASN A 38 -22.25 -7.04 23.15
C ASN A 38 -22.27 -8.13 24.23
N VAL A 39 -21.19 -8.92 24.28
CA VAL A 39 -21.09 -10.01 25.22
C VAL A 39 -20.33 -9.62 26.48
N THR A 40 -21.01 -9.67 27.62
CA THR A 40 -20.38 -9.33 28.89
C THR A 40 -19.29 -10.33 29.24
N VAL A 41 -18.10 -9.81 29.46
CA VAL A 41 -16.96 -10.64 29.77
C VAL A 41 -16.46 -10.31 31.16
N THR A 42 -15.55 -11.13 31.66
CA THR A 42 -15.08 -11.04 33.04
C THR A 42 -13.88 -10.10 33.18
N HIS A 43 -13.07 -10.06 32.14
CA HIS A 43 -11.89 -9.21 32.09
C HIS A 43 -11.57 -8.95 30.62
N ALA A 44 -11.04 -7.76 30.34
CA ALA A 44 -10.77 -7.37 28.97
C ALA A 44 -9.57 -6.42 28.89
N LYS A 45 -8.89 -6.43 27.76
CA LYS A 45 -7.82 -5.50 27.53
C LYS A 45 -8.07 -4.79 26.20
N ASP A 46 -8.08 -3.47 26.24
CA ASP A 46 -8.20 -2.72 25.01
C ASP A 46 -6.81 -2.69 24.37
N ILE A 47 -6.73 -2.97 23.08
CA ILE A 47 -5.45 -2.91 22.42
C ILE A 47 -5.33 -1.74 21.42
N LEU A 48 -6.25 -0.79 21.55
CA LEU A 48 -6.21 0.44 20.76
C LEU A 48 -5.82 1.57 21.69
N GLU A 49 -4.66 2.16 21.45
CA GLU A 49 -4.20 3.32 22.20
C GLU A 49 -4.98 4.56 21.77
N LYS A 50 -5.70 5.18 22.70
CA LYS A 50 -6.35 6.46 22.38
C LYS A 50 -5.92 7.67 23.21
N THR A 51 -4.84 7.55 23.98
CA THR A 51 -4.41 8.69 24.79
C THR A 51 -3.05 9.27 24.41
N HIS A 52 -3.00 10.60 24.42
CA HIS A 52 -1.76 11.33 24.20
C HIS A 52 -1.58 12.24 25.40
N ASN A 53 -0.39 12.82 25.53
CA ASN A 53 -0.07 13.58 26.70
C ASN A 53 -0.28 15.07 26.47
N GLY A 54 -0.79 15.41 25.30
CA GLY A 54 -1.13 16.79 24.97
C GLY A 54 0.06 17.73 24.85
N LYS A 55 1.26 17.16 24.92
CA LYS A 55 2.47 17.95 24.81
C LYS A 55 3.21 17.68 23.50
N LEU A 56 3.92 18.70 23.04
CA LEU A 56 4.90 18.58 21.98
C LEU A 56 6.24 18.26 22.62
N CYS A 57 6.86 17.18 22.19
CA CYS A 57 8.01 16.64 22.92
C CYS A 57 9.26 16.51 22.09
N ARG A 58 10.34 16.09 22.72
CA ARG A 58 11.58 15.85 22.01
C ARG A 58 11.55 14.43 21.51
N LEU A 59 12.11 14.22 20.33
CA LEU A 59 12.14 12.92 19.73
C LEU A 59 13.46 12.26 20.05
N SER A 60 13.44 11.31 20.99
CA SER A 60 14.64 10.57 21.37
C SER A 60 15.75 11.48 21.85
N GLY A 61 15.39 12.52 22.58
CA GLY A 61 16.39 13.35 23.20
C GLY A 61 16.71 14.62 22.42
N ILE A 62 16.28 14.65 21.16
CA ILE A 62 16.52 15.80 20.30
C ILE A 62 15.24 16.60 20.04
N PRO A 63 15.30 17.93 20.24
CA PRO A 63 14.11 18.79 20.07
C PRO A 63 13.72 18.99 18.61
N PRO A 64 12.49 19.44 18.36
CA PRO A 64 12.13 19.93 17.05
C PRO A 64 12.64 21.36 16.85
N LEU A 65 12.92 21.73 15.61
CA LEU A 65 13.15 23.14 15.26
C LEU A 65 11.79 23.87 15.21
N GLU A 66 11.57 24.83 16.10
CA GLU A 66 10.25 25.50 16.12
C GLU A 66 10.30 26.80 15.35
N LEU A 67 9.51 26.94 14.29
CA LEU A 67 9.58 28.13 13.45
C LEU A 67 8.57 29.21 13.83
N GLY A 68 7.99 29.10 15.01
CA GLY A 68 7.00 30.08 15.45
C GLY A 68 5.93 30.20 14.39
N ASP A 69 5.87 31.35 13.73
CA ASP A 69 5.11 31.46 12.48
C ASP A 69 5.92 32.12 11.35
N CYS A 70 7.12 31.61 11.17
CA CYS A 70 7.87 31.88 9.98
C CYS A 70 7.77 30.64 9.08
N SER A 71 7.99 30.82 7.79
CA SER A 71 8.13 29.68 6.90
C SER A 71 9.61 29.34 6.88
N ILE A 72 9.96 28.16 6.34
CA ILE A 72 11.38 27.82 6.20
C ILE A 72 12.09 28.85 5.32
N ALA A 73 11.43 29.27 4.25
CA ALA A 73 11.94 30.32 3.38
C ALA A 73 12.24 31.62 4.15
N GLY A 74 11.28 32.06 4.97
CA GLY A 74 11.45 33.27 5.75
C GLY A 74 12.65 33.18 6.66
N TRP A 75 12.85 32.02 7.26
CA TRP A 75 13.94 31.80 8.19
C TRP A 75 15.30 31.85 7.48
N LEU A 76 15.43 31.05 6.43
CA LEU A 76 16.69 30.91 5.68
C LEU A 76 17.12 32.19 4.96
N LEU A 77 16.17 32.96 4.48
CA LEU A 77 16.49 34.17 3.77
C LEU A 77 16.83 35.26 4.77
N GLY A 78 16.20 35.21 5.94
CA GLY A 78 16.38 36.23 6.94
C GLY A 78 15.31 37.31 6.89
N ASN A 79 14.06 36.92 6.66
CA ASN A 79 12.97 37.84 6.84
C ASN A 79 13.20 38.50 8.21
N PRO A 80 13.17 39.85 8.27
CA PRO A 80 13.30 40.63 9.51
C PRO A 80 12.35 40.20 10.64
N GLU A 81 11.18 39.65 10.32
CA GLU A 81 10.25 39.20 11.35
C GLU A 81 10.67 37.88 11.97
N CYS A 82 11.66 37.23 11.40
CA CYS A 82 12.11 35.95 11.92
C CYS A 82 13.37 36.13 12.74
N ASP A 83 13.64 37.37 13.12
CA ASP A 83 14.87 37.75 13.81
C ASP A 83 14.96 37.16 15.20
N ARG A 84 13.83 37.07 15.89
CA ARG A 84 13.83 36.58 17.27
C ARG A 84 13.69 35.06 17.32
N LEU A 85 14.38 34.36 16.42
CA LEU A 85 14.02 32.95 16.20
C LEU A 85 14.61 31.89 17.14
N LEU A 86 15.92 31.87 17.38
CA LEU A 86 16.51 30.79 18.19
C LEU A 86 16.73 29.51 17.39
N SER A 87 17.86 29.44 16.68
CA SER A 87 18.15 28.27 15.88
C SER A 87 18.93 27.26 16.70
N VAL A 88 18.28 26.15 17.06
CA VAL A 88 19.01 25.04 17.64
C VAL A 88 19.94 24.45 16.58
N PRO A 89 21.02 23.77 17.01
CA PRO A 89 21.89 23.19 15.98
C PRO A 89 21.52 21.79 15.56
N GLU A 90 20.45 21.17 16.08
CA GLU A 90 20.26 19.75 15.77
C GLU A 90 18.88 19.33 15.26
N TRP A 91 17.86 19.46 16.08
CA TRP A 91 16.50 19.12 15.64
C TRP A 91 16.19 17.76 14.93
N SER A 92 15.08 17.16 15.32
CA SER A 92 14.74 15.84 14.88
C SER A 92 13.50 15.90 13.99
N TYR A 93 12.81 17.03 14.02
CA TYR A 93 11.72 17.33 13.10
C TYR A 93 11.47 18.84 13.11
N ILE A 94 10.60 19.31 12.24
CA ILE A 94 10.31 20.72 12.19
C ILE A 94 8.85 20.98 12.55
N VAL A 95 8.62 22.01 13.36
CA VAL A 95 7.28 22.51 13.62
C VAL A 95 7.02 23.81 12.86
N GLU A 96 6.01 23.80 11.98
CA GLU A 96 5.67 24.94 11.16
C GLU A 96 4.16 25.03 11.33
N LYS A 97 3.60 26.24 11.33
CA LYS A 97 2.15 26.38 11.30
C LYS A 97 1.60 26.00 9.91
N GLU A 98 0.33 25.60 9.85
CA GLU A 98 -0.28 25.27 8.56
C GLU A 98 0.04 26.36 7.54
N ASN A 99 -0.42 27.58 7.79
CA ASN A 99 -0.09 28.73 6.95
C ASN A 99 0.72 29.85 7.66
N PRO A 100 2.06 29.83 7.52
CA PRO A 100 2.90 30.74 8.30
C PRO A 100 2.72 32.20 7.87
N THR A 101 2.90 33.15 8.76
CA THR A 101 2.65 34.54 8.38
C THR A 101 3.88 35.32 7.85
N ASN A 102 5.08 34.81 8.07
CA ASN A 102 6.30 35.46 7.57
C ASN A 102 7.18 34.58 6.71
N GLY A 103 6.92 34.61 5.41
CA GLY A 103 7.73 33.89 4.45
C GLY A 103 8.49 34.88 3.60
N LEU A 104 8.28 34.81 2.29
CA LEU A 104 8.84 35.80 1.37
C LEU A 104 8.14 37.15 1.58
N CYS A 105 8.74 38.00 2.40
CA CYS A 105 8.19 39.34 2.62
C CYS A 105 8.24 40.14 1.32
N TYR A 106 9.33 40.04 0.56
CA TYR A 106 9.31 40.50 -0.83
C TYR A 106 8.74 39.37 -1.69
N PRO A 107 7.72 39.68 -2.50
CA PRO A 107 6.94 38.67 -3.26
C PRO A 107 7.82 37.90 -4.25
N GLY A 108 7.61 36.59 -4.33
CA GLY A 108 8.37 35.74 -5.24
C GLY A 108 8.09 34.25 -5.04
N SER A 109 8.99 33.41 -5.54
CA SER A 109 8.81 31.97 -5.41
C SER A 109 10.14 31.40 -5.01
N PHE A 110 10.18 30.10 -4.73
CA PHE A 110 11.41 29.46 -4.28
C PHE A 110 11.51 28.13 -5.03
N ASN A 111 12.41 28.04 -6.01
CA ASN A 111 12.62 26.80 -6.78
C ASN A 111 12.88 25.55 -5.95
N ASP A 112 12.13 24.49 -6.25
CA ASP A 112 12.24 23.23 -5.53
C ASP A 112 12.15 23.46 -4.02
N TYR A 113 11.17 24.26 -3.60
CA TYR A 113 10.96 24.56 -2.20
C TYR A 113 10.65 23.30 -1.38
N GLU A 114 9.74 22.47 -1.88
CA GLU A 114 9.30 21.29 -1.14
C GLU A 114 10.49 20.35 -0.93
N GLU A 115 11.36 20.24 -1.94
CA GLU A 115 12.56 19.44 -1.82
C GLU A 115 13.55 19.99 -0.81
N LEU A 116 13.69 21.30 -0.75
CA LEU A 116 14.57 21.92 0.23
C LEU A 116 14.04 21.67 1.64
N LYS A 117 12.74 21.84 1.83
CA LYS A 117 12.11 21.56 3.11
C LYS A 117 12.26 20.09 3.50
N HIS A 118 12.09 19.19 2.57
CA HIS A 118 12.26 17.79 2.92
C HIS A 118 13.68 17.49 3.42
N LEU A 119 14.65 18.18 2.84
CA LEU A 119 16.07 17.98 3.18
C LEU A 119 16.39 18.42 4.64
N LEU A 120 15.99 19.65 4.97
CA LEU A 120 16.13 20.26 6.29
C LEU A 120 15.16 19.68 7.32
N THR A 121 14.50 18.60 6.96
CA THR A 121 13.55 18.01 7.86
C THR A 121 14.18 17.53 9.19
N SER A 122 15.39 17.00 9.09
CA SER A 122 16.11 16.45 10.22
C SER A 122 17.58 16.67 9.92
N VAL A 123 18.36 16.97 10.95
CA VAL A 123 19.72 17.49 10.78
C VAL A 123 20.55 17.07 12.00
N THR A 124 21.80 16.69 11.78
CA THR A 124 22.70 16.33 12.85
C THR A 124 23.38 17.58 13.36
N HIS A 125 23.52 18.54 12.48
CA HIS A 125 24.19 19.78 12.86
C HIS A 125 23.95 20.80 11.77
N PHE A 126 23.65 22.04 12.15
CA PHE A 126 23.29 23.04 11.17
C PHE A 126 23.75 24.39 11.66
N GLU A 127 24.72 24.96 10.96
CA GLU A 127 25.39 26.16 11.43
C GLU A 127 25.48 27.24 10.34
N LYS A 128 24.89 28.41 10.60
CA LYS A 128 25.01 29.51 9.65
C LYS A 128 26.41 30.09 9.65
N ILE A 129 26.79 30.71 8.55
CA ILE A 129 28.19 31.02 8.36
C ILE A 129 28.36 32.08 7.32
N LYS A 130 29.29 33.01 7.54
CA LYS A 130 29.48 34.09 6.59
C LYS A 130 30.45 33.65 5.52
N ILE A 131 30.10 33.87 4.26
CA ILE A 131 30.88 33.34 3.15
C ILE A 131 31.13 34.35 2.05
N LEU A 132 30.30 35.39 1.99
CA LEU A 132 30.53 36.46 1.03
C LEU A 132 30.14 37.79 1.67
N PRO A 133 31.00 38.33 2.54
CA PRO A 133 30.78 39.58 3.27
C PRO A 133 30.24 40.67 2.34
N ARG A 134 29.17 41.36 2.71
CA ARG A 134 28.58 42.33 1.80
C ARG A 134 29.53 43.45 1.41
N ASP A 135 30.39 43.88 2.33
CA ASP A 135 31.23 45.05 2.05
C ASP A 135 32.18 44.89 0.84
N GLN A 136 32.42 43.67 0.38
CA GLN A 136 33.32 43.45 -0.74
C GLN A 136 32.65 43.45 -2.12
N TRP A 137 31.40 43.90 -2.19
CA TRP A 137 30.86 44.26 -3.49
C TRP A 137 31.24 45.71 -3.73
N THR A 138 32.55 45.94 -3.74
CA THR A 138 33.13 47.26 -3.88
C THR A 138 32.51 48.07 -5.03
N GLN A 139 32.26 47.39 -6.14
CA GLN A 139 31.78 48.03 -7.36
C GLN A 139 30.26 48.16 -7.55
N HIS A 140 29.48 47.69 -6.57
CA HIS A 140 28.02 47.85 -6.64
C HIS A 140 27.42 48.44 -5.37
N THR A 141 26.14 48.79 -5.45
CA THR A 141 25.44 49.26 -4.27
C THR A 141 24.77 48.07 -3.58
N THR A 142 24.67 48.15 -2.26
CA THR A 142 24.51 46.97 -1.45
C THR A 142 23.38 47.19 -0.44
N THR A 143 22.74 48.34 -0.58
CA THR A 143 21.91 48.88 0.47
C THR A 143 20.48 48.98 -0.01
N GLY A 144 20.23 48.47 -1.22
CA GLY A 144 18.89 48.44 -1.75
C GLY A 144 18.01 47.70 -0.77
N GLY A 145 16.78 48.16 -0.61
CA GLY A 145 15.80 47.51 0.25
C GLY A 145 14.41 47.75 -0.30
N SER A 146 13.40 47.42 0.48
CA SER A 146 12.02 47.61 0.03
C SER A 146 11.12 47.82 1.21
N ARG A 147 10.00 48.50 0.99
CA ARG A 147 9.04 48.71 2.05
C ARG A 147 8.30 47.41 2.34
N ALA A 148 8.44 46.44 1.44
CA ALA A 148 7.82 45.14 1.64
C ALA A 148 8.50 44.36 2.77
N CYS A 149 9.78 44.65 3.00
CA CYS A 149 10.53 44.03 4.08
C CYS A 149 10.81 45.06 5.15
N ALA A 150 9.83 45.92 5.39
CA ALA A 150 9.98 47.09 6.25
C ALA A 150 10.12 46.81 7.76
N VAL A 151 10.96 47.61 8.41
CA VAL A 151 11.16 47.56 9.86
C VAL A 151 10.76 48.88 10.53
N SER A 152 9.45 49.07 10.71
CA SER A 152 8.88 50.31 11.24
C SER A 152 9.85 51.49 11.17
N GLY A 153 9.87 52.19 10.04
CA GLY A 153 9.09 51.83 8.88
C GLY A 153 9.92 52.16 7.65
N ASN A 154 11.20 51.79 7.71
CA ASN A 154 12.15 52.04 6.63
C ASN A 154 12.31 50.83 5.71
N PRO A 155 12.66 51.06 4.44
CA PRO A 155 12.94 49.90 3.59
C PRO A 155 13.99 49.05 4.28
N SER A 156 13.81 47.74 4.26
CA SER A 156 14.85 46.84 4.73
C SER A 156 14.88 45.66 3.79
N PHE A 157 15.35 44.51 4.26
CA PHE A 157 15.57 43.38 3.38
C PHE A 157 15.93 42.10 4.10
N PHE A 158 15.75 40.97 3.41
CA PHE A 158 16.23 39.70 3.91
C PHE A 158 17.64 39.89 4.44
N ARG A 159 17.83 39.58 5.70
CA ARG A 159 19.08 39.93 6.38
C ARG A 159 20.21 39.03 5.92
N ASN A 160 19.88 37.90 5.32
CA ASN A 160 20.92 37.00 4.86
C ASN A 160 21.33 37.24 3.41
N MET A 161 20.66 38.15 2.73
CA MET A 161 20.93 38.38 1.30
C MET A 161 21.37 39.80 0.99
N VAL A 162 21.96 40.00 -0.18
CA VAL A 162 22.39 41.32 -0.62
C VAL A 162 21.81 41.68 -1.98
N LEU A 164 22.25 43.61 -4.92
CA LEU A 164 23.21 44.35 -5.74
C LEU A 164 22.48 45.25 -6.72
N THR A 165 22.84 46.54 -6.73
CA THR A 165 22.30 47.50 -7.70
C THR A 165 23.38 48.46 -8.23
N LYS A 166 23.03 49.20 -9.28
CA LYS A 166 24.00 50.04 -10.02
C LYS A 166 24.64 51.13 -9.16
N LYS A 167 25.95 51.31 -9.34
CA LYS A 167 26.72 52.29 -8.57
C LYS A 167 26.99 53.51 -9.44
N GLY A 168 26.23 54.58 -9.21
CA GLY A 168 26.31 55.77 -10.02
C GLY A 168 25.38 55.67 -11.22
N SER A 169 25.87 55.04 -12.28
CA SER A 169 25.05 54.73 -13.44
C SER A 169 25.68 53.53 -14.14
N ASN A 170 26.54 52.83 -13.42
CA ASN A 170 27.19 51.64 -13.95
C ASN A 170 26.97 50.39 -13.10
N TYR A 171 26.62 49.30 -13.77
CA TYR A 171 26.58 48.00 -13.14
C TYR A 171 27.55 47.13 -13.93
N PRO A 172 28.78 46.99 -13.42
CA PRO A 172 29.85 46.19 -14.02
C PRO A 172 29.51 44.73 -13.83
N VAL A 173 30.26 43.82 -14.43
CA VAL A 173 29.98 42.43 -14.14
C VAL A 173 30.35 42.20 -12.69
N ALA A 174 29.40 41.71 -11.90
CA ALA A 174 29.65 41.28 -10.53
C ALA A 174 30.09 39.83 -10.55
N LYS A 175 31.26 39.54 -9.98
CA LYS A 175 31.80 38.19 -10.04
C LYS A 175 32.59 37.83 -8.79
N ARG A 176 31.93 37.19 -7.84
CA ARG A 176 32.59 36.65 -6.65
C ARG A 176 32.42 35.12 -6.60
N SER A 177 33.33 34.46 -5.89
CA SER A 177 33.24 33.01 -5.69
C SER A 177 33.67 32.62 -4.27
N TYR A 178 33.36 31.38 -3.87
CA TYR A 178 33.65 30.89 -2.52
C TYR A 178 34.03 29.42 -2.54
N ASN A 179 35.11 29.06 -1.83
CA ASN A 179 35.56 27.68 -1.73
C ASN A 179 35.08 27.14 -0.37
N ASN A 180 34.31 26.05 -0.41
CA ASN A 180 33.82 25.50 0.84
C ASN A 180 34.88 24.76 1.65
N THR A 181 35.46 25.48 2.59
CA THR A 181 36.53 24.96 3.41
C THR A 181 36.00 24.66 4.82
N SER A 182 34.71 24.82 4.99
CA SER A 182 34.08 24.61 6.30
C SER A 182 34.12 23.15 6.73
N GLY A 183 34.48 22.27 5.81
CA GLY A 183 34.56 20.86 6.14
C GLY A 183 33.20 20.21 6.27
N GLU A 184 32.16 20.95 5.95
CA GLU A 184 30.85 20.34 5.83
C GLU A 184 30.11 20.77 4.56
N GLN A 185 29.28 19.86 4.07
CA GLN A 185 28.36 20.19 3.00
C GLN A 185 27.61 21.46 3.40
N MET A 186 27.46 22.37 2.46
CA MET A 186 26.87 23.68 2.74
C MET A 186 25.66 23.99 1.85
N LEU A 187 24.59 24.47 2.47
CA LEU A 187 23.45 24.96 1.73
C LEU A 187 23.71 26.40 1.36
N ILE A 188 23.35 26.79 0.14
CA ILE A 188 23.59 28.15 -0.32
C ILE A 188 22.44 28.61 -1.22
N ILE A 189 21.91 29.78 -0.94
CA ILE A 189 20.72 30.24 -1.63
C ILE A 189 21.04 31.56 -2.34
N TRP A 190 20.46 31.75 -3.51
CA TRP A 190 20.63 33.02 -4.21
C TRP A 190 19.33 33.38 -4.91
N GLY A 191 19.23 34.57 -5.44
CA GLY A 191 17.99 34.96 -6.05
C GLY A 191 18.21 35.81 -7.28
N ILE A 192 17.15 36.00 -8.04
CA ILE A 192 17.18 36.89 -9.18
C ILE A 192 15.91 37.74 -9.13
N HIS A 193 16.05 39.05 -9.39
CA HIS A 193 14.93 39.97 -9.24
C HIS A 193 14.29 40.21 -10.59
N TYR A 194 12.98 40.40 -10.59
CA TYR A 194 12.26 40.71 -11.80
C TYR A 194 11.47 42.00 -11.60
N PRO A 195 11.92 43.11 -12.21
CA PRO A 195 11.28 44.43 -12.07
C PRO A 195 9.96 44.51 -12.82
N ASN A 196 9.27 45.64 -12.71
CA ASN A 196 7.92 45.78 -13.28
C ASN A 196 7.82 45.95 -14.81
N ASP A 197 8.88 46.49 -15.40
CA ASP A 197 8.88 47.00 -16.77
C ASP A 197 10.30 47.39 -17.15
N ASP A 198 10.51 47.72 -18.42
CA ASP A 198 11.87 47.96 -18.90
C ASP A 198 12.62 49.15 -18.25
N THR A 199 11.91 50.18 -17.83
CA THR A 199 12.59 51.32 -17.20
C THR A 199 13.16 50.98 -15.84
N GLU A 200 12.29 50.51 -14.95
CA GLU A 200 12.70 50.09 -13.61
C GLU A 200 13.94 49.20 -13.69
N GLN A 201 14.00 48.39 -14.75
CA GLN A 201 15.12 47.50 -15.01
C GLN A 201 16.42 48.25 -15.28
N ARG A 202 16.34 49.34 -16.05
CA ARG A 202 17.51 50.21 -16.24
C ARG A 202 17.80 51.08 -15.03
N THR A 203 16.77 51.69 -14.46
CA THR A 203 17.00 52.55 -13.29
C THR A 203 17.65 51.78 -12.15
N LEU A 204 17.66 50.45 -12.26
CA LEU A 204 18.25 49.60 -11.24
C LEU A 204 19.54 48.91 -11.67
N TYR A 205 19.63 48.50 -12.93
CA TYR A 205 20.76 47.67 -13.38
C TYR A 205 21.49 48.18 -14.63
N GLN A 206 20.98 49.26 -15.21
CA GLN A 206 21.48 49.78 -16.49
C GLN A 206 21.15 48.88 -17.66
N ASN A 207 22.13 48.08 -18.05
CA ASN A 207 22.00 47.11 -19.12
C ASN A 207 20.64 46.44 -19.08
N VAL A 208 20.19 45.89 -20.20
CA VAL A 208 18.88 45.29 -20.23
C VAL A 208 18.90 43.81 -20.56
N GLY A 209 19.92 43.35 -21.27
CA GLY A 209 20.05 41.93 -21.57
C GLY A 209 20.87 41.21 -20.50
N THR A 210 20.44 41.35 -19.25
CA THR A 210 21.19 40.85 -18.10
C THR A 210 20.94 39.38 -17.79
N TYR A 211 21.89 38.76 -17.08
CA TYR A 211 21.77 37.37 -16.68
C TYR A 211 22.35 37.14 -15.28
N VAL A 212 22.09 35.96 -14.72
CA VAL A 212 22.68 35.57 -13.46
C VAL A 212 23.26 34.18 -13.66
N SER A 213 24.54 34.01 -13.39
CA SER A 213 25.19 32.71 -13.56
C SER A 213 25.71 32.15 -12.26
N VAL A 214 25.21 30.98 -11.88
CA VAL A 214 25.69 30.30 -10.70
C VAL A 214 26.16 28.93 -11.13
N GLY A 215 27.39 28.56 -10.79
CA GLY A 215 27.89 27.25 -11.18
C GLY A 215 28.80 26.62 -10.14
N THR A 216 28.67 25.31 -9.98
CA THR A 216 29.59 24.52 -9.15
C THR A 216 30.15 23.35 -9.96
N SER A 217 30.64 22.33 -9.25
CA SER A 217 31.13 21.15 -9.93
C SER A 217 30.00 20.43 -10.65
N THR A 218 28.79 20.53 -10.11
CA THR A 218 27.65 19.84 -10.69
C THR A 218 26.52 20.81 -11.01
N LEU A 219 26.36 21.83 -10.18
CA LEU A 219 25.42 22.89 -10.51
C LEU A 219 25.93 23.73 -11.69
N ASN A 220 24.99 24.25 -12.45
CA ASN A 220 25.34 24.99 -13.64
C ASN A 220 24.05 25.61 -14.18
N LYS A 221 23.86 26.90 -13.91
CA LYS A 221 22.56 27.50 -14.13
C LYS A 221 22.67 28.95 -14.54
N ARG A 222 21.76 29.38 -15.42
CA ARG A 222 21.75 30.74 -15.95
C ARG A 222 20.32 31.23 -16.00
N SER A 223 20.07 32.37 -15.39
CA SER A 223 18.73 32.90 -15.37
C SER A 223 18.71 34.28 -15.99
N ILE A 224 17.65 34.57 -16.74
CA ILE A 224 17.42 35.94 -17.19
C ILE A 224 16.08 36.46 -16.68
N PRO A 225 16.00 37.77 -16.43
CA PRO A 225 14.79 38.44 -15.93
C PRO A 225 13.52 38.19 -16.74
N GLU A 226 12.48 37.73 -16.06
CA GLU A 226 11.18 37.58 -16.71
C GLU A 226 10.26 38.68 -16.25
N ILE A 227 10.06 39.65 -17.13
CA ILE A 227 9.30 40.86 -16.84
C ILE A 227 7.85 40.78 -17.34
N ALA A 228 6.91 41.07 -16.47
CA ALA A 228 5.49 41.12 -16.83
C ALA A 228 4.82 42.19 -15.98
N THR A 229 3.66 42.66 -16.42
CA THR A 229 2.88 43.56 -15.59
C THR A 229 2.16 42.71 -14.54
N ARG A 230 2.33 43.08 -13.26
CA ARG A 230 1.74 42.30 -12.17
C ARG A 230 1.13 43.16 -11.06
N PRO A 231 0.03 42.66 -10.46
CA PRO A 231 -0.63 43.28 -9.32
C PRO A 231 0.38 43.41 -8.20
N LYS A 232 0.16 44.38 -7.32
CA LYS A 232 1.06 44.53 -6.21
C LYS A 232 0.77 43.49 -5.13
N VAL A 233 1.82 42.89 -4.60
CA VAL A 233 1.75 42.05 -3.41
C VAL A 233 2.67 42.70 -2.37
N ASN A 234 2.15 42.99 -1.19
CA ASN A 234 2.91 43.77 -0.22
C ASN A 234 3.41 45.07 -0.85
N GLY A 235 2.58 45.66 -1.72
CA GLY A 235 2.89 46.94 -2.32
C GLY A 235 3.90 46.89 -3.45
N GLN A 236 4.37 45.68 -3.78
CA GLN A 236 5.39 45.53 -4.81
C GLN A 236 4.91 44.81 -6.07
N GLY A 237 5.32 45.30 -7.22
CA GLY A 237 5.02 44.62 -8.46
C GLY A 237 6.15 43.69 -8.84
N GLY A 238 7.35 44.00 -8.35
CA GLY A 238 8.52 43.19 -8.62
C GLY A 238 8.37 41.83 -7.98
N ARG A 239 9.20 40.88 -8.39
CA ARG A 239 9.19 39.55 -7.82
C ARG A 239 10.62 39.15 -7.65
N MET A 240 10.87 38.17 -6.79
CA MET A 240 12.21 37.64 -6.66
C MET A 240 12.12 36.13 -6.65
N GLU A 241 12.93 35.48 -7.47
CA GLU A 241 12.88 34.04 -7.48
C GLU A 241 14.18 33.46 -6.93
N PHE A 242 14.05 32.57 -5.93
CA PHE A 242 15.18 32.04 -5.19
C PHE A 242 15.47 30.61 -5.57
N SER A 243 16.76 30.28 -5.63
CA SER A 243 17.18 28.90 -5.88
C SER A 243 18.24 28.54 -4.85
N TRP A 244 18.52 27.24 -4.74
CA TRP A 244 19.47 26.76 -3.75
C TRP A 244 20.25 25.57 -4.26
N THR A 245 21.46 25.39 -3.73
CA THR A 245 22.22 24.20 -4.06
C THR A 245 22.96 23.67 -2.84
N LEU A 246 23.45 22.44 -2.93
CA LEU A 246 24.33 21.92 -1.91
C LEU A 246 25.71 21.90 -2.49
N LEU A 247 26.60 22.69 -1.89
CA LEU A 247 28.01 22.78 -2.28
C LEU A 247 28.87 21.78 -1.48
N GLU A 248 29.48 20.82 -2.16
CA GLU A 248 30.22 19.76 -1.49
C GLU A 248 31.50 20.35 -0.92
N THR A 249 32.13 19.64 0.01
CA THR A 249 33.34 20.15 0.65
C THR A 249 34.51 20.21 -0.30
N TRP A 250 35.19 21.35 -0.29
CA TRP A 250 36.37 21.61 -1.12
C TRP A 250 36.00 21.99 -2.54
N ASP A 251 34.70 22.16 -2.78
CA ASP A 251 34.23 22.61 -4.08
C ASP A 251 34.04 24.10 -3.97
N VAL A 252 34.03 24.78 -5.11
CA VAL A 252 33.76 26.20 -5.14
C VAL A 252 32.50 26.53 -5.95
N ILE A 253 31.83 27.60 -5.54
CA ILE A 253 30.68 28.12 -6.26
C ILE A 253 31.05 29.49 -6.83
N ASN A 254 30.77 29.68 -8.12
CA ASN A 254 31.07 30.92 -8.82
C ASN A 254 29.79 31.68 -9.15
N PHE A 255 29.72 32.92 -8.68
CA PHE A 255 28.65 33.82 -9.07
C PHE A 255 29.12 34.78 -10.16
N GLU A 256 28.24 35.06 -11.11
CA GLU A 256 28.53 36.03 -12.15
C GLU A 256 27.23 36.65 -12.62
N SER A 257 27.20 37.97 -12.73
CA SER A 257 25.94 38.63 -13.01
C SER A 257 26.13 40.01 -13.66
N THR A 258 25.38 40.27 -14.72
CA THR A 258 25.39 41.60 -15.31
C THR A 258 24.17 42.37 -14.79
N GLY A 259 23.54 41.83 -13.76
CA GLY A 259 22.38 42.47 -13.13
C GLY A 259 21.29 41.54 -12.61
N ASN A 260 20.48 42.07 -11.69
CA ASN A 260 19.35 41.35 -11.12
C ASN A 260 19.68 40.29 -10.07
N LEU A 261 20.96 40.16 -9.72
CA LEU A 261 21.38 39.15 -8.75
C LEU A 261 21.11 39.57 -7.30
N ILE A 262 20.44 38.70 -6.56
CA ILE A 262 20.30 38.81 -5.10
C ILE A 262 21.29 37.80 -4.54
N ALA A 263 22.37 38.27 -3.96
CA ALA A 263 23.45 37.36 -3.56
C ALA A 263 23.33 36.91 -2.13
N PRO A 264 23.85 35.72 -1.80
CA PRO A 264 23.91 35.38 -0.38
C PRO A 264 25.05 36.12 0.32
N GLU A 265 24.91 36.37 1.61
CA GLU A 265 26.03 36.77 2.43
C GLU A 265 26.46 35.55 3.23
N TYR A 266 25.49 34.67 3.47
CA TYR A 266 25.70 33.53 4.33
C TYR A 266 25.41 32.22 3.64
N GLY A 267 26.04 31.15 4.11
CA GLY A 267 25.71 29.81 3.68
C GLY A 267 25.32 29.05 4.94
N PHE A 268 24.88 27.81 4.82
CA PHE A 268 24.60 27.03 6.02
C PHE A 268 25.31 25.70 6.00
N LYS A 269 26.14 25.43 7.01
CA LYS A 269 26.72 24.10 7.15
C LYS A 269 25.62 23.12 7.56
N ILE A 270 25.68 21.91 7.05
CA ILE A 270 24.62 20.97 7.30
C ILE A 270 25.15 19.54 7.22
N SER A 271 24.81 18.72 8.21
CA SER A 271 25.01 17.27 8.11
C SER A 271 23.71 16.53 8.39
N LYS A 272 23.48 15.41 7.72
CA LYS A 272 22.24 14.69 7.92
C LYS A 272 22.49 13.23 8.20
N ARG A 273 21.68 12.63 9.07
CA ARG A 273 21.69 11.19 9.24
C ARG A 273 20.58 10.61 8.37
N GLY A 274 19.34 10.88 8.74
CA GLY A 274 18.24 10.43 7.92
C GLY A 274 17.29 11.55 7.60
N SER A 275 16.04 11.18 7.39
CA SER A 275 15.02 12.17 7.16
C SER A 275 13.91 12.07 8.17
N SER A 276 12.96 12.99 8.06
CA SER A 276 11.96 13.15 9.08
C SER A 276 10.78 13.88 8.44
N GLY A 277 10.10 14.75 9.16
CA GLY A 277 8.98 15.47 8.57
C GLY A 277 8.66 16.79 9.22
N ILE A 278 7.88 17.61 8.54
CA ILE A 278 7.35 18.85 9.06
C ILE A 278 6.01 18.57 9.71
N MET A 279 5.85 18.99 10.96
CA MET A 279 4.60 18.83 11.66
C MET A 279 3.85 20.16 11.79
N LYS A 280 2.68 20.24 11.17
CA LYS A 280 1.84 21.42 11.25
C LYS A 280 1.12 21.49 12.60
N THR A 281 1.29 22.59 13.32
CA THR A 281 0.69 22.74 14.65
C THR A 281 1.05 24.08 15.25
N GLU A 282 0.23 24.54 16.20
CA GLU A 282 0.49 25.77 16.92
C GLU A 282 1.18 25.48 18.25
N LYS A 283 1.08 24.22 18.70
CA LYS A 283 1.68 23.82 19.96
C LYS A 283 3.16 24.17 20.04
N THR A 284 3.67 24.26 21.27
CA THR A 284 5.06 24.59 21.52
C THR A 284 5.81 23.50 22.30
N LEU A 285 7.11 23.41 22.04
CA LEU A 285 7.98 22.44 22.69
C LEU A 285 7.77 22.57 24.19
N GLU A 286 7.72 21.44 24.91
CA GLU A 286 7.35 21.51 26.31
C GLU A 286 8.37 20.86 27.22
N ASN A 287 9.23 20.02 26.64
CA ASN A 287 10.28 19.38 27.43
C ASN A 287 9.81 18.10 28.14
N CYS A 288 9.43 17.13 27.33
CA CYS A 288 9.25 15.77 27.79
C CYS A 288 10.02 14.90 26.81
N GLU A 289 9.57 13.68 26.61
CA GLU A 289 10.28 12.76 25.75
C GLU A 289 9.27 11.83 25.08
N THR A 290 9.46 11.54 23.80
CA THR A 290 8.67 10.51 23.16
C THR A 290 9.44 9.74 22.13
N LYS A 291 8.95 8.53 21.87
CA LYS A 291 9.40 7.79 20.72
C LYS A 291 8.43 8.09 19.58
N CYS A 292 7.35 8.80 19.89
CA CYS A 292 6.28 9.01 18.89
C CYS A 292 5.41 10.24 19.11
N GLN A 293 5.45 11.15 18.15
CA GLN A 293 4.79 12.46 18.25
C GLN A 293 3.58 12.56 17.31
N THR A 294 2.57 13.33 17.72
CA THR A 294 1.44 13.62 16.84
C THR A 294 1.09 15.08 17.07
N PRO A 295 0.33 15.69 16.15
CA PRO A 295 0.11 17.12 16.37
C PRO A 295 -0.81 17.39 17.56
N LEU A 296 -1.35 16.33 18.16
CA LEU A 296 -2.17 16.45 19.36
C LEU A 296 -1.33 16.37 20.64
N GLY A 297 -0.31 15.51 20.64
CA GLY A 297 0.49 15.21 21.81
C GLY A 297 1.32 13.94 21.59
N ALA A 298 2.19 13.62 22.54
CA ALA A 298 3.06 12.47 22.38
C ALA A 298 2.25 11.25 22.73
N ILE A 299 2.65 10.10 22.20
CA ILE A 299 1.99 8.83 22.51
C ILE A 299 3.02 7.92 23.13
N ASN A 300 2.69 7.32 24.26
CA ASN A 300 3.59 6.38 24.91
C ASN A 300 2.84 5.08 25.16
N THR A 301 3.15 4.06 24.37
CA THR A 301 2.32 2.87 24.37
C THR A 301 3.06 1.62 23.91
N THR A 302 2.59 0.46 24.35
CA THR A 302 3.08 -0.80 23.82
C THR A 302 2.13 -1.32 22.73
N LEU A 303 0.90 -0.83 22.73
CA LEU A 303 -0.15 -1.29 21.84
C LEU A 303 0.19 -1.15 20.35
N PRO A 304 -0.35 -2.05 19.51
CA PRO A 304 -0.05 -2.12 18.08
C PRO A 304 -0.87 -1.16 17.25
N PHE A 305 -1.90 -0.57 17.84
CA PHE A 305 -2.80 0.31 17.09
C PHE A 305 -3.13 1.58 17.89
N HIS A 306 -3.41 2.66 17.19
CA HIS A 306 -3.92 3.87 17.81
C HIS A 306 -4.91 4.58 16.90
N ASN A 307 -5.73 5.45 17.47
CA ASN A 307 -6.61 6.27 16.65
C ASN A 307 -6.50 7.76 16.93
N ILE A 308 -5.39 8.21 17.52
CA ILE A 308 -5.22 9.61 17.89
C ILE A 308 -5.28 10.55 16.69
N HIS A 309 -4.46 10.25 15.68
CA HIS A 309 -4.29 11.15 14.54
C HIS A 309 -3.43 10.49 13.48
N PRO A 310 -3.79 10.65 12.20
CA PRO A 310 -3.02 10.01 11.12
C PRO A 310 -1.56 10.53 10.95
N LEU A 311 -1.32 11.81 11.23
CA LEU A 311 -0.02 12.42 10.89
C LEU A 311 1.04 12.37 11.98
N THR A 312 1.54 11.18 12.27
CA THR A 312 2.55 11.00 13.30
C THR A 312 3.95 11.12 12.73
N ILE A 313 4.94 11.30 13.61
CA ILE A 313 6.34 11.22 13.29
C ILE A 313 7.01 10.43 14.41
N GLY A 314 7.72 9.36 14.07
CA GLY A 314 8.39 8.57 15.09
C GLY A 314 8.19 7.09 14.86
N GLU A 315 8.35 6.28 15.89
CA GLU A 315 8.01 4.86 15.80
C GLU A 315 6.62 4.63 16.33
N CYS A 316 5.62 4.62 15.46
CA CYS A 316 4.27 4.66 15.97
C CYS A 316 3.49 3.38 15.81
N PRO A 317 2.47 3.22 16.66
CA PRO A 317 1.44 2.18 16.51
C PRO A 317 0.78 2.40 15.16
N LYS A 318 0.26 1.35 14.52
CA LYS A 318 -0.52 1.51 13.30
C LYS A 318 -1.80 2.30 13.55
N TYR A 319 -2.06 3.30 12.71
CA TYR A 319 -3.25 4.10 12.84
C TYR A 319 -4.40 3.38 12.17
N VAL A 320 -5.55 3.38 12.84
CA VAL A 320 -6.72 2.62 12.42
C VAL A 320 -7.97 3.45 12.57
N LYS A 321 -9.00 3.17 11.78
CA LYS A 321 -10.25 3.92 11.86
C LYS A 321 -11.16 3.47 12.99
N SER A 322 -10.98 2.23 13.42
CA SER A 322 -11.65 1.71 14.60
C SER A 322 -11.62 2.73 15.74
N ASP A 323 -12.53 2.59 16.71
CA ASP A 323 -12.39 3.32 17.99
C ASP A 323 -12.61 2.45 19.22
N ARG A 324 -12.48 1.14 19.01
CA ARG A 324 -12.50 0.15 20.07
C ARG A 324 -11.88 -1.13 19.55
N LEU A 325 -10.84 -1.58 20.22
CA LEU A 325 -10.29 -2.90 19.94
C LEU A 325 -10.09 -3.62 21.26
N VAL A 326 -11.15 -4.27 21.74
CA VAL A 326 -11.11 -4.92 23.03
C VAL A 326 -11.04 -6.44 22.90
N LEU A 327 -9.89 -6.98 23.28
CA LEU A 327 -9.69 -8.40 23.49
C LEU A 327 -10.35 -8.87 24.75
N ALA A 328 -11.12 -9.95 24.67
CA ALA A 328 -11.58 -10.63 25.87
C ALA A 328 -10.40 -11.38 26.46
N THR A 329 -10.27 -11.33 27.77
CA THR A 329 -9.23 -12.09 28.45
C THR A 329 -9.86 -13.07 29.43
N GLY A 330 -10.89 -12.62 30.14
CA GLY A 330 -11.68 -13.48 31.00
C GLY A 330 -12.72 -14.28 30.23
N LEU A 331 -13.64 -14.91 30.94
CA LEU A 331 -14.65 -15.77 30.32
C LEU A 331 -15.99 -15.09 30.27
N ARG A 332 -16.97 -15.72 29.64
CA ARG A 332 -18.29 -15.12 29.59
C ARG A 332 -18.77 -14.92 31.03
N ASN A 333 -19.44 -13.80 31.26
CA ASN A 333 -19.85 -13.43 32.61
C ASN A 333 -21.35 -13.59 32.78
N VAL A 334 -21.77 -14.65 33.49
CA VAL A 334 -23.20 -14.88 33.69
C VAL A 334 -23.61 -15.02 35.16
N PRO A 335 -24.66 -14.28 35.55
CA PRO A 335 -25.23 -14.04 36.89
C PRO A 335 -24.96 -15.15 37.89
N GLY A 341 -21.08 -21.88 25.37
CA GLY A 341 -20.86 -21.80 23.94
C GLY A 341 -20.59 -23.12 23.24
N LEU A 342 -19.36 -23.26 22.74
CA LEU A 342 -19.00 -24.28 21.78
C LEU A 342 -18.83 -25.67 22.38
N PHE A 343 -18.56 -25.74 23.68
CA PHE A 343 -18.22 -26.99 24.33
C PHE A 343 -19.30 -27.39 25.31
N GLY A 344 -20.32 -26.55 25.43
CA GLY A 344 -21.54 -26.91 26.12
C GLY A 344 -21.62 -26.70 27.62
N ALA A 345 -20.58 -26.09 28.21
CA ALA A 345 -20.52 -25.92 29.65
C ALA A 345 -20.92 -24.51 30.08
N ILE A 346 -20.08 -23.52 29.77
CA ILE A 346 -20.33 -22.16 30.23
C ILE A 346 -21.60 -21.64 29.60
N ALA A 347 -22.45 -21.02 30.41
CA ALA A 347 -23.78 -20.60 29.95
C ALA A 347 -24.48 -21.73 29.21
N GLY A 348 -24.09 -22.96 29.55
CA GLY A 348 -24.60 -24.16 28.93
C GLY A 348 -25.06 -25.14 30.01
N PHE A 349 -24.55 -26.36 29.99
CA PHE A 349 -25.01 -27.36 30.95
C PHE A 349 -24.71 -26.98 32.41
N ILE A 350 -23.68 -26.16 32.62
CA ILE A 350 -23.44 -25.47 33.89
C ILE A 350 -23.98 -24.04 33.76
N GLU A 351 -25.19 -23.77 34.27
CA GLU A 351 -25.94 -22.61 33.77
C GLU A 351 -25.59 -21.21 34.32
N GLY A 352 -24.82 -21.16 35.41
CA GLY A 352 -24.45 -19.88 35.97
C GLY A 352 -23.04 -19.80 36.52
N GLY A 353 -22.54 -18.58 36.68
CA GLY A 353 -21.22 -18.35 37.25
C GLY A 353 -21.32 -18.13 38.76
N TRP A 354 -20.20 -18.27 39.46
CA TRP A 354 -20.20 -18.03 40.90
C TRP A 354 -19.64 -16.65 41.26
N GLN A 355 -20.50 -15.77 41.78
CA GLN A 355 -20.02 -14.53 42.36
C GLN A 355 -18.97 -14.85 43.43
N GLY A 356 -19.18 -15.95 44.14
CA GLY A 356 -18.42 -16.29 45.33
C GLY A 356 -16.99 -16.78 45.20
N MET A 357 -16.65 -17.41 44.08
CA MET A 357 -15.28 -17.88 43.87
C MET A 357 -14.39 -16.78 43.35
N VAL A 358 -13.44 -16.35 44.17
CA VAL A 358 -12.56 -15.25 43.78
C VAL A 358 -11.10 -15.48 44.14
N ASP A 359 -10.51 -16.51 43.54
CA ASP A 359 -9.08 -16.77 43.62
C ASP A 359 -8.67 -17.52 42.35
N GLY A 360 -9.61 -17.68 41.43
CA GLY A 360 -9.38 -18.40 40.18
C GLY A 360 -10.51 -18.24 39.20
N TRP A 361 -10.36 -18.78 38.01
CA TRP A 361 -11.38 -18.68 36.98
C TRP A 361 -12.32 -19.89 37.04
N TYR A 362 -11.75 -21.06 37.29
CA TYR A 362 -12.51 -22.29 37.37
C TYR A 362 -12.29 -22.92 38.75
N GLY A 363 -13.32 -23.56 39.30
CA GLY A 363 -13.20 -24.13 40.62
C GLY A 363 -14.25 -25.14 41.05
N TYR A 364 -14.11 -25.58 42.30
CA TYR A 364 -14.98 -26.60 42.88
C TYR A 364 -15.81 -25.98 44.02
N HIS A 365 -16.99 -26.57 44.27
CA HIS A 365 -17.82 -26.17 45.41
C HIS A 365 -18.41 -27.40 46.10
N HIS A 366 -17.88 -27.74 47.27
CA HIS A 366 -18.30 -28.95 47.97
C HIS A 366 -19.36 -28.72 49.04
N SER A 367 -20.27 -29.69 49.19
CA SER A 367 -21.12 -29.78 50.36
C SER A 367 -20.69 -31.00 51.17
N ASN A 368 -20.30 -30.76 52.41
CA ASN A 368 -19.70 -31.80 53.25
C ASN A 368 -20.26 -31.72 54.65
N ASP A 369 -20.02 -32.75 55.45
CA ASP A 369 -20.40 -32.70 56.86
C ASP A 369 -19.62 -31.58 57.53
N GLN A 370 -18.35 -31.45 57.15
CA GLN A 370 -17.47 -30.42 57.69
C GLN A 370 -17.81 -29.00 57.21
N GLY A 371 -17.81 -28.77 55.91
CA GLY A 371 -17.98 -27.42 55.39
C GLY A 371 -18.54 -27.28 53.99
N SER A 372 -18.23 -26.15 53.35
CA SER A 372 -18.72 -25.82 52.00
C SER A 372 -18.49 -24.35 51.66
N GLY A 373 -17.56 -24.05 50.75
CA GLY A 373 -16.76 -25.05 50.06
C GLY A 373 -16.14 -24.60 48.74
N TYR A 374 -16.00 -23.29 48.56
CA TYR A 374 -15.40 -22.73 47.35
C TYR A 374 -13.88 -22.85 47.34
N ALA A 375 -13.34 -23.74 46.51
CA ALA A 375 -11.90 -23.89 46.40
C ALA A 375 -11.48 -23.87 44.94
N ALA A 376 -10.98 -22.72 44.48
CA ALA A 376 -10.62 -22.56 43.08
C ALA A 376 -9.47 -23.47 42.68
N ASP A 377 -9.46 -23.85 41.40
CA ASP A 377 -8.47 -24.76 40.85
C ASP A 377 -7.25 -24.02 40.32
N LYS A 378 -6.13 -24.11 41.03
CA LYS A 378 -4.90 -23.44 40.62
C LYS A 378 -4.26 -24.17 39.45
N GLU A 379 -4.22 -25.49 39.52
CA GLU A 379 -3.63 -26.31 38.48
C GLU A 379 -4.00 -25.79 37.10
N SER A 380 -5.28 -25.46 36.91
CA SER A 380 -5.79 -25.12 35.58
C SER A 380 -5.98 -23.63 35.33
N THR A 381 -6.41 -22.89 36.35
CA THR A 381 -6.57 -21.44 36.21
C THR A 381 -5.23 -20.87 35.75
N GLN A 382 -4.16 -21.52 36.19
CA GLN A 382 -2.81 -21.09 35.84
C GLN A 382 -2.57 -21.21 34.34
N LYS A 383 -2.78 -22.41 33.81
CA LYS A 383 -2.58 -22.69 32.40
C LYS A 383 -3.36 -21.72 31.52
N ALA A 384 -4.45 -21.18 32.04
CA ALA A 384 -5.25 -20.22 31.29
C ALA A 384 -4.66 -18.82 31.33
N PHE A 385 -4.21 -18.37 32.51
CA PHE A 385 -3.54 -17.09 32.64
C PHE A 385 -2.39 -17.04 31.64
N ASP A 386 -1.59 -18.11 31.55
CA ASP A 386 -0.47 -18.14 30.62
C ASP A 386 -0.94 -18.05 29.19
N GLY A 387 -1.92 -18.86 28.84
CA GLY A 387 -2.42 -18.88 27.48
C GLY A 387 -2.89 -17.52 27.03
N ILE A 388 -3.79 -16.93 27.81
CA ILE A 388 -4.38 -15.65 27.44
C ILE A 388 -3.32 -14.53 27.53
N THR A 389 -2.31 -14.75 28.38
CA THR A 389 -1.15 -13.86 28.40
C THR A 389 -0.38 -13.92 27.08
N ASN A 390 0.01 -15.13 26.68
CA ASN A 390 0.66 -15.35 25.40
C ASN A 390 -0.14 -14.81 24.20
N LYS A 391 -1.46 -14.97 24.25
CA LYS A 391 -2.29 -14.54 23.14
C LYS A 391 -2.15 -13.03 22.98
N VAL A 392 -2.40 -12.31 24.06
CA VAL A 392 -2.30 -10.86 24.03
C VAL A 392 -0.92 -10.40 23.58
N ASN A 393 0.13 -10.98 24.15
CA ASN A 393 1.48 -10.65 23.74
C ASN A 393 1.82 -11.03 22.29
N SER A 394 1.15 -12.02 21.73
CA SER A 394 1.41 -12.37 20.34
C SER A 394 0.97 -11.22 19.44
N VAL A 395 -0.28 -10.82 19.61
CA VAL A 395 -0.86 -9.71 18.88
C VAL A 395 -0.05 -8.43 19.00
N ILE A 396 0.47 -8.16 20.19
CA ILE A 396 1.22 -6.93 20.46
C ILE A 396 2.66 -7.02 19.97
N ALA A 397 3.31 -8.15 20.21
CA ALA A 397 4.75 -8.28 19.99
C ALA A 397 5.15 -8.61 18.56
N LYS A 398 4.18 -8.92 17.71
CA LYS A 398 4.52 -9.25 16.33
C LYS A 398 4.55 -8.03 15.44
N MET A 399 4.03 -6.91 15.94
CA MET A 399 3.92 -5.70 15.14
C MET A 399 5.26 -5.02 14.93
N ASN A 400 5.78 -5.12 13.71
CA ASN A 400 7.01 -4.46 13.33
C ASN A 400 6.80 -2.98 13.11
N THR A 401 7.52 -2.14 13.86
CA THR A 401 7.33 -0.69 13.72
C THR A 401 8.64 0.10 13.58
N GLN A 402 8.96 0.45 12.34
CA GLN A 402 10.11 1.30 12.05
C GLN A 402 9.74 2.77 12.24
N PHE A 403 10.73 3.64 12.06
CA PHE A 403 10.53 5.07 12.13
C PHE A 403 10.10 5.64 10.79
N GLU A 404 9.01 6.41 10.80
CA GLU A 404 8.43 7.01 9.60
C GLU A 404 7.96 8.44 9.89
N ALA A 405 7.63 9.23 8.88
CA ALA A 405 7.17 10.59 9.14
C ALA A 405 5.75 10.94 8.63
N VAL A 406 5.15 10.05 7.87
CA VAL A 406 3.76 10.20 7.36
C VAL A 406 3.42 11.48 6.56
N GLY A 407 3.28 12.60 7.23
CA GLY A 407 2.98 13.86 6.57
C GLY A 407 3.98 14.22 5.47
N LYS A 408 3.49 14.82 4.38
CA LYS A 408 4.37 15.28 3.30
C LYS A 408 3.89 16.56 2.64
N GLU A 409 4.72 17.12 1.77
CA GLU A 409 4.45 18.41 1.14
C GLU A 409 4.51 18.33 -0.38
N PHE A 410 3.56 18.96 -1.05
CA PHE A 410 3.52 18.98 -2.51
C PHE A 410 3.10 20.36 -2.99
N SER A 411 3.84 20.91 -3.95
CA SER A 411 3.42 22.12 -4.63
C SER A 411 2.06 21.95 -5.36
N ASN A 412 1.42 23.05 -5.69
CA ASN A 412 0.10 22.97 -6.31
C ASN A 412 0.10 22.45 -7.75
N LEU A 413 1.28 22.14 -8.30
CA LEU A 413 1.37 21.45 -9.59
C LEU A 413 1.81 20.02 -9.40
N GLU A 414 1.63 19.53 -8.18
CA GLU A 414 1.96 18.16 -7.85
C GLU A 414 0.72 17.48 -7.29
N ARG A 415 -0.46 18.00 -7.64
CA ARG A 415 -1.73 17.45 -7.15
C ARG A 415 -1.89 15.93 -7.37
N ARG A 416 -1.51 15.47 -8.56
CA ARG A 416 -1.52 14.04 -8.89
C ARG A 416 -0.67 13.24 -7.93
N LEU A 417 0.54 13.72 -7.71
CA LEU A 417 1.50 13.04 -6.86
C LEU A 417 1.05 13.05 -5.38
N GLU A 418 0.42 14.14 -4.95
CA GLU A 418 -0.18 14.21 -3.64
C GLU A 418 -1.32 13.18 -3.54
N ASN A 419 -2.12 13.09 -4.59
CA ASN A 419 -3.23 12.17 -4.62
C ASN A 419 -2.77 10.72 -4.60
N LEU A 420 -1.61 10.47 -5.22
CA LEU A 420 -1.00 9.17 -5.19
C LEU A 420 -0.66 8.79 -3.75
N ASN A 421 -0.05 9.73 -3.04
CA ASN A 421 0.30 9.53 -1.66
C ASN A 421 -0.93 9.32 -0.75
N LYS A 422 -1.99 10.08 -0.98
CA LYS A 422 -3.22 9.89 -0.21
C LYS A 422 -3.82 8.51 -0.47
N LYS A 423 -3.82 8.11 -1.74
CA LYS A 423 -4.30 6.80 -2.15
C LYS A 423 -3.54 5.69 -1.44
N MET A 424 -2.24 5.90 -1.27
CA MET A 424 -1.41 4.94 -0.59
C MET A 424 -1.71 4.88 0.90
N GLU A 425 -1.76 6.04 1.56
CA GLU A 425 -2.03 6.04 3.01
C GLU A 425 -3.43 5.49 3.30
N ASP A 426 -4.37 5.76 2.41
CA ASP A 426 -5.74 5.31 2.56
C ASP A 426 -5.85 3.81 2.33
N GLY A 427 -4.97 3.28 1.49
CA GLY A 427 -4.99 1.86 1.20
C GLY A 427 -4.54 1.05 2.39
N PHE A 428 -3.47 1.51 3.05
CA PHE A 428 -2.96 0.84 4.23
C PHE A 428 -3.90 0.99 5.43
N LEU A 429 -4.55 2.14 5.52
CA LEU A 429 -5.54 2.40 6.56
C LEU A 429 -6.70 1.40 6.46
N ASP A 430 -7.16 1.09 5.26
CA ASP A 430 -8.24 0.13 5.06
C ASP A 430 -7.77 -1.24 5.44
N VAL A 431 -6.53 -1.58 5.07
CA VAL A 431 -6.01 -2.90 5.37
C VAL A 431 -5.90 -3.13 6.86
N TRP A 432 -5.21 -2.22 7.55
CA TRP A 432 -4.97 -2.36 8.97
C TRP A 432 -6.24 -2.30 9.79
N THR A 433 -7.18 -1.45 9.39
CA THR A 433 -8.41 -1.37 10.10
C THR A 433 -9.14 -2.70 10.00
N TYR A 434 -9.34 -3.16 8.78
CA TYR A 434 -10.01 -4.43 8.55
C TYR A 434 -9.36 -5.59 9.29
N ASN A 435 -8.04 -5.70 9.19
CA ASN A 435 -7.35 -6.82 9.78
C ASN A 435 -7.41 -6.75 11.33
N ALA A 436 -7.38 -5.54 11.87
CA ALA A 436 -7.44 -5.33 13.32
C ALA A 436 -8.83 -5.65 13.84
N GLU A 437 -9.87 -5.15 13.17
CA GLU A 437 -11.24 -5.47 13.54
C GLU A 437 -11.52 -6.97 13.46
N LEU A 438 -11.20 -7.60 12.33
CA LEU A 438 -11.47 -9.02 12.21
C LEU A 438 -10.64 -9.85 13.15
N LEU A 439 -9.42 -9.42 13.43
CA LEU A 439 -8.54 -10.16 14.32
C LEU A 439 -9.15 -10.23 15.74
N VAL A 440 -9.54 -9.07 16.23
CA VAL A 440 -10.24 -8.94 17.49
C VAL A 440 -11.51 -9.82 17.54
N LEU A 441 -12.41 -9.66 16.58
CA LEU A 441 -13.57 -10.53 16.47
C LEU A 441 -13.26 -12.04 16.53
N MET A 442 -12.34 -12.52 15.69
CA MET A 442 -12.01 -13.94 15.66
C MET A 442 -11.37 -14.43 16.94
N GLU A 443 -10.37 -13.74 17.42
CA GLU A 443 -9.65 -14.13 18.63
C GLU A 443 -10.51 -14.02 19.89
N ASN A 444 -11.63 -13.33 19.79
CA ASN A 444 -12.56 -13.27 20.88
C ASN A 444 -13.43 -14.54 20.86
N GLU A 445 -13.88 -14.97 19.68
CA GLU A 445 -14.61 -16.21 19.58
C GLU A 445 -13.78 -17.29 20.21
N ARG A 446 -12.47 -17.23 19.96
CA ARG A 446 -11.58 -18.30 20.38
C ARG A 446 -11.16 -18.22 21.84
N THR A 447 -11.17 -17.03 22.42
CA THR A 447 -10.90 -16.90 23.85
C THR A 447 -12.06 -17.48 24.65
N LEU A 448 -13.28 -17.18 24.23
CA LEU A 448 -14.44 -17.58 24.97
C LEU A 448 -14.58 -19.11 24.93
N ASP A 449 -14.38 -19.67 23.74
CA ASP A 449 -14.43 -21.12 23.53
C ASP A 449 -13.33 -21.78 24.33
N PHE A 450 -12.24 -21.07 24.52
CA PHE A 450 -11.11 -21.56 25.29
C PHE A 450 -11.50 -21.78 26.76
N HIS A 451 -12.04 -20.73 27.38
CA HIS A 451 -12.58 -20.82 28.74
C HIS A 451 -13.65 -21.91 28.84
N ASP A 452 -14.54 -21.98 27.86
CA ASP A 452 -15.61 -22.97 27.86
C ASP A 452 -15.05 -24.38 27.84
N SER A 453 -13.94 -24.58 27.12
CA SER A 453 -13.39 -25.92 27.01
C SER A 453 -12.55 -26.24 28.25
N ASN A 454 -11.90 -25.23 28.81
CA ASN A 454 -11.21 -25.40 30.08
C ASN A 454 -12.16 -25.93 31.16
N VAL A 455 -13.35 -25.36 31.23
CA VAL A 455 -14.35 -25.78 32.21
C VAL A 455 -14.84 -27.19 31.88
N LYS A 456 -15.36 -27.41 30.68
CA LYS A 456 -15.77 -28.75 30.26
C LYS A 456 -14.73 -29.83 30.56
N ASN A 457 -13.45 -29.48 30.48
CA ASN A 457 -12.38 -30.46 30.72
C ASN A 457 -12.14 -30.72 32.18
N LEU A 458 -12.41 -29.72 33.01
CA LEU A 458 -12.30 -29.89 34.45
C LEU A 458 -13.41 -30.84 34.84
N TYR A 459 -14.62 -30.51 34.40
CA TYR A 459 -15.75 -31.38 34.61
C TYR A 459 -15.44 -32.82 34.23
N ASP A 460 -14.91 -33.04 33.04
CA ASP A 460 -14.66 -34.39 32.59
C ASP A 460 -13.53 -35.07 33.35
N LYS A 461 -12.67 -34.29 33.98
CA LYS A 461 -11.54 -34.83 34.71
C LYS A 461 -11.97 -35.35 36.07
N VAL A 462 -13.02 -34.76 36.60
CA VAL A 462 -13.65 -35.23 37.81
C VAL A 462 -14.49 -36.47 37.48
N ARG A 463 -15.37 -36.35 36.49
CA ARG A 463 -16.17 -37.50 36.08
C ARG A 463 -15.28 -38.72 35.81
N MET A 464 -14.17 -38.53 35.13
CA MET A 464 -13.31 -39.66 34.77
C MET A 464 -12.58 -40.26 35.97
N GLN A 465 -12.68 -39.59 37.12
CA GLN A 465 -12.13 -40.11 38.38
C GLN A 465 -13.17 -40.86 39.22
N LEU A 466 -14.31 -40.23 39.45
CA LEU A 466 -15.35 -40.76 40.31
C LEU A 466 -16.08 -41.98 39.70
N ARG A 467 -16.77 -41.78 38.59
CA ARG A 467 -17.44 -42.87 37.88
C ARG A 467 -18.61 -43.41 38.69
N ASP A 468 -18.55 -44.70 39.03
CA ASP A 468 -19.59 -45.38 39.81
C ASP A 468 -19.79 -44.70 41.16
N ASN A 469 -18.69 -44.20 41.72
CA ASN A 469 -18.67 -43.61 43.06
C ASN A 469 -19.53 -42.37 43.24
N VAL A 470 -19.96 -41.76 42.13
CA VAL A 470 -20.74 -40.52 42.19
C VAL A 470 -21.88 -40.51 41.18
N LYS A 471 -22.90 -39.71 41.47
CA LYS A 471 -24.01 -39.52 40.55
C LYS A 471 -23.88 -38.15 39.88
N GLU A 472 -24.00 -38.13 38.55
CA GLU A 472 -24.04 -36.87 37.83
C GLU A 472 -25.44 -36.27 37.91
N LEU A 473 -25.58 -35.07 38.48
CA LEU A 473 -26.89 -34.43 38.53
C LEU A 473 -27.30 -33.87 37.16
N GLY A 474 -26.66 -32.80 36.73
CA GLY A 474 -26.93 -32.23 35.42
C GLY A 474 -26.50 -30.79 35.25
N ASN A 475 -26.38 -30.09 36.37
CA ASN A 475 -25.93 -28.71 36.38
C ASN A 475 -24.50 -28.60 36.88
N GLY A 476 -23.69 -29.62 36.58
CA GLY A 476 -22.29 -29.61 36.89
C GLY A 476 -21.94 -30.26 38.21
N CYS A 477 -22.82 -31.15 38.68
CA CYS A 477 -22.72 -31.71 40.03
C CYS A 477 -22.35 -33.18 40.11
N PHE A 478 -21.68 -33.54 41.18
CA PHE A 478 -21.51 -34.94 41.54
C PHE A 478 -21.99 -35.17 42.95
N GLU A 479 -22.96 -36.08 43.08
CA GLU A 479 -23.47 -36.51 44.37
C GLU A 479 -22.70 -37.75 44.79
N PHE A 480 -22.12 -37.72 45.98
CA PHE A 480 -21.24 -38.80 46.40
C PHE A 480 -22.01 -40.00 46.97
N TYR A 481 -21.65 -41.19 46.52
CA TYR A 481 -22.33 -42.41 46.96
C TYR A 481 -21.83 -42.90 48.31
N HIS A 482 -20.88 -42.16 48.88
CA HIS A 482 -20.23 -42.60 50.09
C HIS A 482 -19.78 -41.39 50.89
N LYS A 483 -19.72 -41.55 52.21
CA LYS A 483 -19.19 -40.50 53.07
C LYS A 483 -17.90 -39.95 52.47
N CYS A 484 -17.86 -38.65 52.24
CA CYS A 484 -16.60 -38.02 51.90
C CYS A 484 -16.34 -36.85 52.83
N ASP A 485 -15.07 -36.53 53.02
CA ASP A 485 -14.67 -35.51 53.96
C ASP A 485 -13.57 -34.64 53.36
N ASP A 486 -13.09 -33.69 54.15
CA ASP A 486 -12.13 -32.70 53.66
C ASP A 486 -10.82 -33.27 53.10
N GLU A 487 -10.32 -34.37 53.63
CA GLU A 487 -9.13 -34.97 53.04
C GLU A 487 -9.50 -35.72 51.76
N CYS A 488 -10.80 -35.89 51.53
CA CYS A 488 -11.28 -36.54 50.32
C CYS A 488 -11.35 -35.54 49.16
N MET A 489 -12.15 -34.50 49.32
CA MET A 489 -12.25 -33.46 48.31
C MET A 489 -10.85 -32.93 47.98
N ASN A 490 -10.12 -32.53 49.02
CA ASN A 490 -8.75 -32.05 48.87
C ASN A 490 -7.88 -33.07 48.14
N SER A 491 -8.46 -34.21 47.78
CA SER A 491 -7.75 -35.22 47.02
C SER A 491 -8.29 -35.31 45.59
N VAL A 492 -9.58 -35.02 45.42
CA VAL A 492 -10.17 -34.91 44.09
C VAL A 492 -9.59 -33.66 43.46
N LYS A 493 -9.76 -32.54 44.14
CA LYS A 493 -9.10 -31.31 43.74
C LYS A 493 -7.68 -31.59 43.24
N ASN A 494 -6.82 -32.15 44.08
CA ASN A 494 -5.45 -32.40 43.64
C ASN A 494 -5.30 -33.59 42.67
N GLY A 495 -6.43 -34.11 42.22
CA GLY A 495 -6.45 -35.13 41.18
C GLY A 495 -5.82 -36.44 41.58
N THR A 496 -6.10 -36.86 42.81
CA THR A 496 -5.52 -38.07 43.38
C THR A 496 -6.52 -38.77 44.28
N TYR A 497 -7.60 -39.26 43.68
CA TYR A 497 -8.68 -39.89 44.40
C TYR A 497 -8.71 -41.34 43.99
N ASP A 498 -8.61 -42.25 44.96
CA ASP A 498 -8.56 -43.68 44.62
C ASP A 498 -9.94 -44.33 44.59
N TYR A 499 -10.24 -44.96 43.46
CA TYR A 499 -11.52 -45.60 43.21
C TYR A 499 -11.73 -46.84 44.09
N PRO A 500 -10.69 -47.69 44.21
CA PRO A 500 -10.83 -48.89 45.03
C PRO A 500 -11.39 -48.60 46.43
N LYS A 501 -10.83 -47.59 47.11
CA LYS A 501 -11.14 -47.32 48.51
C LYS A 501 -12.61 -47.10 48.85
N TYR A 502 -13.46 -46.99 47.84
CA TYR A 502 -14.88 -46.72 48.10
C TYR A 502 -15.84 -47.60 47.32
N GLU A 503 -15.77 -48.90 47.58
CA GLU A 503 -16.74 -49.80 46.97
C GLU A 503 -17.99 -49.97 47.83
N GLU A 504 -18.46 -48.85 48.35
CA GLU A 504 -19.83 -48.72 48.81
C GLU A 504 -20.72 -48.52 47.58
N GLU A 505 -21.80 -49.27 47.51
CA GLU A 505 -22.70 -49.12 46.38
C GLU A 505 -24.13 -48.87 46.84
N SER A 506 -24.33 -47.71 47.46
CA SER A 506 -25.65 -47.24 47.87
C SER A 506 -26.60 -47.04 46.69
N LYS A 507 -26.18 -47.45 45.49
CA LYS A 507 -27.02 -47.44 44.28
C LYS A 507 -27.66 -48.80 44.05
N GLN B 17 -39.67 -43.68 21.04
CA GLN B 17 -38.24 -43.34 21.06
C GLN B 17 -37.99 -41.94 20.50
N ILE B 18 -36.89 -41.33 20.93
CA ILE B 18 -36.54 -39.99 20.45
C ILE B 18 -35.14 -39.94 19.82
N CYS B 19 -35.02 -39.17 18.76
CA CYS B 19 -33.78 -39.14 18.00
C CYS B 19 -33.34 -37.73 17.60
N ILE B 20 -32.03 -37.52 17.69
CA ILE B 20 -31.44 -36.24 17.40
C ILE B 20 -30.83 -36.27 16.02
N GLY B 21 -31.13 -35.25 15.22
CA GLY B 21 -30.59 -35.14 13.87
C GLY B 21 -30.48 -33.71 13.37
N TYR B 22 -29.97 -33.59 12.14
CA TYR B 22 -29.79 -32.29 11.52
C TYR B 22 -30.37 -32.25 10.11
N HIS B 23 -30.64 -31.03 9.65
CA HIS B 23 -31.23 -30.77 8.35
C HIS B 23 -30.34 -31.16 7.16
N ALA B 24 -31.00 -31.61 6.10
CA ALA B 24 -30.31 -31.93 4.86
C ALA B 24 -31.25 -31.51 3.76
N ASN B 25 -30.73 -31.07 2.62
CA ASN B 25 -31.61 -30.74 1.51
C ASN B 25 -31.03 -31.22 0.19
N ASN B 26 -31.49 -30.64 -0.92
CA ASN B 26 -31.01 -31.08 -2.23
C ASN B 26 -29.98 -30.12 -2.85
N SER B 27 -29.29 -29.39 -1.98
CA SER B 27 -28.28 -28.44 -2.43
C SER B 27 -27.11 -29.11 -3.15
N THR B 28 -26.53 -28.39 -4.11
CA THR B 28 -25.28 -28.86 -4.69
C THR B 28 -24.20 -27.81 -4.51
N GLU B 29 -24.53 -26.78 -3.73
CA GLU B 29 -23.60 -25.70 -3.36
C GLU B 29 -22.29 -26.24 -2.79
N LYS B 30 -21.16 -25.86 -3.38
CA LYS B 30 -19.85 -26.32 -2.91
C LYS B 30 -19.06 -25.17 -2.30
N VAL B 31 -18.44 -25.41 -1.15
CA VAL B 31 -17.43 -24.50 -0.58
C VAL B 31 -16.11 -25.21 -0.31
N ASP B 32 -15.05 -24.44 -0.12
CA ASP B 32 -13.76 -24.99 0.27
C ASP B 32 -13.45 -24.51 1.67
N THR B 33 -12.75 -25.34 2.45
CA THR B 33 -12.27 -24.90 3.75
C THR B 33 -10.75 -25.07 3.78
N ILE B 34 -10.12 -24.62 4.86
CA ILE B 34 -8.67 -24.84 5.02
C ILE B 34 -8.32 -26.31 4.89
N LEU B 35 -9.17 -27.18 5.41
CA LEU B 35 -8.89 -28.62 5.47
C LEU B 35 -9.38 -29.46 4.27
N GLU B 36 -10.56 -29.12 3.74
CA GLU B 36 -11.11 -29.90 2.63
C GLU B 36 -11.56 -29.03 1.48
N ARG B 37 -11.34 -29.53 0.27
CA ARG B 37 -11.89 -28.89 -0.91
C ARG B 37 -13.24 -29.49 -1.24
N ASN B 38 -14.08 -28.70 -1.90
CA ASN B 38 -15.27 -29.21 -2.57
C ASN B 38 -16.29 -29.82 -1.64
N VAL B 39 -16.62 -29.12 -0.57
CA VAL B 39 -17.56 -29.65 0.39
C VAL B 39 -18.96 -29.20 0.07
N THR B 40 -19.89 -30.14 0.02
CA THR B 40 -21.28 -29.81 -0.26
C THR B 40 -21.93 -29.35 1.02
N VAL B 41 -22.64 -28.24 0.90
CA VAL B 41 -23.10 -27.52 2.06
C VAL B 41 -24.57 -27.26 1.84
N THR B 42 -25.30 -27.11 2.93
CA THR B 42 -26.74 -26.89 2.90
C THR B 42 -27.20 -25.55 2.27
N HIS B 43 -26.57 -24.44 2.68
CA HIS B 43 -26.82 -23.09 2.14
C HIS B 43 -25.50 -22.35 2.11
N ALA B 44 -25.39 -21.32 1.28
CA ALA B 44 -24.11 -20.63 1.19
C ALA B 44 -24.30 -19.22 0.67
N LYS B 45 -23.28 -18.39 0.80
CA LYS B 45 -23.35 -17.01 0.35
C LYS B 45 -22.07 -16.65 -0.36
N ASP B 46 -22.19 -16.28 -1.62
CA ASP B 46 -21.05 -15.77 -2.37
C ASP B 46 -20.84 -14.35 -1.87
N ILE B 47 -19.62 -14.02 -1.45
CA ILE B 47 -19.31 -12.64 -1.06
C ILE B 47 -18.46 -11.89 -2.09
N LEU B 48 -18.52 -12.33 -3.35
CA LEU B 48 -17.78 -11.71 -4.44
C LEU B 48 -18.76 -11.21 -5.49
N GLU B 49 -18.86 -9.91 -5.65
CA GLU B 49 -19.74 -9.37 -6.67
C GLU B 49 -19.11 -9.60 -8.02
N LYS B 50 -19.90 -10.15 -8.95
CA LYS B 50 -19.40 -10.64 -10.23
C LYS B 50 -20.15 -10.07 -11.42
N THR B 51 -21.22 -9.33 -11.17
CA THR B 51 -22.06 -8.83 -12.26
C THR B 51 -22.21 -7.30 -12.25
N HIS B 52 -22.38 -6.74 -13.44
CA HIS B 52 -22.61 -5.30 -13.59
C HIS B 52 -23.81 -5.09 -14.49
N ASN B 53 -24.35 -3.87 -14.48
CA ASN B 53 -25.50 -3.52 -15.32
C ASN B 53 -25.11 -3.13 -16.74
N GLY B 54 -23.82 -3.20 -17.06
CA GLY B 54 -23.37 -2.90 -18.40
C GLY B 54 -23.67 -1.50 -18.91
N LYS B 55 -24.33 -0.67 -18.11
CA LYS B 55 -24.62 0.70 -18.51
C LYS B 55 -23.52 1.63 -18.01
N LEU B 56 -23.45 2.81 -18.60
CA LEU B 56 -22.60 3.87 -18.05
C LEU B 56 -23.47 4.86 -17.27
N CYS B 57 -23.16 5.10 -16.00
CA CYS B 57 -24.14 5.73 -15.14
C CYS B 57 -23.77 7.04 -14.50
N ARG B 58 -24.82 7.72 -14.03
CA ARG B 58 -24.72 8.90 -13.22
C ARG B 58 -24.31 8.48 -11.81
N LEU B 59 -23.36 9.20 -11.21
CA LEU B 59 -22.76 8.76 -9.95
C LEU B 59 -23.32 9.55 -8.78
N SER B 60 -24.09 8.89 -7.92
CA SER B 60 -24.78 9.53 -6.80
C SER B 60 -25.50 10.81 -7.23
N GLY B 61 -26.27 10.70 -8.32
CA GLY B 61 -27.09 11.82 -8.74
C GLY B 61 -26.42 12.73 -9.74
N ILE B 62 -25.09 12.66 -9.82
CA ILE B 62 -24.37 13.58 -10.68
C ILE B 62 -23.75 12.91 -11.91
N PRO B 63 -24.09 13.39 -13.11
CA PRO B 63 -23.65 12.80 -14.38
C PRO B 63 -22.15 12.93 -14.58
N PRO B 64 -21.56 12.17 -15.51
CA PRO B 64 -20.17 12.46 -15.89
C PRO B 64 -20.19 13.54 -16.94
N LEU B 65 -19.08 14.24 -17.12
CA LEU B 65 -18.88 15.07 -18.30
C LEU B 65 -18.47 14.11 -19.41
N GLU B 66 -19.26 14.05 -20.48
CA GLU B 66 -18.98 13.14 -21.60
C GLU B 66 -18.30 13.85 -22.77
N LEU B 67 -17.12 13.42 -23.15
CA LEU B 67 -16.34 14.17 -24.12
C LEU B 67 -16.56 13.73 -25.54
N GLY B 68 -17.41 12.74 -25.75
CA GLY B 68 -17.58 12.18 -27.07
C GLY B 68 -16.24 11.63 -27.49
N ASP B 69 -15.68 12.14 -28.58
CA ASP B 69 -14.27 11.88 -28.83
C ASP B 69 -13.46 13.15 -29.07
N CYS B 70 -13.69 14.13 -28.20
CA CYS B 70 -12.77 15.20 -28.00
C CYS B 70 -11.86 14.86 -26.84
N SER B 71 -10.73 15.56 -26.79
CA SER B 71 -9.89 15.52 -25.62
C SER B 71 -10.27 16.73 -24.77
N ILE B 72 -9.97 16.69 -23.48
CA ILE B 72 -10.15 17.86 -22.62
C ILE B 72 -9.55 19.13 -23.27
N ALA B 73 -8.33 19.04 -23.77
CA ALA B 73 -7.72 20.15 -24.49
C ALA B 73 -8.63 20.69 -25.59
N GLY B 74 -9.06 19.83 -26.51
CA GLY B 74 -9.94 20.26 -27.57
C GLY B 74 -11.21 20.91 -27.05
N TRP B 75 -11.80 20.30 -26.03
CA TRP B 75 -13.00 20.82 -25.43
C TRP B 75 -12.81 22.24 -24.86
N LEU B 76 -11.79 22.43 -24.03
CA LEU B 76 -11.56 23.73 -23.39
C LEU B 76 -11.23 24.82 -24.38
N LEU B 77 -10.39 24.48 -25.35
CA LEU B 77 -9.96 25.43 -26.35
C LEU B 77 -11.11 25.80 -27.27
N GLY B 78 -12.02 24.86 -27.47
CA GLY B 78 -13.10 25.04 -28.42
C GLY B 78 -12.76 24.60 -29.82
N ASN B 79 -12.11 23.46 -29.97
CA ASN B 79 -11.99 22.81 -31.27
C ASN B 79 -13.41 22.72 -31.86
N PRO B 80 -13.57 23.18 -33.11
CA PRO B 80 -14.88 23.23 -33.78
C PRO B 80 -15.54 21.87 -33.99
N GLU B 81 -14.79 20.77 -33.84
CA GLU B 81 -15.35 19.43 -33.86
C GLU B 81 -15.97 19.06 -32.52
N CYS B 82 -15.82 19.96 -31.56
CA CYS B 82 -16.35 19.74 -30.22
C CYS B 82 -17.58 20.60 -30.01
N ASP B 83 -18.14 21.11 -31.10
CA ASP B 83 -19.25 22.03 -31.03
C ASP B 83 -20.50 21.40 -30.44
N ARG B 84 -20.77 20.15 -30.81
CA ARG B 84 -22.01 19.50 -30.42
C ARG B 84 -21.93 18.94 -29.01
N LEU B 85 -20.90 19.34 -28.27
CA LEU B 85 -20.46 18.55 -27.14
C LEU B 85 -21.43 18.39 -25.96
N LEU B 86 -22.27 19.38 -25.70
CA LEU B 86 -23.18 19.27 -24.55
C LEU B 86 -22.48 19.42 -23.19
N SER B 87 -22.34 20.66 -22.76
CA SER B 87 -21.61 20.92 -21.54
C SER B 87 -22.58 20.98 -20.38
N VAL B 88 -22.19 20.36 -19.29
CA VAL B 88 -23.01 20.37 -18.09
C VAL B 88 -22.31 21.17 -16.99
N PRO B 89 -23.06 21.66 -16.01
CA PRO B 89 -22.43 22.57 -15.06
C PRO B 89 -21.89 21.84 -13.82
N GLU B 90 -22.22 20.57 -13.64
CA GLU B 90 -21.83 19.91 -12.40
C GLU B 90 -20.86 18.75 -12.57
N TRP B 91 -21.28 17.63 -13.13
CA TRP B 91 -20.40 16.43 -13.27
C TRP B 91 -19.52 15.87 -12.11
N SER B 92 -19.40 14.55 -12.09
CA SER B 92 -18.75 13.82 -10.99
C SER B 92 -17.57 12.93 -11.43
N TYR B 93 -17.42 12.78 -12.74
CA TYR B 93 -16.23 12.20 -13.34
C TYR B 93 -16.20 12.51 -14.85
N ILE B 94 -15.17 12.07 -15.55
CA ILE B 94 -15.07 12.37 -16.97
C ILE B 94 -14.99 11.10 -17.79
N VAL B 95 -15.72 11.06 -18.88
CA VAL B 95 -15.66 9.95 -19.82
C VAL B 95 -14.92 10.42 -21.10
N GLU B 96 -13.81 9.76 -21.42
CA GLU B 96 -12.91 10.13 -22.51
C GLU B 96 -12.55 8.81 -23.19
N LYS B 97 -12.33 8.83 -24.51
CA LYS B 97 -11.89 7.63 -25.21
C LYS B 97 -10.38 7.48 -25.03
N GLU B 98 -9.83 6.29 -25.22
CA GLU B 98 -8.41 6.11 -24.93
C GLU B 98 -7.55 6.99 -25.82
N ASN B 99 -7.98 7.08 -27.08
CA ASN B 99 -7.30 7.89 -28.08
C ASN B 99 -8.30 8.82 -28.75
N PRO B 100 -8.58 9.99 -28.14
CA PRO B 100 -9.63 10.87 -28.67
C PRO B 100 -9.19 11.43 -30.02
N THR B 101 -10.12 11.71 -30.92
CA THR B 101 -9.71 12.13 -32.25
C THR B 101 -9.65 13.64 -32.46
N ASN B 102 -10.44 14.40 -31.72
CA ASN B 102 -10.39 15.86 -31.82
C ASN B 102 -9.74 16.54 -30.60
N GLY B 103 -8.44 16.80 -30.71
CA GLY B 103 -7.72 17.45 -29.63
C GLY B 103 -7.28 18.82 -30.12
N LEU B 104 -5.97 18.98 -30.27
CA LEU B 104 -5.42 20.22 -30.81
C LEU B 104 -5.41 20.16 -32.34
N CYS B 105 -6.43 20.71 -32.97
CA CYS B 105 -6.46 20.72 -34.43
C CYS B 105 -5.22 21.44 -35.01
N TYR B 106 -4.87 22.62 -34.47
CA TYR B 106 -3.56 23.21 -34.75
C TYR B 106 -2.55 22.52 -33.84
N PRO B 107 -1.45 21.99 -34.42
CA PRO B 107 -0.53 21.18 -33.60
C PRO B 107 0.14 21.98 -32.47
N GLY B 108 0.46 21.30 -31.38
CA GLY B 108 1.15 21.92 -30.26
C GLY B 108 1.15 21.11 -28.99
N SER B 109 1.39 21.77 -27.87
CA SER B 109 1.41 21.05 -26.60
C SER B 109 0.63 21.83 -25.58
N PHE B 110 0.38 21.20 -24.45
CA PHE B 110 -0.31 21.86 -23.37
C PHE B 110 0.56 21.69 -22.13
N ASN B 111 1.12 22.78 -21.62
CA ASN B 111 1.90 22.74 -20.37
C ASN B 111 1.14 22.19 -19.15
N ASP B 112 1.78 21.27 -18.42
CA ASP B 112 1.14 20.58 -17.30
C ASP B 112 -0.27 20.09 -17.60
N TYR B 113 -0.42 19.37 -18.70
CA TYR B 113 -1.72 18.95 -19.18
C TYR B 113 -2.38 17.98 -18.18
N GLU B 114 -1.60 17.02 -17.71
CA GLU B 114 -2.12 16.02 -16.81
C GLU B 114 -2.61 16.64 -15.49
N GLU B 115 -1.88 17.63 -14.97
CA GLU B 115 -2.31 18.33 -13.77
C GLU B 115 -3.59 19.09 -14.02
N LEU B 116 -3.75 19.62 -15.23
CA LEU B 116 -4.96 20.34 -15.59
C LEU B 116 -6.15 19.38 -15.69
N LYS B 117 -5.92 18.19 -16.23
CA LYS B 117 -6.98 17.20 -16.33
C LYS B 117 -7.38 16.73 -14.94
N HIS B 118 -6.39 16.37 -14.14
CA HIS B 118 -6.69 15.95 -12.80
C HIS B 118 -7.62 16.95 -12.12
N LEU B 119 -7.28 18.22 -12.26
CA LEU B 119 -8.08 19.33 -11.74
C LEU B 119 -9.54 19.21 -12.16
N LEU B 120 -9.78 19.07 -13.46
CA LEU B 120 -11.12 19.11 -14.04
C LEU B 120 -11.94 17.85 -13.81
N THR B 121 -11.39 16.94 -13.05
CA THR B 121 -11.90 15.60 -12.96
C THR B 121 -13.29 15.54 -12.29
N SER B 122 -13.46 16.36 -11.26
CA SER B 122 -14.69 16.44 -10.53
C SER B 122 -14.91 17.92 -10.22
N VAL B 123 -16.15 18.37 -10.32
CA VAL B 123 -16.43 19.80 -10.27
C VAL B 123 -17.82 20.03 -9.64
N THR B 124 -17.93 20.90 -8.66
CA THR B 124 -19.23 21.16 -8.07
C THR B 124 -19.98 22.15 -8.94
N HIS B 125 -19.23 23.00 -9.62
CA HIS B 125 -19.89 23.95 -10.49
C HIS B 125 -18.86 24.40 -11.49
N PHE B 126 -19.30 24.73 -12.69
CA PHE B 126 -18.36 25.06 -13.71
C PHE B 126 -19.10 25.84 -14.74
N GLU B 127 -18.61 27.02 -15.06
CA GLU B 127 -19.36 27.88 -15.95
C GLU B 127 -18.42 28.71 -16.79
N LYS B 128 -18.66 28.74 -18.10
CA LYS B 128 -17.84 29.54 -18.99
C LYS B 128 -18.24 31.00 -18.94
N ILE B 129 -17.27 31.88 -18.77
CA ILE B 129 -17.51 33.32 -18.71
C ILE B 129 -16.70 34.08 -19.76
N LYS B 130 -17.33 35.04 -20.44
CA LYS B 130 -16.63 35.83 -21.44
C LYS B 130 -15.90 37.01 -20.80
N ILE B 131 -14.61 36.81 -20.54
CA ILE B 131 -13.77 37.78 -19.84
C ILE B 131 -13.00 38.78 -20.75
N LEU B 132 -12.67 38.39 -21.97
CA LEU B 132 -11.91 39.31 -22.85
C LEU B 132 -12.50 39.33 -24.24
N PRO B 133 -13.66 39.99 -24.40
CA PRO B 133 -14.42 39.95 -25.65
C PRO B 133 -13.54 40.27 -26.86
N ARG B 134 -13.66 39.52 -27.96
CA ARG B 134 -12.77 39.69 -29.11
C ARG B 134 -12.89 41.08 -29.65
N ASP B 135 -14.11 41.60 -29.71
CA ASP B 135 -14.33 42.90 -30.33
C ASP B 135 -13.42 44.01 -29.80
N GLN B 136 -13.08 43.97 -28.51
CA GLN B 136 -12.28 45.04 -27.90
C GLN B 136 -10.79 45.00 -28.23
N TRP B 137 -10.38 44.05 -29.05
CA TRP B 137 -9.02 44.02 -29.57
C TRP B 137 -8.98 44.95 -30.78
N THR B 138 -9.46 46.17 -30.57
CA THR B 138 -9.66 47.16 -31.63
C THR B 138 -8.49 47.37 -32.60
N GLN B 139 -7.27 47.29 -32.09
CA GLN B 139 -6.05 47.60 -32.83
C GLN B 139 -5.43 46.40 -33.55
N HIS B 140 -6.04 45.22 -33.41
CA HIS B 140 -5.46 44.04 -34.04
C HIS B 140 -6.48 43.31 -34.86
N THR B 141 -6.00 42.38 -35.67
CA THR B 141 -6.86 41.49 -36.45
C THR B 141 -7.22 40.24 -35.63
N THR B 142 -8.49 39.85 -35.73
CA THR B 142 -9.08 38.88 -34.84
C THR B 142 -9.55 37.64 -35.60
N THR B 143 -9.92 37.84 -36.86
CA THR B 143 -10.49 36.79 -37.68
C THR B 143 -9.43 35.79 -38.13
N GLY B 144 -8.26 35.89 -37.55
CA GLY B 144 -7.15 35.01 -37.89
C GLY B 144 -7.52 33.56 -37.74
N GLY B 145 -7.36 32.81 -38.82
CA GLY B 145 -7.66 31.39 -38.79
C GLY B 145 -6.61 30.50 -39.46
N SER B 146 -6.96 29.23 -39.64
CA SER B 146 -6.06 28.27 -40.23
C SER B 146 -6.82 27.11 -40.89
N ARG B 147 -6.26 26.58 -41.96
CA ARG B 147 -6.85 25.43 -42.63
C ARG B 147 -6.76 24.18 -41.73
N ALA B 148 -5.93 24.26 -40.71
CA ALA B 148 -5.77 23.15 -39.79
C ALA B 148 -7.03 22.94 -38.94
N CYS B 149 -7.74 24.04 -38.69
CA CYS B 149 -8.95 24.02 -37.87
C CYS B 149 -10.12 24.51 -38.70
N ALA B 150 -10.22 24.01 -39.93
CA ALA B 150 -11.16 24.53 -40.90
C ALA B 150 -12.62 24.11 -40.67
N VAL B 151 -13.54 25.05 -40.92
CA VAL B 151 -14.97 24.78 -40.85
C VAL B 151 -15.56 24.74 -42.27
N SER B 152 -15.76 23.52 -42.75
CA SER B 152 -16.28 23.27 -44.10
C SER B 152 -16.60 24.53 -44.88
N GLY B 153 -15.63 25.03 -45.64
CA GLY B 153 -14.28 24.51 -45.63
C GLY B 153 -13.35 25.71 -45.58
N ASN B 154 -13.78 26.74 -44.84
CA ASN B 154 -12.98 27.94 -44.64
C ASN B 154 -12.10 27.83 -43.40
N PRO B 155 -10.96 28.54 -43.41
CA PRO B 155 -10.07 28.49 -42.25
C PRO B 155 -10.81 28.91 -40.99
N SER B 156 -10.62 28.20 -39.89
CA SER B 156 -11.16 28.64 -38.62
C SER B 156 -10.07 28.53 -37.55
N PHE B 157 -10.51 28.36 -36.31
CA PHE B 157 -9.64 28.33 -35.14
C PHE B 157 -10.43 27.92 -33.89
N PHE B 158 -9.73 27.55 -32.81
CA PHE B 158 -10.39 27.24 -31.54
C PHE B 158 -11.33 28.38 -31.17
N ARG B 159 -12.57 28.03 -30.87
CA ARG B 159 -13.62 29.03 -30.71
C ARG B 159 -13.55 29.84 -29.42
N ASN B 160 -12.82 29.34 -28.42
CA ASN B 160 -12.62 30.05 -27.15
C ASN B 160 -11.35 30.89 -27.11
N MET B 161 -10.59 30.87 -28.20
CA MET B 161 -9.30 31.52 -28.26
C MET B 161 -9.30 32.59 -29.34
N VAL B 162 -8.42 33.57 -29.18
CA VAL B 162 -8.28 34.62 -30.16
C VAL B 162 -6.88 34.68 -30.74
N TRP B 163 -6.76 34.47 -32.04
CA TRP B 163 -5.47 34.58 -32.71
C TRP B 163 -5.17 36.02 -33.11
N LEU B 164 -4.54 36.79 -32.23
CA LEU B 164 -4.16 38.16 -32.58
C LEU B 164 -3.13 38.21 -33.73
N THR B 165 -3.54 38.83 -34.83
CA THR B 165 -2.64 39.08 -35.95
C THR B 165 -2.61 40.56 -36.31
N LYS B 166 -1.66 40.94 -37.14
CA LYS B 166 -1.50 42.35 -37.49
C LYS B 166 -2.70 42.94 -38.23
N LYS B 167 -2.89 44.23 -38.04
CA LYS B 167 -3.96 44.98 -38.70
C LYS B 167 -3.32 46.08 -39.53
N GLY B 168 -3.42 45.96 -40.86
CA GLY B 168 -2.62 46.78 -41.75
C GLY B 168 -1.23 46.20 -41.71
N SER B 169 -0.21 47.06 -41.73
CA SER B 169 1.16 46.59 -41.61
C SER B 169 1.65 46.76 -40.17
N ASN B 170 0.71 46.81 -39.23
CA ASN B 170 1.02 47.11 -37.84
C ASN B 170 0.56 46.05 -36.83
N TYR B 171 1.39 45.82 -35.82
CA TYR B 171 0.99 45.06 -34.65
C TYR B 171 1.55 45.81 -33.46
N PRO B 172 0.75 46.73 -32.92
CA PRO B 172 1.03 47.59 -31.76
C PRO B 172 1.19 46.73 -30.51
N VAL B 173 1.58 47.27 -29.36
CA VAL B 173 1.64 46.41 -28.19
C VAL B 173 0.24 46.04 -27.77
N ALA B 174 -0.04 44.74 -27.76
CA ALA B 174 -1.33 44.21 -27.31
C ALA B 174 -1.30 44.10 -25.80
N LYS B 175 -2.21 44.80 -25.14
CA LYS B 175 -2.12 44.93 -23.70
C LYS B 175 -3.51 44.95 -23.06
N ARG B 176 -3.89 43.83 -22.48
CA ARG B 176 -5.19 43.79 -21.82
C ARG B 176 -5.07 43.07 -20.50
N SER B 177 -6.07 43.28 -19.65
CA SER B 177 -6.08 42.66 -18.34
C SER B 177 -7.50 42.41 -17.84
N TYR B 178 -7.63 41.52 -16.86
CA TYR B 178 -8.94 41.14 -16.38
C TYR B 178 -8.89 40.87 -14.88
N ASN B 179 -9.76 41.53 -14.14
CA ASN B 179 -9.83 41.37 -12.70
C ASN B 179 -10.94 40.35 -12.45
N ASN B 180 -10.64 39.29 -11.70
CA ASN B 180 -11.66 38.28 -11.41
C ASN B 180 -12.70 38.69 -10.37
N THR B 181 -13.77 39.31 -10.84
CA THR B 181 -14.87 39.72 -9.99
C THR B 181 -16.01 38.70 -10.03
N SER B 182 -15.72 37.49 -10.47
CA SER B 182 -16.79 36.55 -10.79
C SER B 182 -17.30 35.83 -9.57
N GLY B 183 -16.58 35.91 -8.47
CA GLY B 183 -17.05 35.28 -7.25
C GLY B 183 -16.46 33.91 -7.04
N GLU B 184 -15.93 33.35 -8.10
CA GLU B 184 -15.25 32.07 -8.00
C GLU B 184 -13.90 32.12 -8.67
N GLN B 185 -13.06 31.19 -8.28
CA GLN B 185 -11.77 30.97 -8.88
C GLN B 185 -11.91 30.63 -10.37
N MET B 186 -11.02 31.18 -11.19
CA MET B 186 -11.23 31.10 -12.61
C MET B 186 -10.04 30.55 -13.37
N LEU B 187 -10.31 29.53 -14.18
CA LEU B 187 -9.29 28.87 -14.98
C LEU B 187 -9.10 29.71 -16.23
N ILE B 188 -7.84 30.02 -16.55
CA ILE B 188 -7.56 30.80 -17.76
C ILE B 188 -6.46 30.11 -18.58
N ILE B 189 -6.70 29.98 -19.86
CA ILE B 189 -5.74 29.37 -20.78
C ILE B 189 -5.29 30.40 -21.81
N TRP B 190 -4.01 30.40 -22.13
CA TRP B 190 -3.47 31.22 -23.22
C TRP B 190 -2.41 30.44 -24.00
N GLY B 191 -2.04 30.96 -25.17
CA GLY B 191 -1.11 30.30 -26.05
C GLY B 191 -0.09 31.21 -26.69
N ILE B 192 1.01 30.64 -27.11
CA ILE B 192 2.01 31.39 -27.84
C ILE B 192 2.31 30.61 -29.11
N HIS B 193 2.35 31.33 -30.23
CA HIS B 193 2.52 30.71 -31.55
C HIS B 193 3.98 30.60 -31.97
N TYR B 194 4.39 29.38 -32.28
CA TYR B 194 5.71 29.10 -32.83
C TYR B 194 5.62 28.84 -34.33
N PRO B 195 5.90 29.88 -35.13
CA PRO B 195 5.79 29.80 -36.60
C PRO B 195 6.83 28.88 -37.23
N ASN B 196 6.55 28.48 -38.47
CA ASN B 196 7.44 27.60 -39.20
C ASN B 196 8.70 28.32 -39.70
N ASP B 197 8.58 29.62 -39.95
CA ASP B 197 9.70 30.37 -40.52
C ASP B 197 9.47 31.87 -40.55
N ASP B 198 10.56 32.59 -40.81
CA ASP B 198 10.59 34.06 -40.77
C ASP B 198 9.49 34.70 -41.63
N THR B 199 9.15 34.07 -42.74
CA THR B 199 8.11 34.66 -43.54
C THR B 199 6.72 34.49 -42.93
N GLU B 200 6.39 33.32 -42.38
CA GLU B 200 5.13 33.16 -41.65
C GLU B 200 4.97 34.20 -40.53
N GLN B 201 6.09 34.46 -39.85
CA GLN B 201 6.17 35.43 -38.76
C GLN B 201 5.86 36.85 -39.23
N ARG B 202 6.50 37.29 -40.30
CA ARG B 202 6.32 38.65 -40.78
C ARG B 202 4.90 38.89 -41.29
N THR B 203 4.41 38.00 -42.14
CA THR B 203 3.07 38.16 -42.66
C THR B 203 2.01 38.11 -41.56
N LEU B 204 2.22 37.30 -40.53
CA LEU B 204 1.31 37.25 -39.38
C LEU B 204 1.47 38.43 -38.39
N TYR B 205 2.70 38.81 -38.06
CA TYR B 205 2.92 39.73 -36.95
C TYR B 205 3.83 40.93 -37.23
N GLN B 206 4.26 41.15 -38.47
CA GLN B 206 5.21 42.22 -38.79
C GLN B 206 6.51 42.17 -37.99
N ASN B 207 6.44 42.47 -36.70
CA ASN B 207 7.61 42.61 -35.83
C ASN B 207 8.41 41.31 -35.68
N VAL B 208 9.57 41.38 -35.01
CA VAL B 208 10.45 40.21 -34.92
C VAL B 208 11.09 39.91 -33.55
N GLY B 209 11.23 40.90 -32.70
CA GLY B 209 11.81 40.61 -31.40
C GLY B 209 10.74 40.20 -30.42
N THR B 210 9.66 39.60 -30.91
CA THR B 210 8.41 39.51 -30.12
C THR B 210 8.48 38.70 -28.83
N TYR B 211 7.45 38.86 -28.01
CA TYR B 211 7.34 38.14 -26.75
C TYR B 211 5.90 38.23 -26.28
N VAL B 212 5.55 37.33 -25.36
CA VAL B 212 4.24 37.29 -24.74
C VAL B 212 4.46 37.31 -23.22
N SER B 213 3.73 38.20 -22.57
CA SER B 213 3.90 38.42 -21.15
C SER B 213 2.60 38.13 -20.38
N VAL B 214 2.68 37.32 -19.34
CA VAL B 214 1.51 37.05 -18.54
C VAL B 214 1.80 37.08 -17.03
N GLY B 215 1.05 37.89 -16.29
CA GLY B 215 1.34 38.04 -14.88
C GLY B 215 0.10 38.17 -14.02
N THR B 216 0.10 37.47 -12.89
CA THR B 216 -0.91 37.63 -11.86
C THR B 216 -0.20 37.89 -10.53
N SER B 217 -0.94 37.75 -9.43
CA SER B 217 -0.33 37.72 -8.11
C SER B 217 0.81 36.73 -8.02
N THR B 218 0.58 35.52 -8.49
CA THR B 218 1.50 34.42 -8.26
C THR B 218 2.12 33.94 -9.57
N LEU B 219 1.47 34.26 -10.67
CA LEU B 219 1.96 33.88 -11.98
C LEU B 219 2.84 34.96 -12.61
N ASN B 220 3.96 34.54 -13.16
CA ASN B 220 4.88 35.47 -13.78
C ASN B 220 5.54 34.76 -14.95
N LYS B 221 5.23 35.17 -16.16
CA LYS B 221 5.78 34.43 -17.28
C LYS B 221 6.03 35.29 -18.49
N ARG B 222 7.16 35.04 -19.12
CA ARG B 222 7.51 35.70 -20.36
C ARG B 222 8.02 34.66 -21.35
N SER B 223 7.28 34.48 -22.43
CA SER B 223 7.65 33.46 -23.40
C SER B 223 8.14 34.16 -24.63
N ILE B 224 9.22 33.67 -25.22
CA ILE B 224 9.63 34.17 -26.54
C ILE B 224 9.55 33.04 -27.60
N PRO B 225 8.94 33.34 -28.76
CA PRO B 225 8.68 32.37 -29.83
C PRO B 225 9.92 31.76 -30.42
N GLU B 226 9.82 30.50 -30.84
CA GLU B 226 10.91 29.79 -31.46
C GLU B 226 10.52 29.50 -32.91
N ILE B 227 11.03 30.30 -33.84
CA ILE B 227 10.94 29.96 -35.26
C ILE B 227 11.86 28.79 -35.56
N ALA B 228 11.35 27.76 -36.22
CA ALA B 228 12.20 26.64 -36.62
C ALA B 228 11.44 25.65 -37.50
N THR B 229 12.15 25.05 -38.43
CA THR B 229 11.59 24.01 -39.30
C THR B 229 11.18 22.74 -38.54
N ARG B 230 9.92 22.32 -38.72
CA ARG B 230 9.47 21.08 -38.10
C ARG B 230 8.65 20.27 -39.08
N PRO B 231 8.57 18.97 -38.87
CA PRO B 231 7.69 18.16 -39.71
C PRO B 231 6.25 18.70 -39.67
N LYS B 232 5.46 18.42 -40.70
CA LYS B 232 4.10 18.94 -40.71
C LYS B 232 3.12 17.99 -40.02
N VAL B 233 2.17 18.58 -39.29
CA VAL B 233 1.17 17.80 -38.58
C VAL B 233 -0.13 18.50 -38.84
N ASN B 234 -1.11 17.80 -39.41
CA ASN B 234 -2.29 18.46 -39.95
C ASN B 234 -1.85 19.59 -40.86
N GLY B 235 -0.90 19.29 -41.73
CA GLY B 235 -0.34 20.28 -42.64
C GLY B 235 0.26 21.53 -42.02
N GLN B 236 0.63 21.50 -40.74
CA GLN B 236 1.27 22.66 -40.12
C GLN B 236 2.68 22.39 -39.61
N GLY B 237 3.59 23.28 -39.95
CA GLY B 237 4.93 23.29 -39.39
C GLY B 237 4.97 24.09 -38.11
N GLY B 238 4.14 25.13 -38.02
CA GLY B 238 4.03 25.87 -36.78
C GLY B 238 3.51 25.02 -35.63
N ARG B 239 3.64 25.55 -34.41
CA ARG B 239 3.21 24.87 -33.20
C ARG B 239 2.60 25.90 -32.28
N MET B 240 1.67 25.47 -31.45
CA MET B 240 1.10 26.37 -30.49
C MET B 240 1.26 25.74 -29.12
N GLU B 241 1.88 26.49 -28.22
CA GLU B 241 2.06 26.05 -26.86
C GLU B 241 1.14 26.78 -25.87
N PHE B 242 0.26 26.01 -25.22
CA PHE B 242 -0.77 26.55 -24.33
C PHE B 242 -0.37 26.39 -22.87
N SER B 243 -0.66 27.42 -22.08
CA SER B 243 -0.44 27.32 -20.63
C SER B 243 -1.71 27.72 -19.91
N TRP B 244 -1.84 27.36 -18.65
CA TRP B 244 -3.02 27.74 -17.89
C TRP B 244 -2.68 28.15 -16.46
N THR B 245 -3.61 28.87 -15.86
CA THR B 245 -3.48 29.30 -14.50
C THR B 245 -4.86 29.35 -13.86
N LEU B 246 -4.92 29.32 -12.52
CA LEU B 246 -6.13 29.62 -11.78
C LEU B 246 -6.04 31.03 -11.26
N LEU B 247 -6.95 31.87 -11.71
CA LEU B 247 -7.01 33.25 -11.26
C LEU B 247 -7.90 33.32 -10.03
N GLU B 248 -7.28 33.66 -8.90
CA GLU B 248 -8.02 33.81 -7.66
C GLU B 248 -8.94 35.03 -7.68
N THR B 249 -9.90 35.05 -6.78
CA THR B 249 -10.93 36.08 -6.80
C THR B 249 -10.35 37.42 -6.48
N TRP B 250 -10.87 38.44 -7.16
CA TRP B 250 -10.44 39.80 -6.96
C TRP B 250 -8.96 39.99 -7.29
N ASP B 251 -8.35 38.95 -7.88
CA ASP B 251 -7.02 39.07 -8.50
C ASP B 251 -7.09 39.47 -9.99
N VAL B 252 -6.00 39.99 -10.55
CA VAL B 252 -6.02 40.34 -11.96
C VAL B 252 -4.95 39.66 -12.77
N ILE B 253 -5.26 39.40 -14.03
CA ILE B 253 -4.29 38.82 -14.93
C ILE B 253 -3.95 39.90 -15.95
N ASN B 254 -2.67 40.06 -16.24
CA ASN B 254 -2.21 41.03 -17.22
C ASN B 254 -1.53 40.37 -18.42
N PHE B 255 -2.08 40.55 -19.62
CA PHE B 255 -1.42 40.07 -20.84
C PHE B 255 -0.69 41.22 -21.53
N GLU B 256 0.51 40.95 -22.04
CA GLU B 256 1.20 41.91 -22.89
C GLU B 256 1.94 41.17 -23.99
N SER B 257 1.74 41.59 -25.24
CA SER B 257 2.39 40.92 -26.35
C SER B 257 2.81 41.87 -27.48
N THR B 258 3.94 41.59 -28.11
CA THR B 258 4.34 42.30 -29.33
C THR B 258 4.17 41.38 -30.54
N GLY B 259 3.55 40.22 -30.29
CA GLY B 259 3.21 39.25 -31.30
C GLY B 259 3.24 37.79 -30.83
N ASN B 260 2.50 36.94 -31.53
CA ASN B 260 2.48 35.51 -31.25
C ASN B 260 1.59 35.07 -30.06
N LEU B 261 0.79 35.99 -29.56
CA LEU B 261 -0.14 35.71 -28.48
C LEU B 261 -1.43 35.05 -28.96
N ILE B 262 -1.75 33.88 -28.44
CA ILE B 262 -3.07 33.34 -28.59
C ILE B 262 -3.81 33.62 -27.28
N ALA B 263 -4.72 34.60 -27.34
CA ALA B 263 -5.41 35.12 -26.16
C ALA B 263 -6.66 34.31 -25.80
N PRO B 264 -7.00 34.26 -24.51
CA PRO B 264 -8.31 33.68 -24.18
C PRO B 264 -9.36 34.73 -24.49
N GLU B 265 -10.57 34.30 -24.78
CA GLU B 265 -11.70 35.21 -24.79
C GLU B 265 -12.54 34.85 -23.58
N TYR B 266 -12.44 33.60 -23.17
CA TYR B 266 -13.23 33.07 -22.07
C TYR B 266 -12.37 32.57 -20.96
N GLY B 267 -12.96 32.55 -19.76
CA GLY B 267 -12.40 31.90 -18.59
C GLY B 267 -13.46 31.00 -17.96
N PHE B 268 -13.03 30.08 -17.10
CA PHE B 268 -13.96 29.13 -16.54
C PHE B 268 -14.03 29.27 -15.02
N LYS B 269 -15.16 29.80 -14.55
CA LYS B 269 -15.51 29.69 -13.14
C LYS B 269 -15.56 28.22 -12.75
N ILE B 270 -14.76 27.86 -11.75
CA ILE B 270 -14.68 26.50 -11.28
C ILE B 270 -14.70 26.42 -9.73
N SER B 271 -15.52 25.53 -9.16
CA SER B 271 -15.49 25.23 -7.72
C SER B 271 -15.25 23.75 -7.52
N LYS B 272 -14.36 23.38 -6.63
CA LYS B 272 -14.19 21.95 -6.40
C LYS B 272 -14.31 21.47 -4.95
N ARG B 273 -15.29 20.60 -4.73
CA ARG B 273 -15.41 19.88 -3.46
C ARG B 273 -14.19 18.98 -3.30
N GLY B 274 -14.14 17.94 -4.13
CA GLY B 274 -13.04 17.00 -4.07
C GLY B 274 -12.44 16.66 -5.41
N SER B 275 -11.97 15.42 -5.55
CA SER B 275 -11.35 15.00 -6.77
C SER B 275 -11.91 13.65 -7.19
N SER B 276 -11.73 13.31 -8.45
CA SER B 276 -12.35 12.12 -9.04
C SER B 276 -11.35 11.49 -10.00
N GLY B 277 -11.84 11.07 -11.17
CA GLY B 277 -11.05 10.36 -12.15
C GLY B 277 -11.61 10.49 -13.56
N ILE B 278 -10.80 10.15 -14.56
CA ILE B 278 -11.22 10.09 -15.95
C ILE B 278 -11.35 8.62 -16.26
N MET B 279 -12.51 8.26 -16.79
CA MET B 279 -12.80 6.88 -17.14
C MET B 279 -12.70 6.71 -18.65
N LYS B 280 -11.78 5.86 -19.10
CA LYS B 280 -11.56 5.63 -20.52
C LYS B 280 -12.40 4.47 -21.02
N THR B 281 -13.36 4.79 -21.86
CA THR B 281 -14.30 3.81 -22.38
C THR B 281 -14.97 4.34 -23.63
N GLU B 282 -15.64 3.45 -24.33
CA GLU B 282 -16.35 3.79 -25.55
C GLU B 282 -17.80 4.08 -25.26
N LYS B 283 -18.33 3.46 -24.20
CA LYS B 283 -19.74 3.55 -23.82
C LYS B 283 -20.23 4.98 -23.58
N THR B 284 -21.54 5.16 -23.51
CA THR B 284 -22.12 6.49 -23.32
C THR B 284 -23.13 6.54 -22.18
N LEU B 285 -23.36 7.73 -21.62
CA LEU B 285 -24.24 7.88 -20.46
C LEU B 285 -25.62 7.27 -20.73
N GLU B 286 -26.23 6.64 -19.72
CA GLU B 286 -27.44 5.86 -20.00
C GLU B 286 -28.64 6.00 -19.07
N ASN B 287 -28.61 6.92 -18.13
CA ASN B 287 -29.80 7.14 -17.31
C ASN B 287 -30.10 5.97 -16.39
N CYS B 288 -29.13 5.70 -15.53
CA CYS B 288 -29.33 4.85 -14.39
C CYS B 288 -28.54 5.53 -13.31
N GLU B 289 -27.97 4.76 -12.41
CA GLU B 289 -27.43 5.36 -11.20
C GLU B 289 -26.59 4.35 -10.43
N THR B 290 -25.56 4.83 -9.76
CA THR B 290 -24.72 3.98 -8.92
C THR B 290 -23.89 4.73 -7.89
N LYS B 291 -23.33 3.96 -6.96
CA LYS B 291 -22.38 4.48 -6.01
C LYS B 291 -21.01 4.04 -6.55
N CYS B 292 -21.05 3.15 -7.52
CA CYS B 292 -19.82 2.60 -8.06
C CYS B 292 -19.86 2.31 -9.57
N GLN B 293 -19.05 3.04 -10.34
CA GLN B 293 -19.00 2.85 -11.78
C GLN B 293 -17.71 2.18 -12.25
N THR B 294 -17.78 1.28 -13.23
CA THR B 294 -16.59 0.72 -13.87
C THR B 294 -16.73 0.95 -15.36
N PRO B 295 -15.68 0.68 -16.15
CA PRO B 295 -15.74 0.85 -17.60
C PRO B 295 -16.61 -0.19 -18.30
N LEU B 296 -16.92 -1.30 -17.63
CA LEU B 296 -17.77 -2.34 -18.20
C LEU B 296 -19.24 -2.10 -17.87
N GLY B 297 -19.49 -1.50 -16.71
CA GLY B 297 -20.83 -1.15 -16.32
C GLY B 297 -20.83 -0.86 -14.84
N ALA B 298 -21.96 -0.44 -14.31
CA ALA B 298 -22.08 -0.09 -12.90
C ALA B 298 -22.28 -1.33 -12.01
N ILE B 299 -21.98 -1.15 -10.73
CA ILE B 299 -22.01 -2.20 -9.73
C ILE B 299 -22.94 -1.75 -8.59
N ASN B 300 -23.92 -2.57 -8.23
CA ASN B 300 -24.74 -2.25 -7.08
C ASN B 300 -24.72 -3.41 -6.10
N THR B 301 -24.04 -3.23 -4.98
CA THR B 301 -23.80 -4.36 -4.10
C THR B 301 -23.40 -3.98 -2.68
N THR B 302 -23.73 -4.88 -1.74
CA THR B 302 -23.30 -4.79 -0.35
C THR B 302 -21.98 -5.51 -0.18
N LEU B 303 -21.73 -6.48 -1.05
CA LEU B 303 -20.55 -7.34 -0.99
C LEU B 303 -19.22 -6.58 -0.81
N PRO B 304 -18.29 -7.17 -0.05
CA PRO B 304 -17.03 -6.49 0.24
C PRO B 304 -16.01 -6.58 -0.88
N PHE B 305 -16.19 -7.51 -1.84
CA PHE B 305 -15.22 -7.71 -2.92
C PHE B 305 -15.91 -7.86 -4.27
N HIS B 306 -15.24 -7.44 -5.33
CA HIS B 306 -15.70 -7.72 -6.67
C HIS B 306 -14.51 -8.16 -7.52
N ASN B 307 -14.78 -8.74 -8.69
CA ASN B 307 -13.71 -9.07 -9.62
C ASN B 307 -14.00 -8.56 -11.03
N ILE B 308 -14.73 -7.45 -11.13
CA ILE B 308 -15.23 -7.00 -12.44
C ILE B 308 -14.20 -6.27 -13.30
N HIS B 309 -13.46 -5.35 -12.69
CA HIS B 309 -12.49 -4.52 -13.40
C HIS B 309 -11.75 -3.65 -12.40
N PRO B 310 -10.43 -3.53 -12.56
CA PRO B 310 -9.73 -2.77 -11.53
C PRO B 310 -9.96 -1.25 -11.56
N LEU B 311 -10.43 -0.70 -12.68
CA LEU B 311 -10.44 0.76 -12.81
C LEU B 311 -11.76 1.43 -12.42
N THR B 312 -12.23 1.17 -11.22
CA THR B 312 -13.50 1.73 -10.80
C THR B 312 -13.47 3.21 -10.37
N ILE B 313 -14.65 3.78 -10.22
CA ILE B 313 -14.81 5.12 -9.67
C ILE B 313 -15.98 5.15 -8.70
N GLY B 314 -15.75 5.65 -7.49
CA GLY B 314 -16.82 5.78 -6.52
C GLY B 314 -16.57 4.92 -5.30
N GLU B 315 -17.63 4.56 -4.60
CA GLU B 315 -17.52 3.73 -3.41
C GLU B 315 -17.66 2.25 -3.77
N CYS B 316 -16.53 1.56 -3.81
CA CYS B 316 -16.52 0.25 -4.43
C CYS B 316 -16.03 -0.84 -3.52
N PRO B 317 -16.51 -2.06 -3.75
CA PRO B 317 -15.98 -3.25 -3.08
C PRO B 317 -14.48 -3.33 -3.35
N LYS B 318 -13.74 -4.11 -2.57
CA LYS B 318 -12.36 -4.38 -2.94
C LYS B 318 -12.27 -5.27 -4.16
N TYR B 319 -11.36 -4.92 -5.05
CA TYR B 319 -11.09 -5.68 -6.23
C TYR B 319 -10.08 -6.78 -5.92
N VAL B 320 -10.42 -8.04 -6.23
CA VAL B 320 -9.55 -9.20 -5.98
C VAL B 320 -9.36 -10.03 -7.24
N LYS B 321 -8.32 -10.86 -7.29
CA LYS B 321 -8.09 -11.69 -8.46
C LYS B 321 -9.00 -12.89 -8.47
N SER B 322 -9.08 -13.57 -7.35
CA SER B 322 -10.14 -14.54 -7.11
C SER B 322 -11.41 -14.43 -8.01
N ASP B 323 -12.07 -15.55 -8.28
CA ASP B 323 -13.38 -15.48 -8.93
C ASP B 323 -14.46 -16.40 -8.34
N ARG B 324 -14.23 -16.84 -7.10
CA ARG B 324 -15.23 -17.51 -6.26
C ARG B 324 -14.85 -17.25 -4.83
N LEU B 325 -15.72 -16.57 -4.08
CA LEU B 325 -15.53 -16.44 -2.63
C LEU B 325 -16.83 -16.82 -1.94
N VAL B 326 -16.98 -18.11 -1.67
CA VAL B 326 -18.24 -18.61 -1.14
C VAL B 326 -18.15 -18.96 0.34
N LEU B 327 -18.93 -18.26 1.14
CA LEU B 327 -19.13 -18.55 2.56
C LEU B 327 -20.18 -19.64 2.83
N ALA B 328 -19.76 -20.75 3.41
CA ALA B 328 -20.75 -21.69 3.92
C ALA B 328 -21.56 -21.01 5.01
N THR B 329 -22.87 -21.17 4.98
CA THR B 329 -23.73 -20.62 6.03
C THR B 329 -24.51 -21.74 6.71
N GLY B 330 -24.86 -22.77 5.94
CA GLY B 330 -25.52 -23.94 6.48
C GLY B 330 -24.49 -24.99 6.84
N LEU B 331 -24.94 -26.24 6.99
CA LEU B 331 -24.07 -27.30 7.48
C LEU B 331 -23.62 -28.22 6.38
N ARG B 332 -22.72 -29.13 6.72
CA ARG B 332 -22.30 -30.14 5.76
C ARG B 332 -23.55 -30.91 5.33
N ASN B 333 -23.78 -31.02 4.02
CA ASN B 333 -24.97 -31.69 3.51
C ASN B 333 -24.76 -33.18 3.40
N VAL B 334 -25.50 -33.95 4.18
CA VAL B 334 -25.33 -35.39 4.20
C VAL B 334 -26.66 -36.11 4.00
N PRO B 335 -27.12 -36.20 2.77
CA PRO B 335 -28.38 -36.92 2.54
C PRO B 335 -28.12 -38.41 2.37
N GLY B 341 -16.62 -34.20 11.76
CA GLY B 341 -16.00 -32.92 11.99
C GLY B 341 -15.26 -32.87 13.31
N LEU B 342 -15.02 -31.66 13.79
CA LEU B 342 -14.26 -31.41 15.01
C LEU B 342 -14.94 -32.02 16.25
N PHE B 343 -16.26 -32.08 16.25
CA PHE B 343 -16.99 -32.56 17.42
C PHE B 343 -17.58 -33.94 17.24
N GLY B 344 -17.57 -34.42 15.99
CA GLY B 344 -17.86 -35.80 15.66
C GLY B 344 -19.32 -36.20 15.58
N ALA B 345 -20.21 -35.22 15.44
CA ALA B 345 -21.63 -35.53 15.32
C ALA B 345 -22.01 -35.62 13.84
N ILE B 346 -21.94 -34.49 13.13
CA ILE B 346 -22.36 -34.42 11.74
C ILE B 346 -21.48 -35.28 10.83
N ALA B 347 -22.11 -36.07 9.96
CA ALA B 347 -21.37 -37.08 9.21
C ALA B 347 -20.44 -37.87 10.13
N GLY B 348 -20.89 -38.09 11.37
CA GLY B 348 -20.07 -38.66 12.43
C GLY B 348 -20.86 -39.73 13.16
N PHE B 349 -21.16 -39.53 14.44
CA PHE B 349 -21.93 -40.54 15.17
C PHE B 349 -23.41 -40.48 14.84
N ILE B 350 -23.86 -39.34 14.33
CA ILE B 350 -25.16 -39.24 13.70
C ILE B 350 -24.91 -39.28 12.20
N GLU B 351 -25.17 -40.44 11.58
CA GLU B 351 -24.59 -40.78 10.28
C GLU B 351 -24.97 -39.88 9.09
N GLY B 352 -26.22 -39.39 9.09
CA GLY B 352 -26.67 -38.54 8.00
C GLY B 352 -27.69 -37.52 8.46
N GLY B 353 -28.06 -36.61 7.55
CA GLY B 353 -29.11 -35.64 7.81
C GLY B 353 -30.52 -36.07 7.37
N TRP B 354 -31.50 -35.25 7.73
CA TRP B 354 -32.92 -35.47 7.40
C TRP B 354 -33.46 -34.52 6.32
N GLN B 355 -33.84 -35.04 5.16
CA GLN B 355 -34.54 -34.21 4.18
C GLN B 355 -35.89 -33.83 4.78
N GLY B 356 -36.36 -34.66 5.71
CA GLY B 356 -37.69 -34.51 6.27
C GLY B 356 -37.93 -33.22 7.03
N MET B 357 -37.01 -32.88 7.91
CA MET B 357 -37.13 -31.69 8.75
C MET B 357 -36.92 -30.41 7.94
N VAL B 358 -38.00 -29.65 7.76
CA VAL B 358 -37.98 -28.51 6.85
C VAL B 358 -38.05 -27.16 7.55
N ASP B 359 -38.18 -27.15 8.87
CA ASP B 359 -38.42 -25.89 9.57
C ASP B 359 -37.39 -25.57 10.66
N GLY B 360 -36.14 -25.95 10.43
CA GLY B 360 -35.09 -25.73 11.39
C GLY B 360 -33.82 -26.47 10.99
N TRP B 361 -32.71 -26.10 11.63
CA TRP B 361 -31.42 -26.71 11.32
C TRP B 361 -31.17 -28.00 12.08
N TYR B 362 -31.63 -28.04 13.32
CA TYR B 362 -31.47 -29.22 14.14
C TYR B 362 -32.80 -29.52 14.80
N GLY B 363 -33.02 -30.76 15.20
CA GLY B 363 -34.26 -31.08 15.87
C GLY B 363 -34.37 -32.55 16.20
N TYR B 364 -35.61 -32.97 16.41
CA TYR B 364 -35.89 -34.28 16.98
C TYR B 364 -36.74 -35.15 16.06
N HIS B 365 -36.47 -36.44 16.06
CA HIS B 365 -37.41 -37.39 15.51
C HIS B 365 -37.95 -38.21 16.66
N HIS B 366 -39.26 -38.36 16.74
CA HIS B 366 -39.85 -39.11 17.85
C HIS B 366 -40.75 -40.25 17.38
N SER B 367 -40.72 -41.35 18.11
CA SER B 367 -41.58 -42.49 17.82
C SER B 367 -42.53 -42.75 18.96
N ASN B 368 -43.82 -42.69 18.66
CA ASN B 368 -44.83 -42.73 19.70
C ASN B 368 -45.91 -43.77 19.44
N ASP B 369 -46.58 -44.18 20.51
CA ASP B 369 -47.80 -44.95 20.37
C ASP B 369 -48.77 -44.12 19.54
N GLN B 370 -48.85 -42.81 19.84
CA GLN B 370 -49.58 -41.89 18.98
C GLN B 370 -48.87 -41.73 17.64
N GLY B 371 -48.17 -40.62 17.45
CA GLY B 371 -47.61 -40.29 16.16
C GLY B 371 -46.10 -40.27 16.03
N SER B 372 -45.65 -39.90 14.83
CA SER B 372 -44.24 -39.68 14.52
C SER B 372 -44.18 -38.90 13.21
N GLY B 373 -43.29 -37.91 13.12
CA GLY B 373 -42.47 -37.47 14.23
C GLY B 373 -41.22 -36.67 13.91
N TYR B 374 -41.35 -35.56 13.17
CA TYR B 374 -40.24 -34.61 13.01
C TYR B 374 -40.57 -33.29 13.68
N ALA B 375 -39.88 -32.97 14.77
CA ALA B 375 -40.05 -31.68 15.43
C ALA B 375 -38.74 -30.90 15.41
N ALA B 376 -38.78 -29.67 14.90
CA ALA B 376 -37.59 -28.84 14.85
C ALA B 376 -37.30 -28.23 16.21
N ASP B 377 -36.01 -28.05 16.51
CA ASP B 377 -35.60 -27.42 17.76
C ASP B 377 -35.46 -25.92 17.63
N LYS B 378 -36.54 -25.20 17.89
CA LYS B 378 -36.60 -23.75 17.68
C LYS B 378 -35.44 -23.03 18.36
N GLU B 379 -35.25 -23.33 19.64
CA GLU B 379 -34.32 -22.58 20.47
C GLU B 379 -32.92 -22.55 19.90
N SER B 380 -32.34 -23.71 19.63
CA SER B 380 -30.95 -23.77 19.18
C SER B 380 -30.77 -23.47 17.69
N THR B 381 -31.79 -23.75 16.89
CA THR B 381 -31.78 -23.32 15.50
C THR B 381 -31.68 -21.79 15.42
N GLN B 382 -32.27 -21.11 16.39
CA GLN B 382 -32.25 -19.66 16.45
C GLN B 382 -30.90 -19.13 16.88
N LYS B 383 -30.27 -19.81 17.84
CA LYS B 383 -28.91 -19.47 18.22
C LYS B 383 -28.02 -19.41 16.97
N ALA B 384 -28.22 -20.40 16.10
CA ALA B 384 -27.42 -20.55 14.89
C ALA B 384 -27.80 -19.58 13.75
N PHE B 385 -29.09 -19.28 13.63
CA PHE B 385 -29.56 -18.30 12.65
C PHE B 385 -28.93 -16.98 13.02
N ASP B 386 -28.79 -16.75 14.31
CA ASP B 386 -28.22 -15.52 14.80
C ASP B 386 -26.71 -15.46 14.61
N GLY B 387 -26.02 -16.51 15.05
CA GLY B 387 -24.57 -16.52 15.00
C GLY B 387 -24.08 -16.33 13.59
N ILE B 388 -24.63 -17.12 12.68
CA ILE B 388 -24.19 -17.10 11.30
C ILE B 388 -24.58 -15.80 10.57
N THR B 389 -25.71 -15.21 10.95
CA THR B 389 -26.09 -13.89 10.46
C THR B 389 -25.02 -12.88 10.84
N ASN B 390 -24.62 -12.91 12.11
CA ASN B 390 -23.59 -12.01 12.60
C ASN B 390 -22.25 -12.21 11.89
N LYS B 391 -21.88 -13.46 11.63
CA LYS B 391 -20.61 -13.76 11.01
C LYS B 391 -20.51 -13.15 9.62
N VAL B 392 -21.56 -13.28 8.84
CA VAL B 392 -21.64 -12.71 7.51
C VAL B 392 -21.61 -11.19 7.56
N ASN B 393 -22.40 -10.62 8.48
CA ASN B 393 -22.42 -9.18 8.69
C ASN B 393 -21.09 -8.64 9.17
N SER B 394 -20.40 -9.42 9.99
CA SER B 394 -19.05 -9.07 10.39
C SER B 394 -18.09 -8.95 9.19
N VAL B 395 -18.06 -9.98 8.35
CA VAL B 395 -17.18 -10.02 7.22
C VAL B 395 -17.49 -8.87 6.25
N ILE B 396 -18.77 -8.56 6.08
CA ILE B 396 -19.21 -7.55 5.13
C ILE B 396 -19.16 -6.11 5.69
N ALA B 397 -19.57 -5.95 6.94
CA ALA B 397 -19.77 -4.63 7.53
C ALA B 397 -18.51 -4.00 8.12
N LYS B 398 -17.45 -4.77 8.34
CA LYS B 398 -16.21 -4.20 8.83
C LYS B 398 -15.39 -3.60 7.70
N MET B 399 -15.90 -3.68 6.48
CA MET B 399 -15.15 -3.24 5.31
C MET B 399 -15.35 -1.76 5.01
N ASN B 400 -14.26 -0.99 5.19
CA ASN B 400 -14.27 0.46 5.09
C ASN B 400 -14.13 0.95 3.64
N THR B 401 -15.18 1.60 3.14
CA THR B 401 -15.25 1.97 1.72
C THR B 401 -15.38 3.48 1.48
N GLN B 402 -14.24 4.16 1.35
CA GLN B 402 -14.23 5.54 0.91
C GLN B 402 -14.39 5.62 -0.60
N PHE B 403 -14.63 6.82 -1.12
CA PHE B 403 -14.74 7.05 -2.55
C PHE B 403 -13.34 7.20 -3.11
N GLU B 404 -13.01 6.47 -4.17
CA GLU B 404 -11.69 6.57 -4.80
C GLU B 404 -11.81 6.60 -6.33
N ALA B 405 -10.73 7.00 -7.01
CA ALA B 405 -10.71 7.08 -8.47
C ALA B 405 -9.95 5.95 -9.19
N VAL B 406 -8.88 5.44 -8.59
CA VAL B 406 -8.08 4.37 -9.21
C VAL B 406 -7.35 4.84 -10.48
N GLY B 407 -8.04 4.90 -11.61
CA GLY B 407 -7.40 5.31 -12.84
C GLY B 407 -6.55 6.59 -12.72
N LYS B 408 -5.36 6.57 -13.31
CA LYS B 408 -4.43 7.70 -13.22
C LYS B 408 -3.76 8.03 -14.54
N GLU B 409 -3.42 9.31 -14.72
CA GLU B 409 -2.80 9.81 -15.95
C GLU B 409 -1.34 10.19 -15.78
N PHE B 410 -0.50 9.74 -16.71
CA PHE B 410 0.92 10.10 -16.73
C PHE B 410 1.43 10.37 -18.15
N SER B 411 2.32 11.35 -18.31
CA SER B 411 2.96 11.62 -19.61
C SER B 411 3.98 10.53 -19.96
N ASN B 412 4.50 10.56 -21.17
CA ASN B 412 5.47 9.56 -21.63
C ASN B 412 6.81 9.69 -20.88
N LEU B 413 7.01 10.82 -20.22
CA LEU B 413 8.22 11.03 -19.44
C LEU B 413 8.00 10.84 -17.96
N GLU B 414 6.94 10.12 -17.60
CA GLU B 414 6.65 9.81 -16.21
C GLU B 414 6.48 8.32 -16.06
N ARG B 415 7.22 7.55 -16.83
CA ARG B 415 7.11 6.10 -16.75
C ARG B 415 7.35 5.58 -15.33
N ARG B 416 8.37 6.12 -14.65
CA ARG B 416 8.72 5.63 -13.32
C ARG B 416 7.57 5.86 -12.35
N LEU B 417 6.96 7.02 -12.42
CA LEU B 417 5.81 7.36 -11.61
C LEU B 417 4.63 6.44 -11.89
N GLU B 418 4.33 6.22 -13.17
CA GLU B 418 3.25 5.33 -13.55
C GLU B 418 3.52 3.92 -13.00
N ASN B 419 4.79 3.55 -13.00
CA ASN B 419 5.19 2.24 -12.53
C ASN B 419 5.09 2.15 -11.00
N LEU B 420 5.22 3.28 -10.33
CA LEU B 420 5.14 3.32 -8.88
C LEU B 420 3.70 3.06 -8.51
N ASN B 421 2.80 3.80 -9.14
CA ASN B 421 1.38 3.60 -9.00
C ASN B 421 0.94 2.17 -9.31
N LYS B 422 1.50 1.56 -10.36
CA LYS B 422 1.19 0.18 -10.67
C LYS B 422 1.66 -0.79 -9.58
N LYS B 423 2.85 -0.56 -9.07
CA LYS B 423 3.42 -1.38 -8.01
C LYS B 423 2.52 -1.28 -6.77
N MET B 424 1.96 -0.11 -6.54
CA MET B 424 1.10 0.09 -5.40
C MET B 424 -0.24 -0.62 -5.60
N GLU B 425 -0.92 -0.35 -6.72
CA GLU B 425 -2.23 -0.95 -6.97
C GLU B 425 -2.13 -2.49 -6.92
N ASP B 426 -1.02 -3.01 -7.41
CA ASP B 426 -0.79 -4.45 -7.44
C ASP B 426 -0.51 -5.00 -6.05
N GLY B 427 0.28 -4.27 -5.26
CA GLY B 427 0.62 -4.69 -3.92
C GLY B 427 -0.68 -4.87 -3.15
N PHE B 428 -1.59 -3.92 -3.29
CA PHE B 428 -2.86 -3.99 -2.61
C PHE B 428 -3.77 -5.11 -3.12
N LEU B 429 -3.76 -5.32 -4.44
CA LEU B 429 -4.50 -6.42 -5.07
C LEU B 429 -4.06 -7.74 -4.45
N ASP B 430 -2.75 -7.95 -4.34
CA ASP B 430 -2.20 -9.17 -3.76
C ASP B 430 -2.60 -9.33 -2.29
N VAL B 431 -2.52 -8.26 -1.50
CA VAL B 431 -2.94 -8.31 -0.12
C VAL B 431 -4.42 -8.70 0.04
N TRP B 432 -5.31 -7.98 -0.64
CA TRP B 432 -6.75 -8.21 -0.49
C TRP B 432 -7.14 -9.57 -0.99
N THR B 433 -6.50 -10.01 -2.06
CA THR B 433 -6.79 -11.31 -2.62
C THR B 433 -6.49 -12.42 -1.62
N TYR B 434 -5.26 -12.45 -1.15
CA TYR B 434 -4.81 -13.43 -0.18
C TYR B 434 -5.68 -13.44 1.05
N ASN B 435 -5.90 -12.27 1.65
CA ASN B 435 -6.66 -12.17 2.89
C ASN B 435 -8.10 -12.62 2.76
N ALA B 436 -8.74 -12.30 1.64
CA ALA B 436 -10.12 -12.71 1.41
C ALA B 436 -10.20 -14.22 1.19
N GLU B 437 -9.31 -14.75 0.37
CA GLU B 437 -9.30 -16.17 0.02
C GLU B 437 -9.17 -17.01 1.27
N LEU B 438 -8.25 -16.61 2.15
CA LEU B 438 -7.92 -17.32 3.37
C LEU B 438 -8.93 -17.02 4.46
N LEU B 439 -9.54 -15.86 4.42
CA LEU B 439 -10.60 -15.53 5.36
C LEU B 439 -11.73 -16.50 5.13
N VAL B 440 -12.14 -16.60 3.87
CA VAL B 440 -13.18 -17.50 3.46
C VAL B 440 -12.86 -18.94 3.85
N LEU B 441 -11.62 -19.35 3.66
CA LEU B 441 -11.28 -20.74 3.95
C LEU B 441 -11.37 -21.04 5.44
N MET B 442 -10.79 -20.17 6.26
CA MET B 442 -10.78 -20.39 7.69
C MET B 442 -12.15 -20.24 8.31
N GLU B 443 -12.93 -19.24 7.89
CA GLU B 443 -14.27 -19.06 8.45
C GLU B 443 -15.23 -20.15 8.00
N ASN B 444 -14.92 -20.83 6.90
CA ASN B 444 -15.71 -21.97 6.48
C ASN B 444 -15.44 -23.17 7.39
N GLU B 445 -14.17 -23.38 7.73
CA GLU B 445 -13.84 -24.49 8.60
C GLU B 445 -14.58 -24.34 9.94
N ARG B 446 -14.74 -23.11 10.40
CA ARG B 446 -15.32 -22.89 11.72
C ARG B 446 -16.82 -22.87 11.66
N THR B 447 -17.35 -22.39 10.55
CA THR B 447 -18.79 -22.50 10.35
C THR B 447 -19.31 -23.92 10.41
N LEU B 448 -18.68 -24.83 9.68
CA LEU B 448 -19.06 -26.24 9.73
C LEU B 448 -18.95 -26.78 11.16
N ASP B 449 -17.80 -26.56 11.81
CA ASP B 449 -17.56 -27.11 13.14
C ASP B 449 -18.50 -26.50 14.17
N PHE B 450 -19.01 -25.31 13.87
CA PHE B 450 -20.02 -24.66 14.71
C PHE B 450 -21.32 -25.45 14.69
N HIS B 451 -21.84 -25.70 13.48
CA HIS B 451 -22.99 -26.56 13.32
C HIS B 451 -22.74 -27.92 13.97
N ASP B 452 -21.57 -28.49 13.77
CA ASP B 452 -21.23 -29.77 14.39
C ASP B 452 -21.40 -29.69 15.90
N SER B 453 -20.80 -28.66 16.50
CA SER B 453 -20.86 -28.41 17.92
C SER B 453 -22.29 -28.29 18.42
N ASN B 454 -23.11 -27.54 17.67
CA ASN B 454 -24.51 -27.34 18.07
C ASN B 454 -25.27 -28.67 18.12
N VAL B 455 -25.06 -29.53 17.13
CA VAL B 455 -25.71 -30.83 17.10
C VAL B 455 -25.23 -31.70 18.26
N LYS B 456 -23.92 -31.72 18.52
CA LYS B 456 -23.41 -32.53 19.62
C LYS B 456 -23.92 -32.07 20.97
N ASN B 457 -23.99 -30.75 21.19
CA ASN B 457 -24.52 -30.25 22.45
C ASN B 457 -26.02 -30.52 22.59
N LEU B 458 -26.76 -30.52 21.49
CA LEU B 458 -28.15 -30.90 21.56
C LEU B 458 -28.29 -32.36 21.99
N TYR B 459 -27.50 -33.24 21.40
CA TYR B 459 -27.56 -34.63 21.76
C TYR B 459 -27.31 -34.76 23.26
N ASP B 460 -26.32 -34.03 23.76
CA ASP B 460 -25.94 -34.13 25.17
C ASP B 460 -26.93 -33.54 26.15
N LYS B 461 -27.67 -32.53 25.72
CA LYS B 461 -28.76 -31.96 26.50
C LYS B 461 -29.88 -32.96 26.76
N VAL B 462 -30.00 -33.97 25.90
CA VAL B 462 -31.04 -34.96 26.06
C VAL B 462 -30.49 -36.07 26.92
N ARG B 463 -29.27 -36.50 26.61
CA ARG B 463 -28.62 -37.55 27.40
C ARG B 463 -28.51 -37.21 28.87
N MET B 464 -28.09 -35.99 29.19
CA MET B 464 -27.92 -35.59 30.57
C MET B 464 -29.28 -35.42 31.25
N GLN B 465 -30.32 -35.27 30.44
CA GLN B 465 -31.67 -35.05 30.94
C GLN B 465 -32.43 -36.35 31.27
N LEU B 466 -32.16 -37.42 30.50
CA LEU B 466 -32.84 -38.69 30.68
C LEU B 466 -32.07 -39.63 31.60
N ARG B 467 -30.75 -39.59 31.50
CA ARG B 467 -29.88 -40.49 32.25
C ARG B 467 -30.32 -41.95 32.14
N ASP B 468 -30.77 -42.55 33.24
CA ASP B 468 -31.16 -43.98 33.26
C ASP B 468 -32.44 -44.23 32.51
N ASN B 469 -33.34 -43.25 32.48
CA ASN B 469 -34.67 -43.45 31.91
C ASN B 469 -34.67 -43.87 30.43
N VAL B 470 -33.50 -43.76 29.78
CA VAL B 470 -33.33 -44.19 28.39
C VAL B 470 -31.96 -44.83 28.11
N LYS B 471 -31.88 -45.50 26.96
CA LYS B 471 -30.70 -46.23 26.53
C LYS B 471 -30.03 -45.53 25.32
N GLU B 472 -28.72 -45.34 25.37
CA GLU B 472 -28.04 -44.71 24.23
C GLU B 472 -27.91 -45.75 23.15
N LEU B 473 -28.58 -45.48 22.03
CA LEU B 473 -28.86 -46.50 21.03
C LEU B 473 -27.83 -46.74 19.95
N GLY B 474 -27.20 -45.68 19.45
CA GLY B 474 -26.25 -45.86 18.38
C GLY B 474 -26.04 -44.61 17.56
N ASN B 475 -27.08 -44.16 16.86
CA ASN B 475 -26.85 -42.99 16.03
C ASN B 475 -27.76 -41.79 16.33
N GLY B 476 -27.53 -41.20 17.50
CA GLY B 476 -28.27 -40.03 17.97
C GLY B 476 -29.65 -40.40 18.46
N CYS B 477 -29.81 -41.65 18.87
CA CYS B 477 -31.11 -42.15 19.25
C CYS B 477 -31.20 -42.61 20.68
N PHE B 478 -32.31 -42.25 21.31
CA PHE B 478 -32.62 -42.74 22.65
C PHE B 478 -33.87 -43.62 22.65
N GLU B 479 -33.77 -44.79 23.25
CA GLU B 479 -34.91 -45.68 23.45
C GLU B 479 -35.34 -45.55 24.90
N PHE B 480 -36.57 -45.10 25.14
CA PHE B 480 -37.07 -44.95 26.51
C PHE B 480 -37.28 -46.32 27.20
N TYR B 481 -37.01 -46.36 28.50
CA TYR B 481 -37.43 -47.48 29.33
C TYR B 481 -38.75 -47.11 29.99
N HIS B 482 -39.64 -46.48 29.23
CA HIS B 482 -40.99 -46.18 29.72
C HIS B 482 -41.84 -45.57 28.60
N LYS B 483 -43.15 -45.51 28.84
CA LYS B 483 -44.07 -45.01 27.84
C LYS B 483 -43.98 -43.50 27.81
N CYS B 484 -43.95 -42.93 26.62
CA CYS B 484 -43.76 -41.50 26.49
C CYS B 484 -44.66 -40.93 25.40
N ASP B 485 -45.76 -40.33 25.82
CA ASP B 485 -46.72 -39.73 24.90
C ASP B 485 -46.32 -38.33 24.37
N ASP B 486 -47.10 -37.81 23.44
CA ASP B 486 -46.79 -36.52 22.81
C ASP B 486 -46.89 -35.32 23.76
N GLU B 487 -47.00 -35.60 25.06
CA GLU B 487 -46.91 -34.55 26.07
C GLU B 487 -45.58 -34.70 26.78
N CYS B 488 -45.22 -35.94 27.05
CA CYS B 488 -43.93 -36.27 27.65
C CYS B 488 -42.78 -35.91 26.71
N MET B 489 -42.89 -36.32 25.45
CA MET B 489 -41.94 -35.90 24.43
C MET B 489 -41.71 -34.43 24.63
N ASN B 490 -42.81 -33.68 24.63
CA ASN B 490 -42.76 -32.22 24.69
C ASN B 490 -41.85 -31.72 25.80
N SER B 491 -41.96 -32.32 26.98
CA SER B 491 -41.12 -31.89 28.08
C SER B 491 -39.65 -32.08 27.73
N VAL B 492 -39.32 -33.14 27.01
CA VAL B 492 -37.94 -33.35 26.57
C VAL B 492 -37.47 -32.25 25.61
N LYS B 493 -38.18 -32.12 24.49
CA LYS B 493 -37.87 -31.11 23.48
C LYS B 493 -37.71 -29.72 24.09
N ASN B 494 -38.57 -29.38 25.05
CA ASN B 494 -38.49 -28.04 25.66
C ASN B 494 -37.79 -28.02 27.02
N GLY B 495 -36.82 -28.91 27.20
CA GLY B 495 -35.96 -28.88 28.37
C GLY B 495 -36.52 -29.20 29.75
N THR B 496 -37.84 -29.34 29.88
CA THR B 496 -38.45 -29.53 31.18
C THR B 496 -38.73 -30.98 31.59
N TYR B 497 -38.00 -31.94 31.01
CA TYR B 497 -38.30 -33.36 31.30
C TYR B 497 -38.14 -33.65 32.78
N ASP B 498 -39.14 -34.30 33.37
CA ASP B 498 -39.07 -34.73 34.76
C ASP B 498 -38.61 -36.17 34.89
N TYR B 499 -37.41 -36.35 35.44
CA TYR B 499 -36.84 -37.67 35.66
C TYR B 499 -37.60 -38.44 36.74
N PRO B 500 -37.63 -37.90 37.99
CA PRO B 500 -38.23 -38.63 39.12
C PRO B 500 -39.54 -39.32 38.75
N LYS B 501 -40.45 -38.62 38.08
CA LYS B 501 -41.74 -39.20 37.73
C LYS B 501 -41.64 -40.62 37.19
N TYR B 502 -40.77 -40.80 36.21
CA TYR B 502 -40.76 -42.03 35.42
C TYR B 502 -39.80 -43.11 35.93
N GLU B 503 -39.95 -43.51 37.18
CA GLU B 503 -39.22 -44.67 37.68
C GLU B 503 -39.89 -45.97 37.28
N GLU B 504 -39.96 -46.21 35.98
CA GLU B 504 -40.21 -47.54 35.46
C GLU B 504 -38.86 -48.03 34.99
N GLU B 505 -38.48 -49.21 35.44
CA GLU B 505 -37.26 -49.82 34.98
C GLU B 505 -37.59 -51.12 34.31
N SER B 506 -38.14 -51.02 33.11
CA SER B 506 -38.25 -52.19 32.26
C SER B 506 -36.82 -52.58 31.90
N LYS B 507 -35.85 -51.94 32.56
CA LYS B 507 -34.44 -52.28 32.43
C LYS B 507 -34.23 -53.77 32.73
N GLN C 17 -8.54 -55.60 27.25
CA GLN C 17 -8.10 -54.22 27.43
C GLN C 17 -7.76 -53.56 26.09
N ILE C 18 -8.53 -52.54 25.73
CA ILE C 18 -8.23 -51.76 24.54
C ILE C 18 -7.84 -50.34 24.95
N CYS C 19 -6.90 -49.74 24.22
CA CYS C 19 -6.36 -48.42 24.54
C CYS C 19 -6.25 -47.53 23.31
N ILE C 20 -6.71 -46.29 23.41
CA ILE C 20 -6.54 -45.34 22.31
C ILE C 20 -5.28 -44.50 22.46
N GLY C 21 -4.43 -44.48 21.44
CA GLY C 21 -3.15 -43.80 21.54
C GLY C 21 -2.80 -42.89 20.38
N TYR C 22 -1.60 -42.31 20.44
CA TYR C 22 -1.16 -41.38 19.42
C TYR C 22 0.35 -41.29 19.28
N HIS C 23 0.81 -40.96 18.08
CA HIS C 23 2.21 -40.99 17.70
C HIS C 23 3.12 -40.05 18.49
N ALA C 24 4.36 -40.48 18.69
CA ALA C 24 5.39 -39.71 19.37
C ALA C 24 6.72 -40.17 18.76
N ASN C 25 7.75 -39.33 18.86
CA ASN C 25 9.05 -39.67 18.26
C ASN C 25 10.24 -38.86 18.81
N ASN C 26 11.36 -38.89 18.10
CA ASN C 26 12.57 -38.21 18.57
C ASN C 26 12.76 -36.81 17.99
N SER C 27 11.69 -36.26 17.44
CA SER C 27 11.73 -34.92 16.85
C SER C 27 11.90 -33.83 17.89
N THR C 28 12.88 -32.97 17.66
CA THR C 28 13.13 -31.81 18.52
C THR C 28 12.62 -30.55 17.83
N GLU C 29 11.81 -30.74 16.80
CA GLU C 29 11.25 -29.66 16.00
C GLU C 29 10.26 -28.85 16.82
N LYS C 30 10.41 -27.53 16.80
CA LYS C 30 9.62 -26.63 17.66
C LYS C 30 8.74 -25.64 16.88
N VAL C 31 7.53 -25.41 17.38
CA VAL C 31 6.63 -24.42 16.81
C VAL C 31 6.07 -23.49 17.86
N ASP C 32 5.51 -22.36 17.42
CA ASP C 32 4.82 -21.46 18.33
C ASP C 32 3.35 -21.41 17.94
N THR C 33 2.48 -21.06 18.89
CA THR C 33 1.06 -20.91 18.61
C THR C 33 0.57 -19.62 19.28
N ILE C 34 -0.67 -19.23 19.06
CA ILE C 34 -1.18 -18.07 19.76
C ILE C 34 -1.07 -18.28 21.26
N LEU C 35 -1.28 -19.53 21.70
CA LEU C 35 -1.38 -19.85 23.13
C LEU C 35 -0.10 -20.31 23.83
N GLU C 36 0.77 -21.03 23.14
CA GLU C 36 2.00 -21.48 23.80
C GLU C 36 3.23 -21.27 22.93
N ARG C 37 4.39 -21.37 23.55
CA ARG C 37 5.65 -21.18 22.87
C ARG C 37 6.46 -22.44 22.92
N ASN C 38 7.40 -22.59 21.98
CA ASN C 38 8.35 -23.68 22.06
C ASN C 38 7.67 -25.03 22.27
N VAL C 39 6.59 -25.28 21.56
CA VAL C 39 5.91 -26.56 21.62
C VAL C 39 6.69 -27.56 20.78
N THR C 40 7.15 -28.65 21.37
CA THR C 40 7.78 -29.67 20.55
C THR C 40 6.69 -30.34 19.72
N VAL C 41 6.96 -30.52 18.44
CA VAL C 41 5.98 -31.05 17.52
C VAL C 41 6.55 -32.22 16.77
N THR C 42 5.68 -33.09 16.28
CA THR C 42 6.08 -34.34 15.64
C THR C 42 6.75 -34.14 14.27
N HIS C 43 6.09 -33.42 13.36
CA HIS C 43 6.69 -33.02 12.09
C HIS C 43 6.35 -31.57 11.76
N ALA C 44 7.23 -30.90 11.04
CA ALA C 44 7.03 -29.48 10.72
C ALA C 44 7.44 -29.12 9.29
N LYS C 45 6.82 -28.08 8.73
CA LYS C 45 7.29 -27.55 7.46
C LYS C 45 7.59 -26.08 7.60
N ASP C 46 8.77 -25.66 7.16
CA ASP C 46 9.07 -24.24 7.08
C ASP C 46 8.51 -23.71 5.77
N ILE C 47 7.79 -22.60 5.84
CA ILE C 47 7.23 -21.98 4.65
C ILE C 47 7.93 -20.66 4.35
N LEU C 48 9.10 -20.46 4.95
CA LEU C 48 9.92 -19.27 4.68
C LEU C 48 11.17 -19.67 3.92
N GLU C 49 11.37 -19.06 2.77
CA GLU C 49 12.50 -19.39 1.91
C GLU C 49 13.72 -18.53 2.26
N LYS C 50 14.87 -19.15 2.51
CA LYS C 50 16.10 -18.40 2.80
C LYS C 50 17.38 -18.84 2.10
N THR C 51 17.30 -19.84 1.24
CA THR C 51 18.44 -20.23 0.41
C THR C 51 18.41 -19.58 -0.97
N HIS C 52 19.57 -19.18 -1.44
CA HIS C 52 19.75 -18.67 -2.79
C HIS C 52 21.01 -19.30 -3.39
N ASN C 53 21.09 -19.36 -4.71
CA ASN C 53 22.21 -20.05 -5.33
C ASN C 53 23.46 -19.20 -5.56
N GLY C 54 23.46 -17.99 -5.02
CA GLY C 54 24.63 -17.13 -5.04
C GLY C 54 25.09 -16.68 -6.41
N LYS C 55 24.42 -17.17 -7.45
CA LYS C 55 24.75 -16.82 -8.82
C LYS C 55 23.90 -15.67 -9.34
N LEU C 56 24.45 -14.91 -10.28
CA LEU C 56 23.67 -13.96 -11.06
C LEU C 56 23.26 -14.66 -12.37
N CYS C 57 21.97 -14.66 -12.67
CA CYS C 57 21.44 -15.56 -13.70
C CYS C 57 20.70 -14.86 -14.81
N ARG C 58 20.30 -15.62 -15.82
CA ARG C 58 19.42 -15.09 -16.86
C ARG C 58 17.97 -15.32 -16.47
N LEU C 59 17.09 -14.45 -16.94
CA LEU C 59 15.74 -14.38 -16.43
C LEU C 59 14.76 -14.95 -17.44
N SER C 60 14.36 -16.21 -17.24
CA SER C 60 13.37 -16.86 -18.10
C SER C 60 13.85 -16.90 -19.55
N GLY C 61 15.09 -17.32 -19.74
CA GLY C 61 15.65 -17.48 -21.06
C GLY C 61 16.57 -16.34 -21.48
N ILE C 62 16.34 -15.17 -20.90
CA ILE C 62 16.98 -13.95 -21.37
C ILE C 62 18.00 -13.39 -20.37
N PRO C 63 19.20 -13.01 -20.87
CA PRO C 63 20.29 -12.50 -20.03
C PRO C 63 20.03 -11.06 -19.56
N PRO C 64 20.84 -10.58 -18.59
CA PRO C 64 20.88 -9.15 -18.27
C PRO C 64 21.89 -8.46 -19.18
N LEU C 65 21.61 -7.21 -19.52
CA LEU C 65 22.60 -6.32 -20.11
C LEU C 65 23.63 -6.05 -19.02
N GLU C 66 24.90 -6.37 -19.27
CA GLU C 66 25.91 -6.25 -18.23
C GLU C 66 26.88 -5.10 -18.44
N LEU C 67 26.73 -4.04 -17.64
CA LEU C 67 27.49 -2.82 -17.85
C LEU C 67 28.94 -2.77 -17.34
N GLY C 68 29.45 -3.88 -16.80
CA GLY C 68 30.77 -3.86 -16.21
C GLY C 68 30.81 -2.71 -15.22
N ASP C 69 31.76 -1.80 -15.37
CA ASP C 69 31.65 -0.54 -14.63
C ASP C 69 31.52 0.71 -15.52
N CYS C 70 30.66 0.60 -16.53
CA CYS C 70 30.15 1.76 -17.22
C CYS C 70 28.82 2.13 -16.62
N SER C 71 28.35 3.32 -16.97
CA SER C 71 27.00 3.73 -16.65
C SER C 71 26.26 3.66 -17.96
N ILE C 72 24.94 3.67 -17.92
CA ILE C 72 24.18 3.66 -19.16
C ILE C 72 24.54 4.84 -20.08
N ALA C 73 24.63 6.04 -19.49
CA ALA C 73 25.06 7.22 -20.23
C ALA C 73 26.39 6.95 -20.92
N GLY C 74 27.35 6.45 -20.16
CA GLY C 74 28.65 6.13 -20.74
C GLY C 74 28.52 5.20 -21.93
N TRP C 75 27.72 4.15 -21.78
CA TRP C 75 27.55 3.13 -22.81
C TRP C 75 26.89 3.67 -24.07
N LEU C 76 25.82 4.44 -23.91
CA LEU C 76 25.05 4.93 -25.05
C LEU C 76 25.81 5.98 -25.86
N LEU C 77 26.61 6.76 -25.15
CA LEU C 77 27.34 7.85 -25.74
C LEU C 77 28.58 7.34 -26.47
N GLY C 78 29.11 6.22 -25.99
CA GLY C 78 30.33 5.66 -26.54
C GLY C 78 31.57 6.18 -25.83
N ASN C 79 31.56 6.17 -24.51
CA ASN C 79 32.77 6.38 -23.76
C ASN C 79 33.78 5.34 -24.23
N PRO C 80 35.00 5.79 -24.55
CA PRO C 80 36.12 4.93 -24.94
C PRO C 80 36.40 3.79 -23.97
N GLU C 81 35.94 3.91 -22.73
CA GLU C 81 36.14 2.85 -21.75
C GLU C 81 35.02 1.81 -21.79
N CYS C 82 34.29 1.76 -22.90
CA CYS C 82 33.17 0.83 -23.02
C CYS C 82 33.25 0.08 -24.33
N ASP C 83 34.37 0.27 -25.03
CA ASP C 83 34.59 -0.37 -26.33
C ASP C 83 34.42 -1.88 -26.21
N ARG C 84 35.03 -2.45 -25.19
CA ARG C 84 35.05 -3.89 -25.01
C ARG C 84 33.89 -4.34 -24.14
N LEU C 85 32.67 -3.96 -24.48
CA LEU C 85 31.55 -4.14 -23.56
C LEU C 85 30.59 -5.29 -23.85
N LEU C 86 30.62 -5.86 -25.05
CA LEU C 86 29.75 -7.00 -25.36
C LEU C 86 28.25 -6.67 -25.21
N SER C 87 27.61 -6.25 -26.30
CA SER C 87 26.20 -5.94 -26.20
C SER C 87 25.35 -7.02 -26.84
N VAL C 88 24.44 -7.57 -26.04
CA VAL C 88 23.46 -8.51 -26.54
C VAL C 88 22.34 -7.69 -27.17
N PRO C 89 21.50 -8.33 -27.99
CA PRO C 89 20.42 -7.62 -28.67
C PRO C 89 19.15 -7.61 -27.85
N GLU C 90 19.08 -8.40 -26.79
CA GLU C 90 17.81 -8.65 -26.11
C GLU C 90 17.68 -8.19 -24.63
N TRP C 91 18.49 -8.74 -23.73
CA TRP C 91 18.42 -8.46 -22.28
C TRP C 91 17.07 -8.26 -21.52
N SER C 92 17.01 -8.83 -20.31
CA SER C 92 15.78 -8.81 -19.51
C SER C 92 15.89 -7.94 -18.27
N TYR C 93 17.10 -7.63 -17.85
CA TYR C 93 17.31 -6.63 -16.83
C TYR C 93 18.74 -6.12 -16.90
N ILE C 94 19.06 -5.07 -16.15
CA ILE C 94 20.38 -4.46 -16.27
C ILE C 94 21.22 -4.66 -15.01
N VAL C 95 22.50 -4.91 -15.20
CA VAL C 95 23.43 -4.98 -14.10
C VAL C 95 24.42 -3.83 -14.16
N GLU C 96 24.40 -2.99 -13.13
CA GLU C 96 25.23 -1.79 -13.05
C GLU C 96 25.83 -1.82 -11.65
N LYS C 97 27.02 -1.28 -11.46
CA LYS C 97 27.58 -1.17 -10.11
C LYS C 97 26.89 -0.04 -9.37
N GLU C 98 26.77 -0.14 -8.06
CA GLU C 98 26.08 0.91 -7.31
C GLU C 98 26.64 2.28 -7.69
N ASN C 99 27.81 2.27 -8.34
CA ASN C 99 28.59 3.48 -8.52
C ASN C 99 29.68 3.35 -9.60
N PRO C 100 29.32 3.54 -10.88
CA PRO C 100 30.26 3.23 -11.97
C PRO C 100 31.33 4.29 -12.19
N THR C 101 32.50 3.87 -12.66
CA THR C 101 33.64 4.77 -12.84
C THR C 101 33.67 5.45 -14.19
N ASN C 102 32.89 4.95 -15.13
CA ASN C 102 32.96 5.39 -16.51
C ASN C 102 31.64 5.89 -17.07
N GLY C 103 31.36 7.17 -16.88
CA GLY C 103 30.14 7.74 -17.42
C GLY C 103 30.48 8.89 -18.33
N LEU C 104 29.96 10.06 -17.98
CA LEU C 104 30.32 11.29 -18.66
C LEU C 104 31.79 11.63 -18.40
N CYS C 105 32.68 11.01 -19.17
CA CYS C 105 34.11 11.29 -19.07
C CYS C 105 34.38 12.79 -19.23
N TYR C 106 33.63 13.42 -20.13
CA TYR C 106 33.60 14.88 -20.21
C TYR C 106 32.41 15.32 -19.37
N PRO C 107 32.61 16.30 -18.47
CA PRO C 107 31.59 16.58 -17.47
C PRO C 107 30.29 17.16 -18.03
N GLY C 108 29.18 16.81 -17.38
CA GLY C 108 27.89 17.38 -17.68
C GLY C 108 26.74 16.63 -17.03
N SER C 109 25.52 16.85 -17.55
CA SER C 109 24.35 16.15 -17.05
C SER C 109 23.62 15.51 -18.23
N PHE C 110 22.60 14.73 -17.91
CA PHE C 110 21.79 14.02 -18.89
C PHE C 110 20.34 14.31 -18.47
N ASN C 111 19.63 15.15 -19.22
CA ASN C 111 18.23 15.46 -18.93
C ASN C 111 17.34 14.23 -18.85
N ASP C 112 16.51 14.17 -17.81
CA ASP C 112 15.55 13.07 -17.67
C ASP C 112 16.29 11.76 -17.71
N TYR C 113 17.35 11.66 -16.92
CA TYR C 113 18.22 10.51 -16.97
C TYR C 113 17.56 9.23 -16.43
N GLU C 114 16.91 9.31 -15.27
CA GLU C 114 16.23 8.16 -14.68
C GLU C 114 15.11 7.60 -15.59
N GLU C 115 14.38 8.50 -16.24
CA GLU C 115 13.40 8.10 -17.25
C GLU C 115 14.05 7.30 -18.36
N LEU C 116 15.23 7.72 -18.79
CA LEU C 116 15.91 7.01 -19.86
C LEU C 116 16.30 5.61 -19.42
N LYS C 117 16.90 5.49 -18.24
CA LYS C 117 17.34 4.19 -17.76
C LYS C 117 16.17 3.24 -17.54
N HIS C 118 15.05 3.80 -17.11
CA HIS C 118 13.91 2.99 -16.85
C HIS C 118 13.35 2.43 -18.14
N LEU C 119 13.49 3.20 -19.20
CA LEU C 119 13.01 2.82 -20.51
C LEU C 119 13.84 1.66 -21.09
N LEU C 120 15.14 1.67 -20.79
CA LEU C 120 16.12 0.66 -21.27
C LEU C 120 16.28 -0.53 -20.33
N THR C 121 15.50 -0.56 -19.26
CA THR C 121 15.56 -1.59 -18.24
C THR C 121 15.39 -3.01 -18.81
N SER C 122 14.55 -3.12 -19.83
CA SER C 122 14.25 -4.38 -20.46
C SER C 122 13.84 -4.08 -21.90
N VAL C 123 14.29 -4.89 -22.84
CA VAL C 123 14.21 -4.55 -24.26
C VAL C 123 13.95 -5.79 -25.16
N THR C 124 13.33 -5.63 -26.34
CA THR C 124 12.99 -6.83 -27.10
C THR C 124 14.13 -7.69 -27.64
N HIS C 125 15.09 -7.26 -28.48
CA HIS C 125 15.26 -6.13 -29.43
C HIS C 125 15.78 -4.69 -29.19
N PHE C 126 17.02 -4.50 -29.66
CA PHE C 126 17.77 -3.25 -29.54
C PHE C 126 19.05 -3.30 -30.39
N GLU C 127 19.09 -2.55 -31.49
CA GLU C 127 20.30 -2.47 -32.30
C GLU C 127 20.69 -1.04 -32.66
N LYS C 128 21.97 -0.84 -32.93
CA LYS C 128 22.48 0.49 -33.17
C LYS C 128 22.60 0.79 -34.67
N ILE C 129 21.94 1.84 -35.15
CA ILE C 129 22.01 2.19 -36.56
C ILE C 129 22.82 3.44 -36.76
N LYS C 130 23.43 3.60 -37.93
CA LYS C 130 24.13 4.85 -38.28
C LYS C 130 23.20 5.79 -39.06
N ILE C 131 22.69 6.82 -38.38
CA ILE C 131 21.69 7.73 -38.97
C ILE C 131 22.29 9.01 -39.58
N LEU C 132 23.43 9.46 -39.06
CA LEU C 132 24.05 10.70 -39.54
C LEU C 132 25.58 10.61 -39.59
N PRO C 133 26.13 9.98 -40.64
CA PRO C 133 27.58 9.80 -40.81
C PRO C 133 28.35 11.09 -40.63
N ARG C 134 29.49 11.08 -39.93
CA ARG C 134 30.17 12.32 -39.58
C ARG C 134 30.66 13.08 -40.80
N ASP C 135 31.07 12.35 -41.83
CA ASP C 135 31.72 12.98 -42.96
C ASP C 135 30.76 13.74 -43.86
N GLN C 136 29.46 13.58 -43.62
CA GLN C 136 28.47 14.36 -44.37
C GLN C 136 28.34 15.76 -43.80
N TRP C 137 29.04 16.03 -42.70
CA TRP C 137 29.16 17.38 -42.13
C TRP C 137 30.31 18.08 -42.83
N THR C 138 30.11 18.48 -44.07
CA THR C 138 31.22 18.94 -44.91
C THR C 138 31.74 20.36 -44.58
N GLN C 139 30.84 21.27 -44.22
CA GLN C 139 31.21 22.64 -43.87
C GLN C 139 31.77 22.81 -42.46
N HIS C 140 32.07 21.71 -41.77
CA HIS C 140 32.43 21.79 -40.35
C HIS C 140 33.61 20.90 -39.99
N THR C 141 34.23 21.16 -38.83
CA THR C 141 35.27 20.27 -38.34
C THR C 141 34.66 19.22 -37.42
N THR C 142 35.08 17.98 -37.61
CA THR C 142 34.43 16.84 -37.00
C THR C 142 35.30 16.13 -35.97
N THR C 143 36.58 16.46 -35.94
CA THR C 143 37.55 15.67 -35.19
C THR C 143 37.80 16.18 -33.77
N GLY C 144 37.04 17.19 -33.37
CA GLY C 144 37.22 17.81 -32.07
C GLY C 144 37.22 16.77 -30.97
N GLY C 145 38.28 16.75 -30.17
CA GLY C 145 38.37 15.81 -29.07
C GLY C 145 38.55 16.52 -27.75
N SER C 146 39.00 15.79 -26.74
CA SER C 146 39.27 16.39 -25.45
C SER C 146 40.19 15.50 -24.65
N ARG C 147 40.92 16.10 -23.72
CA ARG C 147 41.84 15.36 -22.86
C ARG C 147 41.06 14.57 -21.81
N ALA C 148 39.85 15.00 -21.51
CA ALA C 148 39.01 14.29 -20.57
C ALA C 148 38.64 12.89 -21.10
N CYS C 149 38.45 12.79 -22.42
CA CYS C 149 38.05 11.54 -23.04
C CYS C 149 39.20 10.87 -23.80
N ALA C 150 40.36 10.75 -23.14
CA ALA C 150 41.62 10.40 -23.82
C ALA C 150 41.89 8.90 -24.06
N VAL C 151 42.61 8.62 -25.16
CA VAL C 151 42.95 7.25 -25.56
C VAL C 151 44.47 7.03 -25.66
N SER C 152 45.09 6.70 -24.53
CA SER C 152 46.53 6.43 -24.44
C SER C 152 47.33 6.85 -25.67
N GLY C 153 47.57 8.15 -25.82
CA GLY C 153 47.09 9.14 -24.88
C GLY C 153 46.78 10.42 -25.63
N ASN C 154 46.08 10.28 -26.75
CA ASN C 154 45.65 11.43 -27.53
C ASN C 154 44.20 11.78 -27.21
N PRO C 155 43.79 13.01 -27.54
CA PRO C 155 42.43 13.45 -27.25
C PRO C 155 41.38 12.74 -28.10
N SER C 156 40.40 12.13 -27.46
CA SER C 156 39.34 11.44 -28.18
C SER C 156 37.99 12.03 -27.81
N PHE C 157 36.95 11.22 -27.88
CA PHE C 157 35.60 11.68 -27.59
C PHE C 157 34.60 10.53 -27.69
N PHE C 158 33.45 10.72 -27.07
CA PHE C 158 32.36 9.77 -27.15
C PHE C 158 32.24 9.20 -28.56
N ARG C 159 32.44 7.90 -28.71
CA ARG C 159 32.53 7.30 -30.04
C ARG C 159 31.27 7.46 -30.89
N ASN C 160 30.13 7.62 -30.23
CA ASN C 160 28.86 7.73 -30.94
C ASN C 160 28.43 9.16 -31.28
N MET C 161 29.18 10.14 -30.81
CA MET C 161 28.78 11.52 -31.00
C MET C 161 29.79 12.27 -31.85
N VAL C 162 29.38 13.40 -32.39
CA VAL C 162 30.24 14.22 -33.21
C VAL C 162 30.26 15.62 -32.62
N TRP C 163 31.48 16.11 -32.32
CA TRP C 163 31.69 17.46 -31.81
C TRP C 163 31.95 18.42 -32.97
N LEU C 164 30.90 19.07 -33.45
CA LEU C 164 31.01 19.98 -34.58
C LEU C 164 31.72 21.27 -34.18
N THR C 165 32.80 21.62 -34.87
CA THR C 165 33.48 22.87 -34.61
C THR C 165 33.75 23.60 -35.92
N LYS C 166 34.25 24.83 -35.84
CA LYS C 166 34.46 25.66 -37.02
C LYS C 166 35.58 25.14 -37.89
N LYS C 167 35.51 25.50 -39.16
CA LYS C 167 36.51 25.15 -40.14
C LYS C 167 37.12 26.48 -40.52
N GLY C 168 38.43 26.61 -40.32
CA GLY C 168 39.06 27.90 -40.47
C GLY C 168 38.46 28.86 -39.47
N SER C 169 37.92 29.96 -39.96
CA SER C 169 37.26 30.94 -39.11
C SER C 169 35.75 30.95 -39.31
N ASN C 170 35.19 29.81 -39.71
CA ASN C 170 33.77 29.76 -40.03
C ASN C 170 32.97 28.61 -39.44
N TYR C 171 31.76 28.92 -38.98
CA TYR C 171 30.80 27.92 -38.53
C TYR C 171 29.45 28.24 -39.18
N PRO C 172 29.21 27.67 -40.37
CA PRO C 172 27.96 27.83 -41.12
C PRO C 172 26.79 27.23 -40.34
N VAL C 173 25.55 27.56 -40.68
CA VAL C 173 24.45 26.90 -40.01
C VAL C 173 24.58 25.40 -40.24
N ALA C 174 24.75 24.67 -39.14
CA ALA C 174 24.75 23.22 -39.20
C ALA C 174 23.30 22.72 -39.20
N LYS C 175 22.94 21.97 -40.22
CA LYS C 175 21.55 21.65 -40.41
C LYS C 175 21.37 20.32 -41.15
N ARG C 176 20.95 19.29 -40.44
CA ARG C 176 20.64 18.01 -41.06
C ARG C 176 19.32 17.48 -40.51
N SER C 177 18.72 16.54 -41.24
CA SER C 177 17.54 15.85 -40.73
C SER C 177 17.64 14.36 -41.04
N TYR C 178 16.77 13.57 -40.42
CA TYR C 178 16.78 12.12 -40.60
C TYR C 178 15.36 11.56 -40.43
N ASN C 179 14.87 10.86 -41.46
CA ASN C 179 13.57 10.18 -41.44
C ASN C 179 13.71 8.74 -40.92
N ASN C 180 13.03 8.42 -39.82
CA ASN C 180 13.18 7.07 -39.23
C ASN C 180 12.51 6.00 -40.07
N THR C 181 13.27 5.47 -41.03
CA THR C 181 12.77 4.46 -41.97
C THR C 181 13.16 3.07 -41.47
N SER C 182 13.62 3.00 -40.23
CA SER C 182 14.16 1.76 -39.67
C SER C 182 13.07 0.76 -39.30
N GLY C 183 11.82 1.21 -39.27
CA GLY C 183 10.73 0.31 -38.94
C GLY C 183 10.46 0.10 -37.46
N GLU C 184 11.45 0.36 -36.61
CA GLU C 184 11.21 0.35 -35.16
C GLU C 184 11.24 1.76 -34.60
N GLN C 185 10.65 1.94 -33.44
CA GLN C 185 10.81 3.18 -32.67
C GLN C 185 12.32 3.41 -32.43
N MET C 186 12.77 4.66 -32.47
CA MET C 186 14.21 4.92 -32.40
C MET C 186 14.69 5.93 -31.35
N LEU C 187 15.63 5.50 -30.51
CA LEU C 187 16.26 6.36 -29.51
C LEU C 187 17.35 7.23 -30.14
N ILE C 188 17.30 8.54 -29.87
CA ILE C 188 18.31 9.46 -30.39
C ILE C 188 18.80 10.44 -29.31
N ILE C 189 20.12 10.54 -29.19
CA ILE C 189 20.69 11.43 -28.19
C ILE C 189 21.54 12.54 -28.82
N TRP C 190 21.39 13.76 -28.30
CA TRP C 190 22.19 14.89 -28.76
C TRP C 190 22.68 15.67 -27.53
N GLY C 191 23.61 16.59 -27.75
CA GLY C 191 24.14 17.38 -26.66
C GLY C 191 24.37 18.84 -27.00
N ILE C 192 24.58 19.63 -25.98
CA ILE C 192 24.95 21.02 -26.18
C ILE C 192 26.14 21.29 -25.30
N HIS C 193 27.11 22.02 -25.83
CA HIS C 193 28.36 22.31 -25.11
C HIS C 193 28.27 23.65 -24.38
N TYR C 194 28.57 23.63 -23.08
CA TYR C 194 28.62 24.83 -22.27
C TYR C 194 30.06 25.15 -21.97
N PRO C 195 30.64 26.08 -22.73
CA PRO C 195 32.05 26.44 -22.65
C PRO C 195 32.37 27.27 -21.40
N ASN C 196 33.67 27.42 -21.13
CA ASN C 196 34.15 28.04 -19.92
C ASN C 196 34.08 29.57 -19.94
N ASP C 197 34.21 30.14 -21.13
CA ASP C 197 34.20 31.60 -21.29
C ASP C 197 34.11 32.06 -22.75
N ASP C 198 33.94 33.35 -22.95
CA ASP C 198 33.75 33.92 -24.29
C ASP C 198 34.83 33.54 -25.30
N THR C 199 36.09 33.49 -24.87
CA THR C 199 37.17 33.22 -25.80
C THR C 199 37.19 31.75 -26.21
N GLU C 200 36.87 30.85 -25.29
CA GLU C 200 36.74 29.44 -25.64
C GLU C 200 35.57 29.21 -26.60
N GLN C 201 34.49 29.95 -26.39
CA GLN C 201 33.35 29.96 -27.29
C GLN C 201 33.74 30.35 -28.70
N ARG C 202 34.56 31.39 -28.82
CA ARG C 202 34.95 31.93 -30.11
C ARG C 202 35.94 31.04 -30.83
N THR C 203 36.91 30.48 -30.12
CA THR C 203 37.84 29.59 -30.82
C THR C 203 37.23 28.26 -31.27
N LEU C 204 36.05 27.92 -30.74
CA LEU C 204 35.38 26.67 -31.10
C LEU C 204 34.31 26.89 -32.17
N TYR C 205 33.53 27.96 -32.01
CA TYR C 205 32.37 28.16 -32.86
C TYR C 205 32.26 29.51 -33.56
N GLN C 206 33.23 30.40 -33.37
CA GLN C 206 33.23 31.74 -33.99
C GLN C 206 32.13 32.67 -33.49
N ASN C 207 30.89 32.30 -33.78
CA ASN C 207 29.72 33.08 -33.44
C ASN C 207 29.45 33.05 -31.94
N VAL C 208 28.69 34.02 -31.44
CA VAL C 208 28.43 34.11 -30.01
C VAL C 208 26.97 33.86 -29.61
N GLY C 209 26.03 34.47 -30.32
CA GLY C 209 24.63 34.25 -30.02
C GLY C 209 24.08 32.93 -30.58
N THR C 210 24.66 31.81 -30.14
CA THR C 210 24.31 30.53 -30.74
C THR C 210 23.12 29.83 -30.08
N TYR C 211 22.58 28.85 -30.82
CA TYR C 211 21.48 28.01 -30.34
C TYR C 211 21.58 26.62 -30.96
N VAL C 212 21.07 25.64 -30.24
CA VAL C 212 20.86 24.32 -30.80
C VAL C 212 19.34 24.08 -30.85
N SER C 213 18.84 23.71 -32.01
CA SER C 213 17.41 23.56 -32.18
C SER C 213 17.03 22.16 -32.70
N VAL C 214 16.19 21.45 -31.96
CA VAL C 214 15.79 20.10 -32.34
C VAL C 214 14.28 19.97 -32.36
N GLY C 215 13.76 19.43 -33.47
CA GLY C 215 12.34 19.30 -33.64
C GLY C 215 11.92 17.98 -34.26
N THR C 216 10.92 17.34 -33.68
CA THR C 216 10.24 16.24 -34.33
C THR C 216 8.78 16.64 -34.49
N SER C 217 7.92 15.65 -34.69
CA SER C 217 6.49 15.90 -34.76
C SER C 217 5.97 16.38 -33.43
N THR C 218 6.56 15.84 -32.36
CA THR C 218 6.07 16.10 -31.01
C THR C 218 7.10 16.79 -30.14
N LEU C 219 8.35 16.70 -30.51
CA LEU C 219 9.41 17.33 -29.75
C LEU C 219 9.72 18.65 -30.41
N ASN C 220 10.06 19.64 -29.61
CA ASN C 220 10.28 20.98 -30.12
C ASN C 220 11.11 21.74 -29.10
N LYS C 221 12.41 21.72 -29.31
CA LYS C 221 13.32 22.19 -28.28
C LYS C 221 14.37 23.16 -28.81
N ARG C 222 14.66 24.22 -28.06
CA ARG C 222 15.68 25.17 -28.47
C ARG C 222 16.56 25.48 -27.29
N SER C 223 17.85 25.20 -27.42
CA SER C 223 18.79 25.44 -26.32
C SER C 223 19.74 26.56 -26.67
N ILE C 224 20.10 27.34 -25.64
CA ILE C 224 21.11 28.40 -25.74
C ILE C 224 22.22 28.09 -24.75
N PRO C 225 23.48 28.20 -25.19
CA PRO C 225 24.67 27.89 -24.39
C PRO C 225 24.79 28.75 -23.14
N GLU C 226 25.15 28.13 -22.02
CA GLU C 226 25.34 28.86 -20.80
C GLU C 226 26.83 29.04 -20.50
N ILE C 227 27.45 30.06 -21.10
CA ILE C 227 28.87 30.38 -20.90
C ILE C 227 29.14 31.01 -19.55
N ALA C 228 29.96 30.34 -18.73
CA ALA C 228 30.19 30.75 -17.35
C ALA C 228 31.31 29.92 -16.71
N THR C 229 32.07 30.55 -15.81
CA THR C 229 33.22 29.95 -15.12
C THR C 229 32.85 28.90 -14.06
N ARG C 230 33.33 27.68 -14.20
CA ARG C 230 33.03 26.61 -13.25
C ARG C 230 34.28 25.94 -12.77
N PRO C 231 34.21 25.27 -11.61
CA PRO C 231 35.36 24.49 -11.16
C PRO C 231 35.71 23.47 -12.22
N LYS C 232 36.90 22.93 -12.18
CA LYS C 232 37.26 21.94 -13.19
C LYS C 232 36.88 20.53 -12.74
N VAL C 233 36.21 19.80 -13.61
CA VAL C 233 35.87 18.42 -13.37
C VAL C 233 36.52 17.60 -14.48
N ASN C 234 37.26 16.56 -14.11
CA ASN C 234 38.11 15.83 -15.06
C ASN C 234 38.92 16.82 -15.88
N GLY C 235 39.50 17.79 -15.19
CA GLY C 235 40.33 18.79 -15.83
C GLY C 235 39.59 19.77 -16.74
N GLN C 236 38.27 19.67 -16.79
CA GLN C 236 37.48 20.49 -17.73
C GLN C 236 36.51 21.46 -17.05
N GLY C 237 36.45 22.66 -17.57
CA GLY C 237 35.56 23.67 -17.02
C GLY C 237 34.23 23.63 -17.72
N GLY C 238 34.27 23.34 -19.01
CA GLY C 238 33.05 23.24 -19.79
C GLY C 238 32.17 22.09 -19.34
N ARG C 239 30.93 22.09 -19.79
CA ARG C 239 30.02 21.01 -19.48
C ARG C 239 29.30 20.65 -20.75
N MET C 240 28.87 19.41 -20.87
CA MET C 240 27.92 19.07 -21.93
C MET C 240 26.61 18.58 -21.31
N GLU C 241 25.50 19.13 -21.81
CA GLU C 241 24.17 18.71 -21.39
C GLU C 241 23.49 17.92 -22.51
N PHE C 242 23.29 16.63 -22.29
CA PHE C 242 22.64 15.77 -23.26
C PHE C 242 21.13 15.60 -23.07
N SER C 243 20.40 15.57 -24.18
CA SER C 243 18.98 15.30 -24.20
C SER C 243 18.68 14.10 -25.10
N TRP C 244 17.49 13.53 -24.98
CA TRP C 244 17.13 12.36 -25.76
C TRP C 244 15.67 12.36 -26.16
N THR C 245 15.36 11.71 -27.28
CA THR C 245 13.99 11.56 -27.71
C THR C 245 13.78 10.16 -28.30
N LEU C 246 12.52 9.77 -28.44
CA LEU C 246 12.15 8.59 -29.24
C LEU C 246 11.53 9.06 -30.55
N LEU C 247 12.22 8.79 -31.65
CA LEU C 247 11.71 9.16 -32.95
C LEU C 247 10.76 8.07 -33.42
N GLU C 248 9.48 8.38 -33.56
CA GLU C 248 8.50 7.42 -34.01
C GLU C 248 8.76 7.00 -35.47
N THR C 249 8.32 5.80 -35.85
CA THR C 249 8.47 5.29 -37.21
C THR C 249 7.94 6.27 -38.26
N TRP C 250 8.72 6.45 -39.31
CA TRP C 250 8.42 7.39 -40.39
C TRP C 250 8.31 8.85 -39.97
N ASP C 251 8.83 9.21 -38.81
CA ASP C 251 8.87 10.62 -38.43
C ASP C 251 10.27 11.18 -38.72
N VAL C 252 10.40 12.49 -38.86
CA VAL C 252 11.74 13.05 -38.99
C VAL C 252 12.19 13.96 -37.85
N ILE C 253 13.48 13.91 -37.56
CA ILE C 253 14.07 14.76 -36.55
C ILE C 253 14.96 15.81 -37.26
N ASN C 254 14.64 17.08 -37.09
CA ASN C 254 15.45 18.17 -37.64
C ASN C 254 16.49 18.65 -36.63
N PHE C 255 17.74 18.74 -37.08
CA PHE C 255 18.76 19.42 -36.28
C PHE C 255 19.15 20.75 -36.93
N GLU C 256 19.23 21.81 -36.14
CA GLU C 256 19.71 23.09 -36.64
C GLU C 256 20.57 23.76 -35.60
N SER C 257 21.78 24.17 -35.97
CA SER C 257 22.68 24.79 -35.01
C SER C 257 23.59 25.84 -35.60
N THR C 258 23.82 26.89 -34.81
CA THR C 258 24.82 27.90 -35.14
C THR C 258 26.05 27.73 -34.28
N GLY C 259 26.06 26.70 -33.44
CA GLY C 259 27.25 26.38 -32.67
C GLY C 259 26.88 25.63 -31.44
N ASN C 260 27.84 24.87 -30.91
CA ASN C 260 27.70 24.21 -29.62
C ASN C 260 26.92 22.90 -29.66
N LEU C 261 26.57 22.44 -30.86
CA LEU C 261 25.86 21.18 -30.99
C LEU C 261 26.81 20.00 -30.86
N ILE C 262 26.44 19.02 -30.04
CA ILE C 262 27.10 17.73 -30.04
C ILE C 262 26.15 16.79 -30.78
N ALA C 263 26.41 16.58 -32.07
CA ALA C 263 25.52 15.77 -32.91
C ALA C 263 25.63 14.27 -32.69
N PRO C 264 24.52 13.57 -32.86
CA PRO C 264 24.63 12.10 -32.88
C PRO C 264 25.10 11.58 -34.25
N GLU C 265 25.84 10.48 -34.24
CA GLU C 265 26.09 9.75 -35.47
C GLU C 265 25.14 8.55 -35.55
N TYR C 266 24.89 7.93 -34.41
CA TYR C 266 24.08 6.72 -34.35
C TYR C 266 22.76 6.98 -33.66
N GLY C 267 21.81 6.09 -33.92
CA GLY C 267 20.52 6.05 -33.23
C GLY C 267 20.30 4.61 -32.80
N PHE C 268 19.41 4.35 -31.85
CA PHE C 268 19.20 2.97 -31.39
C PHE C 268 17.77 2.49 -31.64
N LYS C 269 17.62 1.57 -32.60
CA LYS C 269 16.38 0.80 -32.81
C LYS C 269 16.04 0.10 -31.51
N ILE C 270 14.83 0.31 -31.05
CA ILE C 270 14.41 -0.26 -29.77
C ILE C 270 12.97 -0.77 -29.81
N SER C 271 12.71 -1.88 -29.14
CA SER C 271 11.34 -2.41 -29.03
C SER C 271 11.16 -2.99 -27.64
N LYS C 272 9.97 -2.87 -27.08
CA LYS C 272 9.78 -3.37 -25.72
C LYS C 272 8.46 -4.08 -25.50
N ARG C 273 8.53 -5.26 -24.89
CA ARG C 273 7.34 -5.88 -24.32
C ARG C 273 6.97 -5.01 -23.13
N GLY C 274 7.68 -5.19 -22.02
CA GLY C 274 7.37 -4.44 -20.81
C GLY C 274 8.57 -3.84 -20.12
N SER C 275 8.49 -3.70 -18.80
CA SER C 275 9.56 -3.07 -18.04
C SER C 275 10.15 -3.98 -16.98
N SER C 276 11.31 -3.56 -16.49
CA SER C 276 12.12 -4.35 -15.58
C SER C 276 12.76 -3.45 -14.56
N GLY C 277 13.97 -3.80 -14.14
CA GLY C 277 14.72 -2.96 -13.22
C GLY C 277 16.23 -3.03 -13.41
N ILE C 278 16.95 -2.17 -12.71
CA ILE C 278 18.40 -2.20 -12.72
C ILE C 278 18.85 -2.88 -11.45
N MET C 279 19.78 -3.82 -11.55
CA MET C 279 20.27 -4.46 -10.33
C MET C 279 21.66 -3.99 -9.96
N LYS C 280 21.76 -3.28 -8.84
CA LYS C 280 23.06 -2.79 -8.38
C LYS C 280 23.78 -3.89 -7.67
N THR C 281 24.90 -4.33 -8.23
CA THR C 281 25.60 -5.50 -7.75
C THR C 281 27.02 -5.55 -8.33
N GLU C 282 27.87 -6.40 -7.76
CA GLU C 282 29.24 -6.52 -8.22
C GLU C 282 29.39 -7.80 -9.02
N LYS C 283 28.61 -8.81 -8.62
CA LYS C 283 28.60 -10.11 -9.29
C LYS C 283 28.51 -10.03 -10.81
N THR C 284 28.94 -11.09 -11.49
CA THR C 284 28.79 -11.17 -12.94
C THR C 284 28.04 -12.42 -13.42
N LEU C 285 27.36 -12.26 -14.56
CA LEU C 285 26.45 -13.26 -15.09
C LEU C 285 27.16 -14.59 -15.07
N GLU C 286 26.43 -15.63 -14.67
CA GLU C 286 27.06 -16.90 -14.34
C GLU C 286 26.43 -18.11 -15.00
N ASN C 287 25.59 -17.89 -16.00
CA ASN C 287 25.18 -19.00 -16.88
C ASN C 287 24.27 -20.02 -16.21
N CYS C 288 23.10 -19.58 -15.74
CA CYS C 288 22.10 -20.51 -15.24
C CYS C 288 20.68 -20.02 -15.57
N GLU C 289 19.78 -20.09 -14.59
CA GLU C 289 18.38 -19.75 -14.84
C GLU C 289 17.59 -19.45 -13.56
N THR C 290 16.69 -18.47 -13.64
CA THR C 290 15.68 -18.26 -12.60
C THR C 290 14.45 -17.59 -13.14
N LYS C 291 13.37 -17.73 -12.38
CA LYS C 291 12.21 -16.89 -12.56
C LYS C 291 12.34 -15.70 -11.59
N CYS C 292 13.36 -15.77 -10.72
CA CYS C 292 13.51 -14.77 -9.66
C CYS C 292 14.96 -14.50 -9.21
N GLN C 293 15.41 -13.27 -9.41
CA GLN C 293 16.80 -12.88 -9.14
C GLN C 293 16.93 -11.82 -8.03
N THR C 294 17.95 -11.99 -7.19
CA THR C 294 18.25 -10.99 -6.18
C THR C 294 19.72 -10.57 -6.29
N PRO C 295 20.11 -9.44 -5.69
CA PRO C 295 21.52 -9.07 -5.79
C PRO C 295 22.49 -10.05 -5.12
N LEU C 296 21.97 -10.98 -4.31
CA LEU C 296 22.82 -11.95 -3.63
C LEU C 296 22.88 -13.27 -4.38
N GLY C 297 21.87 -13.50 -5.20
CA GLY C 297 21.78 -14.73 -5.96
C GLY C 297 20.36 -14.99 -6.43
N ALA C 298 20.15 -16.11 -7.10
CA ALA C 298 18.83 -16.47 -7.60
C ALA C 298 18.02 -17.22 -6.54
N ILE C 299 16.71 -17.26 -6.73
CA ILE C 299 15.82 -18.02 -5.88
C ILE C 299 15.01 -19.04 -6.72
N ASN C 300 15.08 -20.31 -6.37
CA ASN C 300 14.12 -21.29 -6.90
C ASN C 300 13.25 -21.73 -5.74
N THR C 301 11.95 -21.49 -5.81
CA THR C 301 11.09 -21.85 -4.69
C THR C 301 9.61 -21.96 -4.99
N THR C 302 8.94 -22.75 -4.16
CA THR C 302 7.48 -22.87 -4.16
C THR C 302 6.88 -22.08 -2.99
N LEU C 303 7.72 -21.76 -2.01
CA LEU C 303 7.23 -21.13 -0.79
C LEU C 303 6.70 -19.72 -1.02
N PRO C 304 5.79 -19.25 -0.15
CA PRO C 304 5.18 -17.95 -0.38
C PRO C 304 6.03 -16.81 0.17
N PHE C 305 6.97 -17.12 1.06
CA PHE C 305 7.76 -16.05 1.71
C PHE C 305 9.26 -16.27 1.63
N HIS C 306 10.00 -15.17 1.66
CA HIS C 306 11.45 -15.22 1.71
C HIS C 306 11.99 -14.05 2.51
N ASN C 307 13.21 -14.18 2.99
CA ASN C 307 13.81 -13.11 3.73
C ASN C 307 15.22 -12.80 3.24
N ILE C 308 15.50 -13.21 2.01
CA ILE C 308 16.82 -13.13 1.44
C ILE C 308 17.29 -11.69 1.22
N HIS C 309 16.41 -10.85 0.69
CA HIS C 309 16.84 -9.51 0.27
C HIS C 309 15.71 -8.84 -0.48
N PRO C 310 15.34 -7.61 -0.06
CA PRO C 310 14.18 -6.90 -0.60
C PRO C 310 14.23 -6.53 -2.10
N LEU C 311 15.41 -6.24 -2.66
CA LEU C 311 15.53 -5.75 -4.04
C LEU C 311 15.59 -6.83 -5.14
N THR C 312 14.50 -7.56 -5.30
CA THR C 312 14.43 -8.67 -6.25
C THR C 312 13.89 -8.25 -7.63
N ILE C 313 14.18 -9.05 -8.65
CA ILE C 313 13.58 -8.87 -9.97
C ILE C 313 13.01 -10.20 -10.45
N GLY C 314 11.75 -10.19 -10.84
CA GLY C 314 11.14 -11.40 -11.35
C GLY C 314 9.86 -11.70 -10.59
N GLU C 315 9.43 -12.96 -10.65
CA GLU C 315 8.27 -13.46 -9.90
C GLU C 315 8.71 -14.06 -8.57
N CYS C 316 8.53 -13.31 -7.49
CA CYS C 316 9.19 -13.64 -6.24
C CYS C 316 8.22 -13.89 -5.12
N PRO C 317 8.68 -14.66 -4.14
CA PRO C 317 7.91 -14.82 -2.90
C PRO C 317 7.86 -13.47 -2.23
N LYS C 318 6.93 -13.31 -1.29
CA LYS C 318 6.81 -12.05 -0.57
C LYS C 318 7.98 -11.88 0.40
N TYR C 319 8.59 -10.70 0.40
CA TYR C 319 9.71 -10.46 1.29
C TYR C 319 9.19 -10.12 2.67
N VAL C 320 9.68 -10.84 3.66
CA VAL C 320 9.17 -10.75 5.02
C VAL C 320 10.29 -10.40 6.03
N LYS C 321 9.96 -9.63 7.06
CA LYS C 321 11.00 -9.13 7.98
C LYS C 321 11.32 -10.14 9.07
N SER C 322 10.93 -11.39 8.81
CA SER C 322 11.00 -12.46 9.78
C SER C 322 12.04 -13.50 9.34
N ASP C 323 12.45 -14.40 10.22
CA ASP C 323 13.43 -15.42 9.81
C ASP C 323 13.18 -16.85 10.29
N ARG C 324 11.94 -17.12 10.67
CA ARG C 324 11.41 -18.47 10.87
C ARG C 324 9.90 -18.43 10.67
N LEU C 325 9.38 -19.23 9.77
CA LEU C 325 7.93 -19.36 9.65
C LEU C 325 7.55 -20.83 9.66
N VAL C 326 7.47 -21.43 10.85
CA VAL C 326 7.31 -22.87 10.94
C VAL C 326 5.87 -23.32 11.23
N LEU C 327 5.28 -24.00 10.24
CA LEU C 327 3.98 -24.65 10.37
C LEU C 327 4.09 -26.05 10.97
N ALA C 328 3.33 -26.30 12.04
CA ALA C 328 3.19 -27.66 12.55
C ALA C 328 2.41 -28.44 11.52
N THR C 329 2.85 -29.66 11.27
CA THR C 329 2.11 -30.54 10.38
C THR C 329 1.74 -31.77 11.17
N GLY C 330 2.69 -32.22 12.00
CA GLY C 330 2.47 -33.33 12.91
C GLY C 330 1.82 -32.86 14.20
N LEU C 331 1.97 -33.64 15.25
CA LEU C 331 1.19 -33.40 16.45
C LEU C 331 2.05 -33.07 17.67
N ARG C 332 1.41 -32.65 18.76
CA ARG C 332 2.18 -32.36 19.95
C ARG C 332 2.91 -33.62 20.32
N ASN C 333 4.21 -33.49 20.51
CA ASN C 333 5.06 -34.64 20.79
C ASN C 333 5.26 -34.81 22.30
N VAL C 334 4.70 -35.88 22.85
CA VAL C 334 4.73 -36.08 24.29
C VAL C 334 5.37 -37.41 24.65
N PRO C 335 6.62 -37.37 25.14
CA PRO C 335 7.28 -38.62 25.57
C PRO C 335 6.93 -38.97 27.01
N GLY C 341 -5.36 -30.91 25.32
CA GLY C 341 -5.57 -29.69 24.58
C GLY C 341 -6.97 -29.12 24.75
N LEU C 342 -7.49 -28.56 23.66
CA LEU C 342 -8.84 -27.98 23.65
C LEU C 342 -9.92 -29.05 23.76
N PHE C 343 -9.53 -30.30 23.55
CA PHE C 343 -10.46 -31.43 23.54
C PHE C 343 -10.13 -32.46 24.62
N GLY C 344 -9.15 -32.12 25.47
CA GLY C 344 -8.84 -32.89 26.66
C GLY C 344 -8.03 -34.16 26.49
N ALA C 345 -7.83 -34.59 25.24
CA ALA C 345 -7.22 -35.89 24.95
C ALA C 345 -5.70 -35.89 25.01
N ILE C 346 -5.06 -35.23 24.05
CA ILE C 346 -3.61 -35.23 24.00
C ILE C 346 -3.01 -34.45 25.15
N ALA C 347 -2.03 -35.06 25.82
CA ALA C 347 -1.50 -34.54 27.08
C ALA C 347 -2.66 -34.04 27.93
N GLY C 348 -3.67 -34.90 28.06
CA GLY C 348 -4.85 -34.66 28.86
C GLY C 348 -5.25 -35.97 29.51
N PHE C 349 -6.48 -36.42 29.28
CA PHE C 349 -6.92 -37.67 29.88
C PHE C 349 -6.18 -38.90 29.33
N ILE C 350 -5.55 -38.76 28.17
CA ILE C 350 -4.58 -39.73 27.66
C ILE C 350 -3.21 -39.07 27.70
N GLU C 351 -2.41 -39.39 28.72
CA GLU C 351 -1.28 -38.54 29.09
C GLU C 351 0.02 -38.64 28.29
N GLY C 352 0.26 -39.75 27.60
CA GLY C 352 1.51 -39.91 26.87
C GLY C 352 1.34 -40.41 25.45
N GLY C 353 2.34 -40.13 24.63
CA GLY C 353 2.36 -40.63 23.26
C GLY C 353 3.14 -41.92 23.19
N TRP C 354 2.79 -42.78 22.24
CA TRP C 354 3.49 -44.07 22.11
C TRP C 354 4.60 -44.04 21.09
N GLN C 355 5.84 -43.97 21.56
CA GLN C 355 7.00 -44.22 20.71
C GLN C 355 6.76 -45.49 19.87
N GLY C 356 6.14 -46.49 20.50
CA GLY C 356 5.91 -47.79 19.89
C GLY C 356 5.30 -47.79 18.50
N MET C 357 4.07 -47.28 18.39
CA MET C 357 3.32 -47.32 17.13
C MET C 357 3.88 -46.34 16.08
N VAL C 358 4.32 -46.88 14.94
CA VAL C 358 5.00 -46.06 13.93
C VAL C 358 4.51 -46.22 12.50
N ASP C 359 3.23 -46.53 12.32
CA ASP C 359 2.66 -46.61 10.98
C ASP C 359 1.41 -45.76 10.84
N GLY C 360 1.22 -44.85 11.77
CA GLY C 360 0.09 -43.95 11.76
C GLY C 360 0.24 -42.85 12.80
N TRP C 361 -0.66 -41.89 12.79
CA TRP C 361 -0.65 -40.83 13.79
C TRP C 361 -1.44 -41.21 15.03
N TYR C 362 -2.60 -41.84 14.83
CA TYR C 362 -3.38 -42.34 15.97
C TYR C 362 -3.65 -43.84 15.83
N GLY C 363 -3.95 -44.51 16.94
CA GLY C 363 -4.19 -45.93 16.92
C GLY C 363 -4.51 -46.56 18.26
N TYR C 364 -4.30 -47.87 18.36
CA TYR C 364 -4.71 -48.66 19.53
C TYR C 364 -3.62 -49.55 20.12
N HIS C 365 -3.69 -49.76 21.43
CA HIS C 365 -2.89 -50.77 22.11
C HIS C 365 -3.84 -51.76 22.79
N HIS C 366 -3.56 -53.05 22.64
CA HIS C 366 -4.48 -54.06 23.16
C HIS C 366 -3.82 -55.07 24.11
N SER C 367 -4.46 -55.29 25.25
CA SER C 367 -4.01 -56.30 26.20
C SER C 367 -4.77 -57.58 25.91
N ASN C 368 -4.03 -58.63 25.57
CA ASN C 368 -4.65 -59.86 25.10
C ASN C 368 -3.92 -61.12 25.54
N ASP C 369 -4.41 -62.26 25.06
CA ASP C 369 -3.80 -63.55 25.36
C ASP C 369 -2.68 -63.81 24.36
N GLN C 370 -2.92 -63.47 23.11
CA GLN C 370 -1.92 -63.60 22.06
C GLN C 370 -1.00 -62.38 21.99
N GLY C 371 -1.09 -61.66 20.88
CA GLY C 371 -0.26 -60.50 20.64
C GLY C 371 -0.59 -59.32 21.54
N SER C 372 0.17 -58.24 21.35
CA SER C 372 0.02 -57.01 22.13
C SER C 372 1.29 -56.17 22.05
N GLY C 373 1.22 -55.06 21.34
CA GLY C 373 0.02 -54.67 20.62
C GLY C 373 -0.11 -53.20 20.29
N TYR C 374 0.34 -52.81 19.09
CA TYR C 374 0.13 -51.45 18.57
C TYR C 374 -0.49 -51.49 17.17
N ALA C 375 -1.73 -51.05 17.05
CA ALA C 375 -2.40 -51.07 15.76
C ALA C 375 -2.78 -49.68 15.31
N ALA C 376 -2.21 -49.24 14.18
CA ALA C 376 -2.55 -47.96 13.60
C ALA C 376 -4.01 -47.94 13.19
N ASP C 377 -4.58 -46.74 13.09
CA ASP C 377 -5.90 -46.57 12.52
C ASP C 377 -5.70 -45.85 11.21
N LYS C 378 -5.62 -46.62 10.12
CA LYS C 378 -5.29 -46.08 8.81
C LYS C 378 -6.31 -45.04 8.37
N GLU C 379 -7.57 -45.34 8.60
CA GLU C 379 -8.68 -44.52 8.10
C GLU C 379 -8.71 -43.13 8.75
N SER C 380 -8.45 -43.05 10.04
CA SER C 380 -8.45 -41.77 10.70
C SER C 380 -7.16 -41.01 10.39
N THR C 381 -6.02 -41.68 10.54
CA THR C 381 -4.72 -41.09 10.18
C THR C 381 -4.70 -40.50 8.78
N GLN C 382 -5.35 -41.17 7.85
CA GLN C 382 -5.35 -40.72 6.46
C GLN C 382 -6.20 -39.46 6.30
N LYS C 383 -7.32 -39.38 7.00
CA LYS C 383 -8.16 -38.19 6.90
C LYS C 383 -7.44 -36.97 7.49
N ALA C 384 -6.44 -37.23 8.32
CA ALA C 384 -5.64 -36.15 8.89
C ALA C 384 -4.47 -35.73 7.99
N PHE C 385 -3.83 -36.70 7.33
CA PHE C 385 -2.82 -36.41 6.31
C PHE C 385 -3.46 -35.57 5.21
N ASP C 386 -4.68 -35.95 4.84
CA ASP C 386 -5.40 -35.22 3.81
C ASP C 386 -5.66 -33.77 4.21
N GLY C 387 -6.21 -33.58 5.40
CA GLY C 387 -6.50 -32.26 5.93
C GLY C 387 -5.27 -31.36 6.03
N ILE C 388 -4.28 -31.82 6.79
CA ILE C 388 -3.08 -31.02 7.01
C ILE C 388 -2.31 -30.76 5.71
N THR C 389 -2.32 -31.73 4.80
CA THR C 389 -1.77 -31.54 3.46
C THR C 389 -2.53 -30.42 2.76
N ASN C 390 -3.85 -30.43 2.89
CA ASN C 390 -4.62 -29.32 2.34
C ASN C 390 -4.38 -27.94 2.98
N LYS C 391 -4.14 -27.93 4.29
CA LYS C 391 -3.88 -26.67 4.98
C LYS C 391 -2.60 -26.03 4.47
N VAL C 392 -1.53 -26.82 4.41
CA VAL C 392 -0.25 -26.31 3.90
C VAL C 392 -0.40 -25.79 2.48
N ASN C 393 -1.10 -26.57 1.64
CA ASN C 393 -1.33 -26.16 0.27
C ASN C 393 -2.18 -24.90 0.13
N SER C 394 -3.14 -24.72 1.02
CA SER C 394 -3.96 -23.52 0.98
C SER C 394 -3.11 -22.30 1.27
N VAL C 395 -2.26 -22.41 2.29
CA VAL C 395 -1.40 -21.29 2.65
C VAL C 395 -0.41 -20.92 1.53
N ILE C 396 0.11 -21.92 0.84
CA ILE C 396 1.12 -21.69 -0.20
C ILE C 396 0.50 -21.32 -1.54
N ALA C 397 -0.54 -22.06 -1.94
CA ALA C 397 -1.05 -21.96 -3.30
C ALA C 397 -2.01 -20.80 -3.56
N LYS C 398 -2.40 -20.07 -2.53
CA LYS C 398 -3.29 -18.94 -2.73
C LYS C 398 -2.50 -17.67 -2.91
N MET C 399 -1.18 -17.77 -2.81
CA MET C 399 -0.32 -16.60 -2.93
C MET C 399 -0.09 -16.22 -4.40
N ASN C 400 -0.64 -15.08 -4.80
CA ASN C 400 -0.50 -14.58 -6.17
C ASN C 400 0.81 -13.83 -6.36
N THR C 401 1.55 -14.18 -7.42
CA THR C 401 2.81 -13.49 -7.72
C THR C 401 2.98 -13.09 -9.18
N GLN C 402 2.69 -11.83 -9.47
CA GLN C 402 3.05 -11.25 -10.75
C GLN C 402 4.55 -10.94 -10.76
N PHE C 403 5.04 -10.45 -11.88
CA PHE C 403 6.45 -10.08 -12.06
C PHE C 403 6.70 -8.61 -11.70
N GLU C 404 7.65 -8.35 -10.80
CA GLU C 404 7.97 -6.97 -10.41
C GLU C 404 9.49 -6.74 -10.23
N ALA C 405 9.89 -5.46 -10.21
CA ALA C 405 11.30 -5.07 -10.18
C ALA C 405 11.81 -4.48 -8.86
N VAL C 406 10.91 -3.88 -8.07
CA VAL C 406 11.26 -3.43 -6.70
C VAL C 406 12.27 -2.29 -6.65
N GLY C 407 13.55 -2.59 -6.92
CA GLY C 407 14.57 -1.55 -6.96
C GLY C 407 14.23 -0.40 -7.90
N LYS C 408 14.44 0.84 -7.44
CA LYS C 408 14.12 2.01 -8.27
C LYS C 408 15.19 3.10 -8.20
N GLU C 409 15.00 4.11 -9.02
CA GLU C 409 16.02 5.09 -9.36
C GLU C 409 15.49 6.52 -9.28
N PHE C 410 16.13 7.35 -8.47
CA PHE C 410 15.72 8.75 -8.32
C PHE C 410 16.90 9.73 -8.30
N SER C 411 16.79 10.81 -9.06
CA SER C 411 17.82 11.85 -9.04
C SER C 411 17.82 12.44 -7.64
N ASN C 412 18.83 13.23 -7.30
CA ASN C 412 18.90 13.76 -5.94
C ASN C 412 17.98 14.94 -5.71
N LEU C 413 17.15 15.28 -6.70
CA LEU C 413 16.09 16.26 -6.52
C LEU C 413 14.75 15.56 -6.51
N GLU C 414 14.75 14.27 -6.23
CA GLU C 414 13.53 13.49 -6.17
C GLU C 414 13.51 12.74 -4.85
N ARG C 415 14.07 13.38 -3.82
CA ARG C 415 14.11 12.77 -2.51
C ARG C 415 12.73 12.47 -1.96
N ARG C 416 11.78 13.37 -2.20
CA ARG C 416 10.42 13.17 -1.74
C ARG C 416 9.79 11.93 -2.37
N LEU C 417 10.00 11.81 -3.67
CA LEU C 417 9.43 10.76 -4.48
C LEU C 417 10.06 9.42 -4.09
N GLU C 418 11.35 9.45 -3.77
CA GLU C 418 12.05 8.28 -3.31
C GLU C 418 11.54 7.81 -1.95
N ASN C 419 11.26 8.79 -1.10
CA ASN C 419 10.72 8.51 0.22
C ASN C 419 9.31 7.94 0.10
N LEU C 420 8.57 8.39 -0.90
CA LEU C 420 7.26 7.88 -1.13
C LEU C 420 7.36 6.39 -1.46
N ASN C 421 8.36 6.06 -2.28
CA ASN C 421 8.57 4.69 -2.69
C ASN C 421 8.96 3.83 -1.51
N LYS C 422 9.81 4.38 -0.64
CA LYS C 422 10.21 3.70 0.58
C LYS C 422 9.05 3.53 1.58
N LYS C 423 8.21 4.54 1.73
CA LYS C 423 7.06 4.45 2.63
C LYS C 423 6.17 3.34 2.11
N MET C 424 6.15 3.17 0.80
CA MET C 424 5.33 2.14 0.17
C MET C 424 5.90 0.73 0.36
N GLU C 425 7.18 0.54 0.07
CA GLU C 425 7.74 -0.80 0.20
C GLU C 425 7.70 -1.27 1.66
N ASP C 426 8.04 -0.36 2.56
CA ASP C 426 8.01 -0.66 4.00
C ASP C 426 6.62 -1.02 4.47
N GLY C 427 5.63 -0.28 4.00
CA GLY C 427 4.24 -0.52 4.34
C GLY C 427 3.80 -1.93 3.97
N PHE C 428 4.08 -2.36 2.76
CA PHE C 428 3.78 -3.73 2.37
C PHE C 428 4.56 -4.76 3.18
N LEU C 429 5.82 -4.44 3.46
CA LEU C 429 6.65 -5.28 4.31
C LEU C 429 6.05 -5.47 5.70
N ASP C 430 5.52 -4.40 6.29
CA ASP C 430 4.86 -4.49 7.58
C ASP C 430 3.60 -5.35 7.51
N VAL C 431 2.79 -5.14 6.49
CA VAL C 431 1.57 -5.89 6.30
C VAL C 431 1.85 -7.38 6.18
N TRP C 432 2.77 -7.73 5.27
CA TRP C 432 3.07 -9.15 5.02
C TRP C 432 3.69 -9.86 6.23
N THR C 433 4.63 -9.20 6.90
CA THR C 433 5.27 -9.81 8.05
C THR C 433 4.23 -10.12 9.13
N TYR C 434 3.39 -9.14 9.47
CA TYR C 434 2.34 -9.34 10.47
C TYR C 434 1.37 -10.46 10.10
N ASN C 435 0.76 -10.36 8.93
CA ASN C 435 -0.20 -11.35 8.50
C ASN C 435 0.40 -12.75 8.50
N ALA C 436 1.67 -12.85 8.16
CA ALA C 436 2.29 -14.15 8.01
C ALA C 436 2.63 -14.77 9.36
N GLU C 437 3.21 -13.95 10.23
CA GLU C 437 3.56 -14.36 11.57
C GLU C 437 2.32 -14.82 12.28
N LEU C 438 1.26 -14.02 12.19
CA LEU C 438 0.00 -14.31 12.85
C LEU C 438 -0.71 -15.50 12.23
N LEU C 439 -0.62 -15.62 10.90
CA LEU C 439 -1.19 -16.75 10.19
C LEU C 439 -0.63 -18.06 10.74
N VAL C 440 0.70 -18.11 10.78
CA VAL C 440 1.41 -19.26 11.31
C VAL C 440 0.99 -19.60 12.74
N LEU C 441 1.00 -18.60 13.63
CA LEU C 441 0.60 -18.80 15.03
C LEU C 441 -0.84 -19.27 15.15
N MET C 442 -1.76 -18.64 14.45
CA MET C 442 -3.15 -19.03 14.52
C MET C 442 -3.42 -20.42 13.94
N GLU C 443 -2.83 -20.74 12.80
CA GLU C 443 -3.09 -22.02 12.17
C GLU C 443 -2.39 -23.14 12.92
N ASN C 444 -1.43 -22.78 13.76
CA ASN C 444 -0.74 -23.77 14.57
C ASN C 444 -1.59 -24.16 15.78
N GLU C 445 -2.18 -23.18 16.45
CA GLU C 445 -3.09 -23.49 17.53
C GLU C 445 -4.20 -24.40 17.03
N ARG C 446 -4.61 -24.22 15.77
CA ARG C 446 -5.71 -24.98 15.22
C ARG C 446 -5.30 -26.35 14.73
N THR C 447 -4.08 -26.45 14.22
CA THR C 447 -3.54 -27.74 13.81
C THR C 447 -3.44 -28.68 15.01
N LEU C 448 -2.95 -28.15 16.12
CA LEU C 448 -2.80 -28.92 17.33
C LEU C 448 -4.19 -29.35 17.84
N ASP C 449 -5.13 -28.42 17.90
CA ASP C 449 -6.46 -28.74 18.37
C ASP C 449 -7.12 -29.77 17.46
N PHE C 450 -6.67 -29.83 16.21
CA PHE C 450 -7.22 -30.72 15.18
C PHE C 450 -6.86 -32.18 15.46
N HIS C 451 -5.57 -32.40 15.72
CA HIS C 451 -5.09 -33.69 16.16
C HIS C 451 -5.74 -34.11 17.48
N ASP C 452 -5.78 -33.18 18.43
CA ASP C 452 -6.44 -33.43 19.70
C ASP C 452 -7.87 -33.92 19.50
N SER C 453 -8.59 -33.29 18.59
CA SER C 453 -9.97 -33.64 18.32
C SER C 453 -10.12 -35.03 17.65
N ASN C 454 -9.13 -35.41 16.83
CA ASN C 454 -9.17 -36.68 16.14
C ASN C 454 -8.97 -37.84 17.08
N VAL C 455 -8.04 -37.68 18.03
CA VAL C 455 -7.82 -38.67 19.08
C VAL C 455 -9.11 -38.79 19.89
N LYS C 456 -9.58 -37.67 20.41
CA LYS C 456 -10.80 -37.64 21.20
C LYS C 456 -11.99 -38.33 20.55
N ASN C 457 -12.17 -38.10 19.25
CA ASN C 457 -13.27 -38.67 18.49
C ASN C 457 -13.09 -40.16 18.29
N LEU C 458 -11.83 -40.56 18.12
CA LEU C 458 -11.50 -41.98 18.02
C LEU C 458 -11.89 -42.68 19.32
N TYR C 459 -11.43 -42.14 20.44
CA TYR C 459 -11.83 -42.65 21.74
C TYR C 459 -13.35 -42.73 21.86
N ASP C 460 -14.05 -41.67 21.49
CA ASP C 460 -15.51 -41.67 21.62
C ASP C 460 -16.19 -42.63 20.64
N LYS C 461 -15.49 -42.98 19.56
CA LYS C 461 -16.00 -43.96 18.60
C LYS C 461 -16.03 -45.33 19.23
N VAL C 462 -14.95 -45.67 19.93
CA VAL C 462 -14.87 -46.93 20.66
C VAL C 462 -15.89 -46.99 21.79
N ARG C 463 -15.92 -45.96 22.63
CA ARG C 463 -16.86 -45.94 23.76
C ARG C 463 -18.32 -46.15 23.34
N MET C 464 -18.78 -45.42 22.34
CA MET C 464 -20.17 -45.51 21.91
C MET C 464 -20.50 -46.85 21.30
N GLN C 465 -19.46 -47.60 20.94
CA GLN C 465 -19.61 -48.94 20.39
C GLN C 465 -19.80 -49.96 21.51
N LEU C 466 -18.81 -50.05 22.39
CA LEU C 466 -18.95 -50.90 23.57
C LEU C 466 -20.10 -50.37 24.45
N ARG C 467 -19.79 -49.97 25.67
CA ARG C 467 -20.78 -49.46 26.62
C ARG C 467 -20.78 -50.35 27.83
N ASP C 468 -21.96 -50.87 28.15
CA ASP C 468 -22.14 -51.83 29.22
C ASP C 468 -21.03 -52.87 29.14
N ASN C 469 -20.67 -53.24 27.91
CA ASN C 469 -19.63 -54.24 27.68
C ASN C 469 -18.27 -54.04 28.38
N VAL C 470 -17.80 -52.79 28.49
CA VAL C 470 -16.46 -52.53 29.04
C VAL C 470 -16.40 -51.43 30.10
N LYS C 471 -15.24 -51.27 30.70
CA LYS C 471 -15.04 -50.35 31.81
C LYS C 471 -14.14 -49.17 31.42
N GLU C 472 -14.68 -47.96 31.49
CA GLU C 472 -13.85 -46.78 31.25
C GLU C 472 -12.87 -46.62 32.40
N LEU C 473 -11.62 -47.04 32.18
CA LEU C 473 -10.59 -47.01 33.21
C LEU C 473 -10.14 -45.59 33.59
N GLY C 474 -9.67 -44.83 32.60
CA GLY C 474 -9.13 -43.50 32.85
C GLY C 474 -8.21 -42.97 31.77
N ASN C 475 -6.95 -43.41 31.77
CA ASN C 475 -5.98 -42.94 30.80
C ASN C 475 -6.24 -43.41 29.38
N GLY C 476 -7.52 -43.40 28.99
CA GLY C 476 -7.91 -43.73 27.63
C GLY C 476 -7.99 -45.21 27.34
N CYS C 477 -8.34 -45.98 28.36
CA CYS C 477 -8.39 -47.44 28.24
C CYS C 477 -9.73 -47.99 28.69
N PHE C 478 -10.18 -49.04 28.00
CA PHE C 478 -11.42 -49.71 28.35
C PHE C 478 -11.11 -51.12 28.84
N GLU C 479 -11.62 -51.48 30.02
CA GLU C 479 -11.53 -52.85 30.50
C GLU C 479 -12.72 -53.68 30.06
N PHE C 480 -12.44 -54.76 29.35
CA PHE C 480 -13.48 -55.59 28.75
C PHE C 480 -14.23 -56.46 29.74
N TYR C 481 -15.54 -56.60 29.51
CA TYR C 481 -16.31 -57.66 30.19
C TYR C 481 -16.52 -58.82 29.22
N HIS C 482 -15.44 -59.53 28.90
CA HIS C 482 -15.48 -60.80 28.18
C HIS C 482 -14.21 -61.09 27.40
N LYS C 483 -14.07 -62.34 26.97
CA LYS C 483 -12.96 -62.74 26.13
C LYS C 483 -13.02 -61.94 24.83
N CYS C 484 -11.89 -61.39 24.44
CA CYS C 484 -11.78 -60.73 23.14
C CYS C 484 -10.47 -61.16 22.50
N ASP C 485 -10.55 -62.14 21.60
CA ASP C 485 -9.36 -62.67 20.96
C ASP C 485 -8.99 -61.81 19.75
N ASP C 486 -7.72 -61.83 19.38
CA ASP C 486 -7.17 -60.96 18.34
C ASP C 486 -8.15 -60.54 17.23
N GLU C 487 -9.07 -61.43 16.86
CA GLU C 487 -10.04 -61.12 15.80
C GLU C 487 -11.26 -60.32 16.28
N CYS C 488 -11.54 -60.39 17.56
CA CYS C 488 -12.55 -59.51 18.14
C CYS C 488 -12.09 -58.08 17.92
N MET C 489 -10.93 -57.75 18.47
CA MET C 489 -10.33 -56.42 18.33
C MET C 489 -10.66 -55.78 16.98
N ASN C 490 -10.17 -56.39 15.89
CA ASN C 490 -10.42 -55.90 14.53
C ASN C 490 -11.84 -55.44 14.22
N SER C 491 -12.77 -55.68 15.13
CA SER C 491 -14.15 -55.25 14.93
C SER C 491 -14.34 -53.89 15.57
N VAL C 492 -13.63 -53.70 16.67
CA VAL C 492 -13.54 -52.39 17.30
C VAL C 492 -12.75 -51.49 16.36
N LYS C 493 -11.45 -51.72 16.30
CA LYS C 493 -10.55 -50.95 15.45
C LYS C 493 -11.21 -50.49 14.14
N ASN C 494 -11.65 -51.44 13.31
CA ASN C 494 -12.24 -51.09 12.03
C ASN C 494 -13.76 -50.81 12.08
N GLY C 495 -14.25 -50.47 13.27
CA GLY C 495 -15.57 -49.89 13.47
C GLY C 495 -16.76 -50.66 12.95
N THR C 496 -16.82 -51.93 13.32
CA THR C 496 -17.94 -52.82 13.03
C THR C 496 -17.84 -53.96 14.01
N TYR C 497 -18.55 -53.84 15.12
CA TYR C 497 -18.41 -54.76 16.21
C TYR C 497 -19.78 -54.91 16.86
N ASP C 498 -20.33 -56.11 16.83
CA ASP C 498 -21.67 -56.31 17.36
C ASP C 498 -21.68 -56.23 18.88
N TYR C 499 -22.63 -55.47 19.41
CA TYR C 499 -22.84 -55.44 20.85
C TYR C 499 -23.66 -56.67 21.29
N PRO C 500 -24.75 -56.97 20.56
CA PRO C 500 -25.53 -58.21 20.72
C PRO C 500 -24.73 -59.38 21.30
N LYS C 501 -23.82 -59.92 20.51
CA LYS C 501 -23.05 -61.12 20.87
C LYS C 501 -22.61 -61.26 22.34
N TYR C 502 -22.17 -60.17 22.96
CA TYR C 502 -21.47 -60.30 24.23
C TYR C 502 -22.25 -59.96 25.50
N GLU C 503 -23.30 -60.75 25.78
CA GLU C 503 -23.94 -60.68 27.08
C GLU C 503 -23.27 -61.64 28.05
N GLU C 504 -22.15 -61.18 28.58
CA GLU C 504 -21.41 -61.88 29.61
C GLU C 504 -21.14 -60.82 30.68
N GLU C 505 -21.82 -60.96 31.81
CA GLU C 505 -21.83 -59.90 32.81
C GLU C 505 -21.04 -60.26 34.06
N SER C 506 -19.74 -60.02 34.01
CA SER C 506 -18.92 -60.10 35.21
C SER C 506 -19.08 -58.81 36.03
N LYS C 507 -20.31 -58.52 36.44
CA LYS C 507 -20.64 -57.27 37.13
C LYS C 507 -22.08 -57.22 37.64
#